data_1EJ8
# 
_entry.id   1EJ8 
# 
_audit_conform.dict_name       mmcif_pdbx.dic 
_audit_conform.dict_version    5.385 
_audit_conform.dict_location   http://mmcif.pdb.org/dictionaries/ascii/mmcif_pdbx.dic 
# 
loop_
_database_2.database_id 
_database_2.database_code 
_database_2.pdbx_database_accession 
_database_2.pdbx_DOI 
PDB   1EJ8         pdb_00001ej8 10.2210/pdb1ej8/pdb 
RCSB  RCSB010630   ?            ?                   
WWPDB D_1000010630 ?            ?                   
# 
loop_
_pdbx_audit_revision_history.ordinal 
_pdbx_audit_revision_history.data_content_type 
_pdbx_audit_revision_history.major_revision 
_pdbx_audit_revision_history.minor_revision 
_pdbx_audit_revision_history.revision_date 
1 'Structure model' 1 0 2000-04-05 
2 'Structure model' 1 1 2008-04-27 
3 'Structure model' 1 2 2011-07-13 
4 'Structure model' 1 3 2024-02-07 
# 
_pdbx_audit_revision_details.ordinal             1 
_pdbx_audit_revision_details.revision_ordinal    1 
_pdbx_audit_revision_details.data_content_type   'Structure model' 
_pdbx_audit_revision_details.provider            repository 
_pdbx_audit_revision_details.type                'Initial release' 
_pdbx_audit_revision_details.description         ? 
_pdbx_audit_revision_details.details             ? 
# 
loop_
_pdbx_audit_revision_group.ordinal 
_pdbx_audit_revision_group.revision_ordinal 
_pdbx_audit_revision_group.data_content_type 
_pdbx_audit_revision_group.group 
1 2 'Structure model' 'Version format compliance' 
2 3 'Structure model' 'Version format compliance' 
3 4 'Structure model' 'Data collection'           
4 4 'Structure model' 'Database references'       
5 4 'Structure model' 'Derived calculations'      
# 
loop_
_pdbx_audit_revision_category.ordinal 
_pdbx_audit_revision_category.revision_ordinal 
_pdbx_audit_revision_category.data_content_type 
_pdbx_audit_revision_category.category 
1 4 'Structure model' chem_comp_atom         
2 4 'Structure model' chem_comp_bond         
3 4 'Structure model' database_2             
4 4 'Structure model' pdbx_struct_conn_angle 
5 4 'Structure model' struct_conn            
6 4 'Structure model' struct_site            
# 
loop_
_pdbx_audit_revision_item.ordinal 
_pdbx_audit_revision_item.revision_ordinal 
_pdbx_audit_revision_item.data_content_type 
_pdbx_audit_revision_item.item 
1  4 'Structure model' '_database_2.pdbx_DOI'                      
2  4 'Structure model' '_database_2.pdbx_database_accession'       
3  4 'Structure model' '_pdbx_struct_conn_angle.ptnr1_auth_seq_id' 
4  4 'Structure model' '_pdbx_struct_conn_angle.ptnr1_symmetry'    
5  4 'Structure model' '_pdbx_struct_conn_angle.ptnr3_auth_seq_id' 
6  4 'Structure model' '_pdbx_struct_conn_angle.ptnr3_symmetry'    
7  4 'Structure model' '_pdbx_struct_conn_angle.value'             
8  4 'Structure model' '_struct_conn.pdbx_dist_value'              
9  4 'Structure model' '_struct_conn.ptnr1_auth_comp_id'           
10 4 'Structure model' '_struct_conn.ptnr1_auth_seq_id'            
11 4 'Structure model' '_struct_conn.ptnr1_label_asym_id'          
12 4 'Structure model' '_struct_conn.ptnr1_label_atom_id'          
13 4 'Structure model' '_struct_conn.ptnr1_label_comp_id'          
14 4 'Structure model' '_struct_conn.ptnr1_label_seq_id'           
15 4 'Structure model' '_struct_conn.ptnr2_auth_comp_id'           
16 4 'Structure model' '_struct_conn.ptnr2_auth_seq_id'            
17 4 'Structure model' '_struct_conn.ptnr2_label_asym_id'          
18 4 'Structure model' '_struct_conn.ptnr2_label_atom_id'          
19 4 'Structure model' '_struct_conn.ptnr2_label_comp_id'          
20 4 'Structure model' '_struct_conn.ptnr2_label_seq_id'           
21 4 'Structure model' '_struct_conn.ptnr2_symmetry'               
22 4 'Structure model' '_struct_site.pdbx_auth_asym_id'            
23 4 'Structure model' '_struct_site.pdbx_auth_comp_id'            
24 4 'Structure model' '_struct_site.pdbx_auth_seq_id'             
# 
_pdbx_database_status.status_code                     REL 
_pdbx_database_status.entry_id                        1EJ8 
_pdbx_database_status.recvd_initial_deposition_date   2000-03-01 
_pdbx_database_status.deposit_site                    RCSB 
_pdbx_database_status.process_site                    RCSB 
_pdbx_database_status.status_code_sf                  REL 
_pdbx_database_status.SG_entry                        . 
_pdbx_database_status.pdb_format_compatible           Y 
_pdbx_database_status.status_code_mr                  ? 
_pdbx_database_status.status_code_cs                  ? 
_pdbx_database_status.status_code_nmr_data            ? 
_pdbx_database_status.methods_development_category    ? 
# 
loop_
_audit_author.name 
_audit_author.pdbx_ordinal 
'Hall, L.T.'       1  
'Sanchez, R.J.'    2  
'Holloway, S.P.'   3  
'Zhu, H.'          4  
'Stine, J.E.'      5  
'Lyons, T.J.'      6  
'Demeler, B.'      7  
'Schirf, V.'       8  
'Hansen, J.C.'     9  
'Nersissian, A.M.' 10 
'Valentine, J.S.'  11 
'Hart, P.J.'       12 
# 
_citation.id                        primary 
_citation.title                     
;X-ray crystallographic and analytical ultracentrifugation analyses of truncated and full-length yeast copper chaperones for SOD (LYS7): a dimer-dimer model of LYS7-SOD association and copper delivery.
;
_citation.journal_abbrev            Biochemistry 
_citation.journal_volume            39 
_citation.page_first                3611 
_citation.page_last                 3623 
_citation.year                      2000 
_citation.journal_id_ASTM           BICHAW 
_citation.country                   US 
_citation.journal_id_ISSN           0006-2960 
_citation.journal_id_CSD            0033 
_citation.book_publisher            ? 
_citation.pdbx_database_id_PubMed   10736160 
_citation.pdbx_database_id_DOI      10.1021/bi992716g 
# 
loop_
_citation_author.citation_id 
_citation_author.name 
_citation_author.ordinal 
_citation_author.identifier_ORCID 
primary 'Hall, L.T.'       1  ? 
primary 'Sanchez, R.J.'    2  ? 
primary 'Holloway, S.P.'   3  ? 
primary 'Zhu, H.'          4  ? 
primary 'Stine, J.E.'      5  ? 
primary 'Lyons, T.J.'      6  ? 
primary 'Demeler, B.'      7  ? 
primary 'Schirf, V.'       8  ? 
primary 'Hansen, J.C.'     9  ? 
primary 'Nersissian, A.M.' 10 ? 
primary 'Valentine, J.S.'  11 ? 
primary 'Hart, P.J.'       12 ? 
# 
loop_
_entity.id 
_entity.type 
_entity.src_method 
_entity.pdbx_description 
_entity.formula_weight 
_entity.pdbx_number_of_molecules 
_entity.pdbx_ec 
_entity.pdbx_mutation 
_entity.pdbx_fragment 
_entity.details 
1 polymer     man LYS7          15462.370 1   ? ? 'DOMAIN 2' 'COPPER CHAPERONE FOR YEAST SOD' 
2 non-polymer syn 'CALCIUM ION' 40.078    1   ? ? ?          ?                                
3 water       nat water         18.015    112 ? ? ?          ?                                
# 
_entity_poly.entity_id                      1 
_entity_poly.type                           'polypeptide(L)' 
_entity_poly.nstd_linkage                   no 
_entity_poly.nstd_monomer                   no 
_entity_poly.pdbx_seq_one_letter_code       
;SSAVAILETFQKYTIDQKKDTAVRGLARIVQVGENKTLFDITVNGVPEAGNYHASIHEKGDVSKGVESTGKVWHKFDEPI
ECFNESDLGKNLYSGKTFLSAPLPTWQLIGRSFVISKSLNHPENEPSSVKDYSFLGVIAR
;
_entity_poly.pdbx_seq_one_letter_code_can   
;SSAVAILETFQKYTIDQKKDTAVRGLARIVQVGENKTLFDITVNGVPEAGNYHASIHEKGDVSKGVESTGKVWHKFDEPI
ECFNESDLGKNLYSGKTFLSAPLPTWQLIGRSFVISKSLNHPENEPSSVKDYSFLGVIAR
;
_entity_poly.pdbx_strand_id                 A 
_entity_poly.pdbx_target_identifier         ? 
# 
loop_
_pdbx_entity_nonpoly.entity_id 
_pdbx_entity_nonpoly.name 
_pdbx_entity_nonpoly.comp_id 
2 'CALCIUM ION' CA  
3 water         HOH 
# 
loop_
_entity_poly_seq.entity_id 
_entity_poly_seq.num 
_entity_poly_seq.mon_id 
_entity_poly_seq.hetero 
1 1   SER n 
1 2   SER n 
1 3   ALA n 
1 4   VAL n 
1 5   ALA n 
1 6   ILE n 
1 7   LEU n 
1 8   GLU n 
1 9   THR n 
1 10  PHE n 
1 11  GLN n 
1 12  LYS n 
1 13  TYR n 
1 14  THR n 
1 15  ILE n 
1 16  ASP n 
1 17  GLN n 
1 18  LYS n 
1 19  LYS n 
1 20  ASP n 
1 21  THR n 
1 22  ALA n 
1 23  VAL n 
1 24  ARG n 
1 25  GLY n 
1 26  LEU n 
1 27  ALA n 
1 28  ARG n 
1 29  ILE n 
1 30  VAL n 
1 31  GLN n 
1 32  VAL n 
1 33  GLY n 
1 34  GLU n 
1 35  ASN n 
1 36  LYS n 
1 37  THR n 
1 38  LEU n 
1 39  PHE n 
1 40  ASP n 
1 41  ILE n 
1 42  THR n 
1 43  VAL n 
1 44  ASN n 
1 45  GLY n 
1 46  VAL n 
1 47  PRO n 
1 48  GLU n 
1 49  ALA n 
1 50  GLY n 
1 51  ASN n 
1 52  TYR n 
1 53  HIS n 
1 54  ALA n 
1 55  SER n 
1 56  ILE n 
1 57  HIS n 
1 58  GLU n 
1 59  LYS n 
1 60  GLY n 
1 61  ASP n 
1 62  VAL n 
1 63  SER n 
1 64  LYS n 
1 65  GLY n 
1 66  VAL n 
1 67  GLU n 
1 68  SER n 
1 69  THR n 
1 70  GLY n 
1 71  LYS n 
1 72  VAL n 
1 73  TRP n 
1 74  HIS n 
1 75  LYS n 
1 76  PHE n 
1 77  ASP n 
1 78  GLU n 
1 79  PRO n 
1 80  ILE n 
1 81  GLU n 
1 82  CYS n 
1 83  PHE n 
1 84  ASN n 
1 85  GLU n 
1 86  SER n 
1 87  ASP n 
1 88  LEU n 
1 89  GLY n 
1 90  LYS n 
1 91  ASN n 
1 92  LEU n 
1 93  TYR n 
1 94  SER n 
1 95  GLY n 
1 96  LYS n 
1 97  THR n 
1 98  PHE n 
1 99  LEU n 
1 100 SER n 
1 101 ALA n 
1 102 PRO n 
1 103 LEU n 
1 104 PRO n 
1 105 THR n 
1 106 TRP n 
1 107 GLN n 
1 108 LEU n 
1 109 ILE n 
1 110 GLY n 
1 111 ARG n 
1 112 SER n 
1 113 PHE n 
1 114 VAL n 
1 115 ILE n 
1 116 SER n 
1 117 LYS n 
1 118 SER n 
1 119 LEU n 
1 120 ASN n 
1 121 HIS n 
1 122 PRO n 
1 123 GLU n 
1 124 ASN n 
1 125 GLU n 
1 126 PRO n 
1 127 SER n 
1 128 SER n 
1 129 VAL n 
1 130 LYS n 
1 131 ASP n 
1 132 TYR n 
1 133 SER n 
1 134 PHE n 
1 135 LEU n 
1 136 GLY n 
1 137 VAL n 
1 138 ILE n 
1 139 ALA n 
1 140 ARG n 
# 
_entity_src_gen.entity_id                          1 
_entity_src_gen.pdbx_src_id                        1 
_entity_src_gen.pdbx_alt_source_flag               sample 
_entity_src_gen.pdbx_seq_type                      ? 
_entity_src_gen.pdbx_beg_seq_num                   ? 
_entity_src_gen.pdbx_end_seq_num                   ? 
_entity_src_gen.gene_src_common_name               
;baker's yeast
;
_entity_src_gen.gene_src_genus                     Saccharomyces 
_entity_src_gen.pdbx_gene_src_gene                 ? 
_entity_src_gen.gene_src_species                   ? 
_entity_src_gen.gene_src_strain                    ? 
_entity_src_gen.gene_src_tissue                    ? 
_entity_src_gen.gene_src_tissue_fraction           ? 
_entity_src_gen.gene_src_details                   ? 
_entity_src_gen.pdbx_gene_src_fragment             ? 
_entity_src_gen.pdbx_gene_src_scientific_name      'Saccharomyces cerevisiae' 
_entity_src_gen.pdbx_gene_src_ncbi_taxonomy_id     4932 
_entity_src_gen.pdbx_gene_src_variant              ? 
_entity_src_gen.pdbx_gene_src_cell_line            ? 
_entity_src_gen.pdbx_gene_src_atcc                 ? 
_entity_src_gen.pdbx_gene_src_organ                ? 
_entity_src_gen.pdbx_gene_src_organelle            ? 
_entity_src_gen.pdbx_gene_src_cell                 ? 
_entity_src_gen.pdbx_gene_src_cellular_location    ? 
_entity_src_gen.host_org_common_name               ? 
_entity_src_gen.pdbx_host_org_scientific_name      'Escherichia coli' 
_entity_src_gen.pdbx_host_org_ncbi_taxonomy_id     562 
_entity_src_gen.host_org_genus                     Escherichia 
_entity_src_gen.pdbx_host_org_gene                 ? 
_entity_src_gen.pdbx_host_org_organ                ? 
_entity_src_gen.host_org_species                   ? 
_entity_src_gen.pdbx_host_org_tissue               ? 
_entity_src_gen.pdbx_host_org_tissue_fraction      ? 
_entity_src_gen.pdbx_host_org_strain               ? 
_entity_src_gen.pdbx_host_org_variant              ? 
_entity_src_gen.pdbx_host_org_cell_line            ? 
_entity_src_gen.pdbx_host_org_atcc                 ? 
_entity_src_gen.pdbx_host_org_culture_collection   ? 
_entity_src_gen.pdbx_host_org_cell                 ? 
_entity_src_gen.pdbx_host_org_organelle            ? 
_entity_src_gen.pdbx_host_org_cellular_location    ? 
_entity_src_gen.pdbx_host_org_vector_type          ? 
_entity_src_gen.pdbx_host_org_vector               ? 
_entity_src_gen.host_org_details                   ? 
_entity_src_gen.expression_system_id               ? 
_entity_src_gen.plasmid_name                       PET3D 
_entity_src_gen.plasmid_details                    ? 
_entity_src_gen.pdbx_description                   ? 
# 
loop_
_chem_comp.id 
_chem_comp.type 
_chem_comp.mon_nstd_flag 
_chem_comp.name 
_chem_comp.pdbx_synonyms 
_chem_comp.formula 
_chem_comp.formula_weight 
ALA 'L-peptide linking' y ALANINE         ? 'C3 H7 N O2'     89.093  
ARG 'L-peptide linking' y ARGININE        ? 'C6 H15 N4 O2 1' 175.209 
ASN 'L-peptide linking' y ASPARAGINE      ? 'C4 H8 N2 O3'    132.118 
ASP 'L-peptide linking' y 'ASPARTIC ACID' ? 'C4 H7 N O4'     133.103 
CA  non-polymer         . 'CALCIUM ION'   ? 'Ca 2'           40.078  
CYS 'L-peptide linking' y CYSTEINE        ? 'C3 H7 N O2 S'   121.158 
GLN 'L-peptide linking' y GLUTAMINE       ? 'C5 H10 N2 O3'   146.144 
GLU 'L-peptide linking' y 'GLUTAMIC ACID' ? 'C5 H9 N O4'     147.129 
GLY 'peptide linking'   y GLYCINE         ? 'C2 H5 N O2'     75.067  
HIS 'L-peptide linking' y HISTIDINE       ? 'C6 H10 N3 O2 1' 156.162 
HOH non-polymer         . WATER           ? 'H2 O'           18.015  
ILE 'L-peptide linking' y ISOLEUCINE      ? 'C6 H13 N O2'    131.173 
LEU 'L-peptide linking' y LEUCINE         ? 'C6 H13 N O2'    131.173 
LYS 'L-peptide linking' y LYSINE          ? 'C6 H15 N2 O2 1' 147.195 
PHE 'L-peptide linking' y PHENYLALANINE   ? 'C9 H11 N O2'    165.189 
PRO 'L-peptide linking' y PROLINE         ? 'C5 H9 N O2'     115.130 
SER 'L-peptide linking' y SERINE          ? 'C3 H7 N O3'     105.093 
THR 'L-peptide linking' y THREONINE       ? 'C4 H9 N O3'     119.119 
TRP 'L-peptide linking' y TRYPTOPHAN      ? 'C11 H12 N2 O2'  204.225 
TYR 'L-peptide linking' y TYROSINE        ? 'C9 H11 N O3'    181.189 
VAL 'L-peptide linking' y VALINE          ? 'C5 H11 N O2'    117.146 
# 
loop_
_pdbx_poly_seq_scheme.asym_id 
_pdbx_poly_seq_scheme.entity_id 
_pdbx_poly_seq_scheme.seq_id 
_pdbx_poly_seq_scheme.mon_id 
_pdbx_poly_seq_scheme.ndb_seq_num 
_pdbx_poly_seq_scheme.pdb_seq_num 
_pdbx_poly_seq_scheme.auth_seq_num 
_pdbx_poly_seq_scheme.pdb_mon_id 
_pdbx_poly_seq_scheme.auth_mon_id 
_pdbx_poly_seq_scheme.pdb_strand_id 
_pdbx_poly_seq_scheme.pdb_ins_code 
_pdbx_poly_seq_scheme.hetero 
A 1 1   SER 1   78  78  SER SER A . n 
A 1 2   SER 2   79  79  SER SER A . n 
A 1 3   ALA 3   80  80  ALA ALA A . n 
A 1 4   VAL 4   81  81  VAL VAL A . n 
A 1 5   ALA 5   82  82  ALA ALA A . n 
A 1 6   ILE 6   83  83  ILE ILE A . n 
A 1 7   LEU 7   84  84  LEU LEU A . n 
A 1 8   GLU 8   85  85  GLU GLU A . n 
A 1 9   THR 9   86  86  THR THR A . n 
A 1 10  PHE 10  87  87  PHE PHE A . n 
A 1 11  GLN 11  88  88  GLN GLN A . n 
A 1 12  LYS 12  89  89  LYS LYS A . n 
A 1 13  TYR 13  90  90  TYR TYR A . n 
A 1 14  THR 14  91  91  THR THR A . n 
A 1 15  ILE 15  92  92  ILE ILE A . n 
A 1 16  ASP 16  93  93  ASP ASP A . n 
A 1 17  GLN 17  94  94  GLN GLN A . n 
A 1 18  LYS 18  95  95  LYS LYS A . n 
A 1 19  LYS 19  96  96  LYS LYS A . n 
A 1 20  ASP 20  97  97  ASP ASP A . n 
A 1 21  THR 21  98  98  THR THR A . n 
A 1 22  ALA 22  99  99  ALA ALA A . n 
A 1 23  VAL 23  100 100 VAL VAL A . n 
A 1 24  ARG 24  101 101 ARG ARG A . n 
A 1 25  GLY 25  102 102 GLY GLY A . n 
A 1 26  LEU 26  103 103 LEU LEU A . n 
A 1 27  ALA 27  104 104 ALA ALA A . n 
A 1 28  ARG 28  105 105 ARG ARG A . n 
A 1 29  ILE 29  106 106 ILE ILE A . n 
A 1 30  VAL 30  107 107 VAL VAL A . n 
A 1 31  GLN 31  108 108 GLN GLN A . n 
A 1 32  VAL 32  109 109 VAL VAL A . n 
A 1 33  GLY 33  110 110 GLY GLY A . n 
A 1 34  GLU 34  111 111 GLU GLU A . n 
A 1 35  ASN 35  112 112 ASN ASN A . n 
A 1 36  LYS 36  113 113 LYS LYS A . n 
A 1 37  THR 37  114 114 THR THR A . n 
A 1 38  LEU 38  115 115 LEU LEU A . n 
A 1 39  PHE 39  116 116 PHE PHE A . n 
A 1 40  ASP 40  117 117 ASP ASP A . n 
A 1 41  ILE 41  118 118 ILE ILE A . n 
A 1 42  THR 42  119 119 THR THR A . n 
A 1 43  VAL 43  120 120 VAL VAL A . n 
A 1 44  ASN 44  121 121 ASN ASN A . n 
A 1 45  GLY 45  122 122 GLY GLY A . n 
A 1 46  VAL 46  123 123 VAL VAL A . n 
A 1 47  PRO 47  124 124 PRO PRO A . n 
A 1 48  GLU 48  125 125 GLU GLU A . n 
A 1 49  ALA 49  126 126 ALA ALA A . n 
A 1 50  GLY 50  127 127 GLY GLY A . n 
A 1 51  ASN 51  128 128 ASN ASN A . n 
A 1 52  TYR 52  129 129 TYR TYR A . n 
A 1 53  HIS 53  130 130 HIS HIS A . n 
A 1 54  ALA 54  131 131 ALA ALA A . n 
A 1 55  SER 55  132 132 SER SER A . n 
A 1 56  ILE 56  133 133 ILE ILE A . n 
A 1 57  HIS 57  134 134 HIS HIS A . n 
A 1 58  GLU 58  135 135 GLU GLU A . n 
A 1 59  LYS 59  136 136 LYS LYS A . n 
A 1 60  GLY 60  137 137 GLY GLY A . n 
A 1 61  ASP 61  138 138 ASP ASP A . n 
A 1 62  VAL 62  139 139 VAL VAL A . n 
A 1 63  SER 63  140 140 SER SER A . n 
A 1 64  LYS 64  141 141 LYS LYS A . n 
A 1 65  GLY 65  142 142 GLY GLY A . n 
A 1 66  VAL 66  143 143 VAL VAL A . n 
A 1 67  GLU 67  144 144 GLU GLU A . n 
A 1 68  SER 68  145 145 SER SER A . n 
A 1 69  THR 69  146 146 THR THR A . n 
A 1 70  GLY 70  147 147 GLY GLY A . n 
A 1 71  LYS 71  148 148 LYS LYS A . n 
A 1 72  VAL 72  149 149 VAL VAL A . n 
A 1 73  TRP 73  150 150 TRP TRP A . n 
A 1 74  HIS 74  151 151 HIS HIS A . n 
A 1 75  LYS 75  152 152 LYS LYS A . n 
A 1 76  PHE 76  153 153 PHE PHE A . n 
A 1 77  ASP 77  154 154 ASP ASP A . n 
A 1 78  GLU 78  155 155 GLU GLU A . n 
A 1 79  PRO 79  156 156 PRO PRO A . n 
A 1 80  ILE 80  157 157 ILE ILE A . n 
A 1 81  GLU 81  158 158 GLU GLU A . n 
A 1 82  CYS 82  159 159 CYS CYS A . n 
A 1 83  PHE 83  160 160 PHE PHE A . n 
A 1 84  ASN 84  161 161 ASN ASN A . n 
A 1 85  GLU 85  162 162 GLU GLU A . n 
A 1 86  SER 86  163 163 SER SER A . n 
A 1 87  ASP 87  164 164 ASP ASP A . n 
A 1 88  LEU 88  165 165 LEU LEU A . n 
A 1 89  GLY 89  166 166 GLY GLY A . n 
A 1 90  LYS 90  167 167 LYS LYS A . n 
A 1 91  ASN 91  168 168 ASN ASN A . n 
A 1 92  LEU 92  169 169 LEU LEU A . n 
A 1 93  TYR 93  170 170 TYR TYR A . n 
A 1 94  SER 94  171 171 SER SER A . n 
A 1 95  GLY 95  172 172 GLY GLY A . n 
A 1 96  LYS 96  173 173 LYS LYS A . n 
A 1 97  THR 97  174 174 THR THR A . n 
A 1 98  PHE 98  175 175 PHE PHE A . n 
A 1 99  LEU 99  176 176 LEU LEU A . n 
A 1 100 SER 100 177 177 SER SER A . n 
A 1 101 ALA 101 178 178 ALA ALA A . n 
A 1 102 PRO 102 179 179 PRO PRO A . n 
A 1 103 LEU 103 180 180 LEU LEU A . n 
A 1 104 PRO 104 181 181 PRO PRO A . n 
A 1 105 THR 105 182 182 THR THR A . n 
A 1 106 TRP 106 183 183 TRP TRP A . n 
A 1 107 GLN 107 184 184 GLN GLN A . n 
A 1 108 LEU 108 185 185 LEU LEU A . n 
A 1 109 ILE 109 186 186 ILE ILE A . n 
A 1 110 GLY 110 187 187 GLY GLY A . n 
A 1 111 ARG 111 188 188 ARG ARG A . n 
A 1 112 SER 112 189 189 SER SER A . n 
A 1 113 PHE 113 190 190 PHE PHE A . n 
A 1 114 VAL 114 191 191 VAL VAL A . n 
A 1 115 ILE 115 192 192 ILE ILE A . n 
A 1 116 SER 116 193 193 SER SER A . n 
A 1 117 LYS 117 194 194 LYS LYS A . n 
A 1 118 SER 118 195 195 SER SER A . n 
A 1 119 LEU 119 196 196 LEU LEU A . n 
A 1 120 ASN 120 197 197 ASN ASN A . n 
A 1 121 HIS 121 198 198 HIS HIS A . n 
A 1 122 PRO 122 199 199 PRO PRO A . n 
A 1 123 GLU 123 200 200 GLU GLU A . n 
A 1 124 ASN 124 201 201 ASN ASN A . n 
A 1 125 GLU 125 202 202 GLU GLU A . n 
A 1 126 PRO 126 203 203 PRO PRO A . n 
A 1 127 SER 127 204 204 SER GLY A . n 
A 1 128 SER 128 205 205 SER GLY A . n 
A 1 129 VAL 129 206 206 VAL VAL A . n 
A 1 130 LYS 130 207 207 LYS LYS A . n 
A 1 131 ASP 131 208 208 ASP ASP A . n 
A 1 132 TYR 132 209 209 TYR TYR A . n 
A 1 133 SER 133 210 210 SER SER A . n 
A 1 134 PHE 134 211 211 PHE PHE A . n 
A 1 135 LEU 135 212 212 LEU LEU A . n 
A 1 136 GLY 136 213 213 GLY GLY A . n 
A 1 137 VAL 137 214 214 VAL VAL A . n 
A 1 138 ILE 138 215 215 ILE ILE A . n 
A 1 139 ALA 139 216 216 ALA ALA A . n 
A 1 140 ARG 140 217 217 ARG GLY A . n 
# 
loop_
_pdbx_nonpoly_scheme.asym_id 
_pdbx_nonpoly_scheme.entity_id 
_pdbx_nonpoly_scheme.mon_id 
_pdbx_nonpoly_scheme.ndb_seq_num 
_pdbx_nonpoly_scheme.pdb_seq_num 
_pdbx_nonpoly_scheme.auth_seq_num 
_pdbx_nonpoly_scheme.pdb_mon_id 
_pdbx_nonpoly_scheme.auth_mon_id 
_pdbx_nonpoly_scheme.pdb_strand_id 
_pdbx_nonpoly_scheme.pdb_ins_code 
B 2 CA  1   218  218  CA  CA  A . 
C 3 HOH 1   1002 1002 HOH HOH A . 
C 3 HOH 2   1003 1003 HOH HOH A . 
C 3 HOH 3   1004 1004 HOH HOH A . 
C 3 HOH 4   1005 1005 HOH HOH A . 
C 3 HOH 5   1006 1006 HOH HOH A . 
C 3 HOH 6   1007 1007 HOH HOH A . 
C 3 HOH 7   1008 1008 HOH HOH A . 
C 3 HOH 8   1009 1009 HOH HOH A . 
C 3 HOH 9   1010 1010 HOH HOH A . 
C 3 HOH 10  1011 1011 HOH HOH A . 
C 3 HOH 11  1012 1012 HOH HOH A . 
C 3 HOH 12  1013 1013 HOH HOH A . 
C 3 HOH 13  1014 1014 HOH HOH A . 
C 3 HOH 14  1015 1015 HOH HOH A . 
C 3 HOH 15  1016 1016 HOH HOH A . 
C 3 HOH 16  1017 1017 HOH HOH A . 
C 3 HOH 17  1018 1018 HOH HOH A . 
C 3 HOH 18  1019 1019 HOH HOH A . 
C 3 HOH 19  1020 1020 HOH HOH A . 
C 3 HOH 20  1021 1021 HOH HOH A . 
C 3 HOH 21  1022 1022 HOH HOH A . 
C 3 HOH 22  1023 1023 HOH HOH A . 
C 3 HOH 23  1024 1024 HOH HOH A . 
C 3 HOH 24  1025 1025 HOH HOH A . 
C 3 HOH 25  1026 1026 HOH HOH A . 
C 3 HOH 26  1027 1027 HOH HOH A . 
C 3 HOH 27  1028 1028 HOH HOH A . 
C 3 HOH 28  1029 1029 HOH HOH A . 
C 3 HOH 29  1030 1030 HOH HOH A . 
C 3 HOH 30  1031 1031 HOH HOH A . 
C 3 HOH 31  1032 1032 HOH HOH A . 
C 3 HOH 32  1033 1033 HOH HOH A . 
C 3 HOH 33  1034 1034 HOH HOH A . 
C 3 HOH 34  1035 1035 HOH HOH A . 
C 3 HOH 35  1036 1036 HOH HOH A . 
C 3 HOH 36  1037 1037 HOH HOH A . 
C 3 HOH 37  1038 1038 HOH HOH A . 
C 3 HOH 38  1039 1039 HOH HOH A . 
C 3 HOH 39  1040 1040 HOH HOH A . 
C 3 HOH 40  1041 1041 HOH HOH A . 
C 3 HOH 41  1042 1042 HOH HOH A . 
C 3 HOH 42  1043 1043 HOH HOH A . 
C 3 HOH 43  1044 1044 HOH HOH A . 
C 3 HOH 44  1045 1045 HOH HOH A . 
C 3 HOH 45  1046 1046 HOH HOH A . 
C 3 HOH 46  1047 1047 HOH HOH A . 
C 3 HOH 47  1048 1048 HOH HOH A . 
C 3 HOH 48  1049 1049 HOH HOH A . 
C 3 HOH 49  1050 1050 HOH HOH A . 
C 3 HOH 50  1051 1051 HOH HOH A . 
C 3 HOH 51  1052 1052 HOH HOH A . 
C 3 HOH 52  1053 1053 HOH HOH A . 
C 3 HOH 53  1054 1054 HOH HOH A . 
C 3 HOH 54  1055 1055 HOH HOH A . 
C 3 HOH 55  1056 1056 HOH HOH A . 
C 3 HOH 56  1057 1057 HOH HOH A . 
C 3 HOH 57  1058 1058 HOH HOH A . 
C 3 HOH 58  1059 1059 HOH HOH A . 
C 3 HOH 59  1060 1060 HOH HOH A . 
C 3 HOH 60  1061 1061 HOH HOH A . 
C 3 HOH 61  1062 1062 HOH HOH A . 
C 3 HOH 62  1063 1063 HOH HOH A . 
C 3 HOH 63  1064 1064 HOH HOH A . 
C 3 HOH 64  1065 1065 HOH HOH A . 
C 3 HOH 65  1066 1066 HOH HOH A . 
C 3 HOH 66  1067 1067 HOH HOH A . 
C 3 HOH 67  1068 1068 HOH HOH A . 
C 3 HOH 68  1069 1069 HOH HOH A . 
C 3 HOH 69  1070 1070 HOH HOH A . 
C 3 HOH 70  1071 1071 HOH HOH A . 
C 3 HOH 71  1072 1072 HOH HOH A . 
C 3 HOH 72  1073 1073 HOH HOH A . 
C 3 HOH 73  1074 1074 HOH HOH A . 
C 3 HOH 74  1075 1075 HOH HOH A . 
C 3 HOH 75  1076 1076 HOH HOH A . 
C 3 HOH 76  1077 1077 HOH HOH A . 
C 3 HOH 77  1078 1078 HOH HOH A . 
C 3 HOH 78  1079 1079 HOH HOH A . 
C 3 HOH 79  1080 1080 HOH HOH A . 
C 3 HOH 80  1081 1081 HOH HOH A . 
C 3 HOH 81  1082 1082 HOH HOH A . 
C 3 HOH 82  1083 1083 HOH HOH A . 
C 3 HOH 83  1084 1084 HOH HOH A . 
C 3 HOH 84  1085 1085 HOH HOH A . 
C 3 HOH 85  1086 1086 HOH HOH A . 
C 3 HOH 86  1087 1087 HOH HOH A . 
C 3 HOH 87  1088 1088 HOH HOH A . 
C 3 HOH 88  1089 1089 HOH HOH A . 
C 3 HOH 89  1090 1090 HOH HOH A . 
C 3 HOH 90  1091 1091 HOH HOH A . 
C 3 HOH 91  1092 1092 HOH HOH A . 
C 3 HOH 92  1093 1093 HOH HOH A . 
C 3 HOH 93  1094 1094 HOH HOH A . 
C 3 HOH 94  1095 1095 HOH HOH A . 
C 3 HOH 95  1096 1096 HOH HOH A . 
C 3 HOH 96  1097 1097 HOH HOH A . 
C 3 HOH 97  1098 1098 HOH HOH A . 
C 3 HOH 98  1099 1099 HOH HOH A . 
C 3 HOH 99  1100 1100 HOH HOH A . 
C 3 HOH 100 1101 1101 HOH HOH A . 
C 3 HOH 101 1102 1102 HOH HOH A . 
C 3 HOH 102 1103 1103 HOH HOH A . 
C 3 HOH 103 1104 1104 HOH HOH A . 
C 3 HOH 104 1105 1105 HOH HOH A . 
C 3 HOH 105 1106 1106 HOH HOH A . 
C 3 HOH 106 1107 1107 HOH HOH A . 
C 3 HOH 107 1108 1108 HOH HOH A . 
C 3 HOH 108 1109 1109 HOH HOH A . 
C 3 HOH 109 1110 1110 HOH HOH A . 
C 3 HOH 110 1111 1111 HOH HOH A . 
C 3 HOH 111 1112 1112 HOH HOH A . 
C 3 HOH 112 1113 1113 HOH HOH A . 
# 
loop_
_pdbx_unobs_or_zero_occ_atoms.id 
_pdbx_unobs_or_zero_occ_atoms.PDB_model_num 
_pdbx_unobs_or_zero_occ_atoms.polymer_flag 
_pdbx_unobs_or_zero_occ_atoms.occupancy_flag 
_pdbx_unobs_or_zero_occ_atoms.auth_asym_id 
_pdbx_unobs_or_zero_occ_atoms.auth_comp_id 
_pdbx_unobs_or_zero_occ_atoms.auth_seq_id 
_pdbx_unobs_or_zero_occ_atoms.PDB_ins_code 
_pdbx_unobs_or_zero_occ_atoms.auth_atom_id 
_pdbx_unobs_or_zero_occ_atoms.label_alt_id 
_pdbx_unobs_or_zero_occ_atoms.label_asym_id 
_pdbx_unobs_or_zero_occ_atoms.label_comp_id 
_pdbx_unobs_or_zero_occ_atoms.label_seq_id 
_pdbx_unobs_or_zero_occ_atoms.label_atom_id 
1  1 Y 1 A SER 204 ? CB  ? A SER 127 CB  
2  1 Y 1 A SER 204 ? OG  ? A SER 127 OG  
3  1 Y 1 A SER 205 ? CB  ? A SER 128 CB  
4  1 Y 1 A SER 205 ? OG  ? A SER 128 OG  
5  1 Y 1 A ARG 217 ? CB  ? A ARG 140 CB  
6  1 Y 1 A ARG 217 ? CG  ? A ARG 140 CG  
7  1 Y 1 A ARG 217 ? CD  ? A ARG 140 CD  
8  1 Y 1 A ARG 217 ? NE  ? A ARG 140 NE  
9  1 Y 1 A ARG 217 ? CZ  ? A ARG 140 CZ  
10 1 Y 1 A ARG 217 ? NH1 ? A ARG 140 NH1 
11 1 Y 1 A ARG 217 ? NH2 ? A ARG 140 NH2 
# 
loop_
_software.name 
_software.classification 
_software.version 
_software.citation_id 
_software.pdbx_ordinal 
SHARP     phasing          . ? 1 
SHELXL-97 refinement       . ? 2 
DENZO     'data reduction' . ? 3 
SCALEPACK 'data scaling'   . ? 4 
# 
_cell.entry_id           1EJ8 
_cell.length_a           34.154 
_cell.length_b           46.326 
_cell.length_c           73.907 
_cell.angle_alpha        90.00 
_cell.angle_beta         90.00 
_cell.angle_gamma        90.00 
_cell.Z_PDB              4 
_cell.pdbx_unique_axis   ? 
# 
_symmetry.entry_id                         1EJ8 
_symmetry.space_group_name_H-M             'P 21 21 21' 
_symmetry.pdbx_full_space_group_name_H-M   ? 
_symmetry.cell_setting                     ? 
_symmetry.Int_Tables_number                19 
# 
_exptl.entry_id          1EJ8 
_exptl.method            'X-RAY DIFFRACTION' 
_exptl.crystals_number   1 
# 
_exptl_crystal.id                    1 
_exptl_crystal.density_meas          ? 
_exptl_crystal.density_Matthews      1.89 
_exptl_crystal.density_percent_sol   34.92 
_exptl_crystal.description           ? 
# 
_exptl_crystal_grow.crystal_id      1 
_exptl_crystal_grow.method          'VAPOR DIFFUSION, HANGING DROP' 
_exptl_crystal_grow.temp            277 
_exptl_crystal_grow.temp_details    ? 
_exptl_crystal_grow.pH              7.5 
_exptl_crystal_grow.pdbx_details    'PEG 400, CaCl2, Hepes, pH 7.5, VAPOR DIFFUSION, HANGING DROP, temperature 277K' 
_exptl_crystal_grow.pdbx_pH_range   . 
# 
_diffrn.id                     1 
_diffrn.ambient_temp           298 
_diffrn.ambient_temp_details   ? 
_diffrn.crystal_id             1 
# 
_diffrn_detector.diffrn_id              1 
_diffrn_detector.detector               'IMAGE PLATE' 
_diffrn_detector.type                   'RIGAKU RAXIS IV' 
_diffrn_detector.pdbx_collection_date   1998-11-15 
_diffrn_detector.details                ? 
# 
_diffrn_radiation.diffrn_id                        1 
_diffrn_radiation.wavelength_id                    1 
_diffrn_radiation.pdbx_monochromatic_or_laue_m_l   M 
_diffrn_radiation.monochromator                    ? 
_diffrn_radiation.pdbx_diffrn_protocol             'SINGLE WAVELENGTH' 
_diffrn_radiation.pdbx_scattering_type             x-ray 
# 
_diffrn_radiation_wavelength.id           1 
_diffrn_radiation_wavelength.wavelength   1.5418 
_diffrn_radiation_wavelength.wt           1.0 
# 
_diffrn_source.diffrn_id                   1 
_diffrn_source.source                      'ROTATING ANODE' 
_diffrn_source.type                        'RIGAKU RU300' 
_diffrn_source.pdbx_synchrotron_site       ? 
_diffrn_source.pdbx_synchrotron_beamline   ? 
_diffrn_source.pdbx_wavelength             1.5418 
_diffrn_source.pdbx_wavelength_list        ? 
# 
_reflns.entry_id                     1EJ8 
_reflns.observed_criterion_sigma_I   -3.0 
_reflns.observed_criterion_sigma_F   ? 
_reflns.d_resolution_low             90.0 
_reflns.d_resolution_high            1.55 
_reflns.number_obs                   17203 
_reflns.number_all                   17662 
_reflns.percent_possible_obs         97.4 
_reflns.pdbx_Rmerge_I_obs            0.0540000 
_reflns.pdbx_Rsym_value              ? 
_reflns.pdbx_netI_over_sigmaI        19.6 
_reflns.B_iso_Wilson_estimate        21.4 
_reflns.pdbx_redundancy              4.5 
_reflns.R_free_details               ? 
_reflns.limit_h_max                  ? 
_reflns.limit_h_min                  ? 
_reflns.limit_k_max                  ? 
_reflns.limit_k_min                  ? 
_reflns.limit_l_max                  ? 
_reflns.limit_l_min                  ? 
_reflns.observed_criterion_F_max     ? 
_reflns.observed_criterion_F_min     ? 
_reflns.pdbx_diffrn_id               1 
_reflns.pdbx_ordinal                 1 
# 
_reflns_shell.d_res_high             1.55 
_reflns_shell.d_res_low              1.61 
_reflns_shell.percent_possible_all   88.7 
_reflns_shell.Rmerge_I_obs           0.3460000 
_reflns_shell.pdbx_Rsym_value        ? 
_reflns_shell.meanI_over_sigI_obs    ? 
_reflns_shell.pdbx_redundancy        4.1 
_reflns_shell.percent_possible_obs   ? 
_reflns_shell.number_unique_all      1530 
_reflns_shell.pdbx_diffrn_id         ? 
_reflns_shell.pdbx_ordinal           1 
# 
_refine.entry_id                                 1EJ8 
_refine.ls_number_reflns_obs                     17195 
_refine.ls_number_reflns_all                     17564 
_refine.pdbx_ls_sigma_I                          0.0 
_refine.pdbx_ls_sigma_F                          0.0 
_refine.pdbx_data_cutoff_high_absF               ? 
_refine.pdbx_data_cutoff_low_absF                ? 
_refine.ls_d_res_low                             10.0 
_refine.ls_d_res_high                            1.55 
_refine.ls_percent_reflns_obs                    97.9 
_refine.ls_R_factor_obs                          ? 
_refine.ls_R_factor_all                          0.1960000 
_refine.ls_R_factor_R_work                       ? 
_refine.ls_R_factor_R_free                       0.2580000 
_refine.ls_R_factor_R_free_error                 ? 
_refine.ls_R_factor_R_free_error_details         ? 
_refine.ls_percent_reflns_R_free                 ? 
_refine.ls_number_reflns_R_free                  1719 
_refine.ls_number_parameters                     ? 
_refine.ls_number_restraints                     ? 
_refine.occupancy_min                            ? 
_refine.occupancy_max                            ? 
_refine.B_iso_mean                               ? 
_refine.aniso_B[1][1]                            ? 
_refine.aniso_B[2][2]                            ? 
_refine.aniso_B[3][3]                            ? 
_refine.aniso_B[1][2]                            ? 
_refine.aniso_B[1][3]                            ? 
_refine.aniso_B[2][3]                            ? 
_refine.solvent_model_details                    ? 
_refine.solvent_model_param_ksol                 ? 
_refine.solvent_model_param_bsol                 ? 
_refine.pdbx_ls_cross_valid_method               ? 
_refine.details                                  ? 
_refine.pdbx_starting_model                      ? 
_refine.pdbx_method_to_determine_struct          ? 
_refine.pdbx_isotropic_thermal_model             ? 
_refine.pdbx_stereochemistry_target_values       'Engh & Huber' 
_refine.pdbx_stereochem_target_val_spec_case     ? 
_refine.pdbx_R_Free_selection_details            random 
_refine.pdbx_overall_ESU_R_Free                  ? 
_refine.overall_SU_B                             ? 
_refine.ls_redundancy_reflns_obs                 ? 
_refine.B_iso_min                                ? 
_refine.B_iso_max                                ? 
_refine.overall_SU_ML                            ? 
_refine.pdbx_overall_ESU_R                       ? 
_refine.pdbx_data_cutoff_high_rms_absF           ? 
_refine.pdbx_refine_id                           'X-RAY DIFFRACTION' 
_refine.pdbx_diffrn_id                           1 
_refine.pdbx_TLS_residual_ADP_flag               ? 
_refine.correlation_coeff_Fo_to_Fc               ? 
_refine.correlation_coeff_Fo_to_Fc_free          ? 
_refine.pdbx_solvent_vdw_probe_radii             ? 
_refine.pdbx_solvent_ion_probe_radii             ? 
_refine.pdbx_solvent_shrinkage_radii             ? 
_refine.pdbx_overall_phase_error                 ? 
_refine.overall_SU_R_Cruickshank_DPI             ? 
_refine.pdbx_overall_SU_R_free_Cruickshank_DPI   ? 
_refine.pdbx_overall_SU_R_Blow_DPI               ? 
_refine.pdbx_overall_SU_R_free_Blow_DPI          ? 
# 
_refine_hist.pdbx_refine_id                   'X-RAY DIFFRACTION' 
_refine_hist.cycle_id                         LAST 
_refine_hist.pdbx_number_atoms_protein        1081 
_refine_hist.pdbx_number_atoms_nucleic_acid   0 
_refine_hist.pdbx_number_atoms_ligand         1 
_refine_hist.number_atoms_solvent             112 
_refine_hist.number_atoms_total               1194 
_refine_hist.d_res_high                       1.55 
_refine_hist.d_res_low                        10.0 
# 
loop_
_refine_ls_restr.type 
_refine_ls_restr.dev_ideal 
_refine_ls_restr.dev_ideal_target 
_refine_ls_restr.weight 
_refine_ls_restr.number 
_refine_ls_restr.pdbx_refine_id 
_refine_ls_restr.pdbx_restraint_function 
s_bond_d  0.008 ? ? ? 'X-RAY DIFFRACTION' ? 
s_angle_d 2.2   ? ? ? 'X-RAY DIFFRACTION' ? 
# 
_struct.entry_id                  1EJ8 
_struct.title                     
'CRYSTAL STRUCTURE OF DOMAIN 2 OF THE YEAST COPPER CHAPERONE FOR SUPEROXIDE DISMUTASE (LYS7) AT 1.55 A RESOLUTION' 
_struct.pdbx_model_details        ? 
_struct.pdbx_CASP_flag            ? 
_struct.pdbx_model_type_details   ? 
# 
_struct_keywords.entry_id        1EJ8 
_struct_keywords.pdbx_keywords   CHAPERONE 
_struct_keywords.text            'beta barrel, copper chaperone for SOD, domain 2, CHAPERONE' 
# 
loop_
_struct_asym.id 
_struct_asym.pdbx_blank_PDB_chainid_flag 
_struct_asym.pdbx_modified 
_struct_asym.entity_id 
_struct_asym.details 
A N N 1 ? 
B N N 2 ? 
C N N 3 ? 
# 
_struct_ref.id                         1 
_struct_ref.db_name                    UNP 
_struct_ref.db_code                    CCS1_YEAST 
_struct_ref.entity_id                  1 
_struct_ref.pdbx_db_accession          P40202 
_struct_ref.pdbx_align_begin           ? 
_struct_ref.pdbx_seq_one_letter_code   ? 
_struct_ref.pdbx_db_isoform            ? 
# 
_struct_ref_seq.align_id                      1 
_struct_ref_seq.ref_id                        1 
_struct_ref_seq.pdbx_PDB_id_code              1EJ8 
_struct_ref_seq.pdbx_strand_id                A 
_struct_ref_seq.seq_align_beg                 1 
_struct_ref_seq.pdbx_seq_align_beg_ins_code   ? 
_struct_ref_seq.seq_align_end                 140 
_struct_ref_seq.pdbx_seq_align_end_ins_code   ? 
_struct_ref_seq.pdbx_db_accession             P40202 
_struct_ref_seq.db_align_beg                  78 
_struct_ref_seq.pdbx_db_align_beg_ins_code    ? 
_struct_ref_seq.db_align_end                  217 
_struct_ref_seq.pdbx_db_align_end_ins_code    ? 
_struct_ref_seq.pdbx_auth_seq_align_beg       78 
_struct_ref_seq.pdbx_auth_seq_align_end       217 
# 
_pdbx_struct_assembly.id                   1 
_pdbx_struct_assembly.details              author_defined_assembly 
_pdbx_struct_assembly.method_details       ? 
_pdbx_struct_assembly.oligomeric_details   monomeric 
_pdbx_struct_assembly.oligomeric_count     1 
# 
_pdbx_struct_assembly_gen.assembly_id       1 
_pdbx_struct_assembly_gen.oper_expression   1 
_pdbx_struct_assembly_gen.asym_id_list      A,B,C 
# 
_pdbx_struct_oper_list.id                   1 
_pdbx_struct_oper_list.type                 'identity operation' 
_pdbx_struct_oper_list.name                 1_555 
_pdbx_struct_oper_list.symmetry_operation   x,y,z 
_pdbx_struct_oper_list.matrix[1][1]         1.0000000000 
_pdbx_struct_oper_list.matrix[1][2]         0.0000000000 
_pdbx_struct_oper_list.matrix[1][3]         0.0000000000 
_pdbx_struct_oper_list.vector[1]            0.0000000000 
_pdbx_struct_oper_list.matrix[2][1]         0.0000000000 
_pdbx_struct_oper_list.matrix[2][2]         1.0000000000 
_pdbx_struct_oper_list.matrix[2][3]         0.0000000000 
_pdbx_struct_oper_list.vector[2]            0.0000000000 
_pdbx_struct_oper_list.matrix[3][1]         0.0000000000 
_pdbx_struct_oper_list.matrix[3][2]         0.0000000000 
_pdbx_struct_oper_list.matrix[3][3]         1.0000000000 
_pdbx_struct_oper_list.vector[3]            0.0000000000 
# 
_struct_biol.id   1 
# 
loop_
_struct_conf.conf_type_id 
_struct_conf.id 
_struct_conf.pdbx_PDB_helix_id 
_struct_conf.beg_label_comp_id 
_struct_conf.beg_label_asym_id 
_struct_conf.beg_label_seq_id 
_struct_conf.pdbx_beg_PDB_ins_code 
_struct_conf.end_label_comp_id 
_struct_conf.end_label_asym_id 
_struct_conf.end_label_seq_id 
_struct_conf.pdbx_end_PDB_ins_code 
_struct_conf.beg_auth_comp_id 
_struct_conf.beg_auth_asym_id 
_struct_conf.beg_auth_seq_id 
_struct_conf.end_auth_comp_id 
_struct_conf.end_auth_asym_id 
_struct_conf.end_auth_seq_id 
_struct_conf.pdbx_PDB_helix_class 
_struct_conf.details 
_struct_conf.pdbx_PDB_helix_length 
HELX_P HELX_P1 1 LYS A 64  ? THR A 69  ? LYS A 141 THR A 146 5 ? 6 
HELX_P HELX_P2 2 PRO A 104 ? LEU A 108 ? PRO A 181 LEU A 185 5 ? 5 
HELX_P HELX_P3 3 HIS A 121 ? GLU A 125 ? HIS A 198 GLU A 202 5 ? 5 
# 
_struct_conf_type.id          HELX_P 
_struct_conf_type.criteria    ? 
_struct_conf_type.reference   ? 
# 
loop_
_struct_conn.id 
_struct_conn.conn_type_id 
_struct_conn.pdbx_leaving_atom_flag 
_struct_conn.pdbx_PDB_id 
_struct_conn.ptnr1_label_asym_id 
_struct_conn.ptnr1_label_comp_id 
_struct_conn.ptnr1_label_seq_id 
_struct_conn.ptnr1_label_atom_id 
_struct_conn.pdbx_ptnr1_label_alt_id 
_struct_conn.pdbx_ptnr1_PDB_ins_code 
_struct_conn.pdbx_ptnr1_standard_comp_id 
_struct_conn.ptnr1_symmetry 
_struct_conn.ptnr2_label_asym_id 
_struct_conn.ptnr2_label_comp_id 
_struct_conn.ptnr2_label_seq_id 
_struct_conn.ptnr2_label_atom_id 
_struct_conn.pdbx_ptnr2_label_alt_id 
_struct_conn.pdbx_ptnr2_PDB_ins_code 
_struct_conn.ptnr1_auth_asym_id 
_struct_conn.ptnr1_auth_comp_id 
_struct_conn.ptnr1_auth_seq_id 
_struct_conn.ptnr2_auth_asym_id 
_struct_conn.ptnr2_auth_comp_id 
_struct_conn.ptnr2_auth_seq_id 
_struct_conn.ptnr2_symmetry 
_struct_conn.pdbx_ptnr3_label_atom_id 
_struct_conn.pdbx_ptnr3_label_seq_id 
_struct_conn.pdbx_ptnr3_label_comp_id 
_struct_conn.pdbx_ptnr3_label_asym_id 
_struct_conn.pdbx_ptnr3_label_alt_id 
_struct_conn.pdbx_ptnr3_PDB_ins_code 
_struct_conn.details 
_struct_conn.pdbx_dist_value 
_struct_conn.pdbx_value_order 
_struct_conn.pdbx_role 
metalc1 metalc ? ? A PRO 47 O   ? ? ? 1_555 B CA  . CA ? ? A PRO 124 A CA  218  1_555 ? ? ? ? ? ? ? 2.277 ? ? 
metalc2 metalc ? ? A ASN 91 O   ? ? ? 1_555 B CA  . CA ? ? A ASN 168 A CA  218  1_555 ? ? ? ? ? ? ? 2.596 ? ? 
metalc3 metalc ? ? A ASN 91 OD1 ? ? ? 1_555 B CA  . CA ? ? A ASN 168 A CA  218  1_555 ? ? ? ? ? ? ? 2.453 ? ? 
metalc4 metalc ? ? B CA  .  CA  ? ? ? 1_555 C HOH . O  ? ? A CA  218 A HOH 1002 1_555 ? ? ? ? ? ? ? 2.497 ? ? 
metalc5 metalc ? ? B CA  .  CA  ? ? ? 1_555 C HOH . O  ? ? A CA  218 A HOH 1003 1_555 ? ? ? ? ? ? ? 2.281 ? ? 
metalc6 metalc ? ? B CA  .  CA  ? ? ? 1_555 C HOH . O  ? ? A CA  218 A HOH 1004 4_545 ? ? ? ? ? ? ? 2.494 ? ? 
metalc7 metalc ? ? B CA  .  CA  ? ? ? 1_555 C HOH . O  ? ? A CA  218 A HOH 1005 1_555 ? ? ? ? ? ? ? 2.437 ? ? 
# 
_struct_conn_type.id          metalc 
_struct_conn_type.criteria    ? 
_struct_conn_type.reference   ? 
# 
loop_
_pdbx_struct_conn_angle.id 
_pdbx_struct_conn_angle.ptnr1_label_atom_id 
_pdbx_struct_conn_angle.ptnr1_label_alt_id 
_pdbx_struct_conn_angle.ptnr1_label_asym_id 
_pdbx_struct_conn_angle.ptnr1_label_comp_id 
_pdbx_struct_conn_angle.ptnr1_label_seq_id 
_pdbx_struct_conn_angle.ptnr1_auth_atom_id 
_pdbx_struct_conn_angle.ptnr1_auth_asym_id 
_pdbx_struct_conn_angle.ptnr1_auth_comp_id 
_pdbx_struct_conn_angle.ptnr1_auth_seq_id 
_pdbx_struct_conn_angle.ptnr1_PDB_ins_code 
_pdbx_struct_conn_angle.ptnr1_symmetry 
_pdbx_struct_conn_angle.ptnr2_label_atom_id 
_pdbx_struct_conn_angle.ptnr2_label_alt_id 
_pdbx_struct_conn_angle.ptnr2_label_asym_id 
_pdbx_struct_conn_angle.ptnr2_label_comp_id 
_pdbx_struct_conn_angle.ptnr2_label_seq_id 
_pdbx_struct_conn_angle.ptnr2_auth_atom_id 
_pdbx_struct_conn_angle.ptnr2_auth_asym_id 
_pdbx_struct_conn_angle.ptnr2_auth_comp_id 
_pdbx_struct_conn_angle.ptnr2_auth_seq_id 
_pdbx_struct_conn_angle.ptnr2_PDB_ins_code 
_pdbx_struct_conn_angle.ptnr2_symmetry 
_pdbx_struct_conn_angle.ptnr3_label_atom_id 
_pdbx_struct_conn_angle.ptnr3_label_alt_id 
_pdbx_struct_conn_angle.ptnr3_label_asym_id 
_pdbx_struct_conn_angle.ptnr3_label_comp_id 
_pdbx_struct_conn_angle.ptnr3_label_seq_id 
_pdbx_struct_conn_angle.ptnr3_auth_atom_id 
_pdbx_struct_conn_angle.ptnr3_auth_asym_id 
_pdbx_struct_conn_angle.ptnr3_auth_comp_id 
_pdbx_struct_conn_angle.ptnr3_auth_seq_id 
_pdbx_struct_conn_angle.ptnr3_PDB_ins_code 
_pdbx_struct_conn_angle.ptnr3_symmetry 
_pdbx_struct_conn_angle.value 
_pdbx_struct_conn_angle.value_esd 
1  O   ? A PRO 47 ? A PRO 124  ? 1_555 CA ? B CA . ? A CA 218 ? 1_555 O   ? A ASN 91 ? A ASN 168  ? 1_555 79.4  ? 
2  O   ? A PRO 47 ? A PRO 124  ? 1_555 CA ? B CA . ? A CA 218 ? 1_555 OD1 ? A ASN 91 ? A ASN 168  ? 1_555 114.3 ? 
3  O   ? A ASN 91 ? A ASN 168  ? 1_555 CA ? B CA . ? A CA 218 ? 1_555 OD1 ? A ASN 91 ? A ASN 168  ? 1_555 71.6  ? 
4  O   ? A PRO 47 ? A PRO 124  ? 1_555 CA ? B CA . ? A CA 218 ? 1_555 O   ? C HOH .  ? A HOH 1002 ? 1_555 89.9  ? 
5  O   ? A ASN 91 ? A ASN 168  ? 1_555 CA ? B CA . ? A CA 218 ? 1_555 O   ? C HOH .  ? A HOH 1002 ? 1_555 135.6 ? 
6  OD1 ? A ASN 91 ? A ASN 168  ? 1_555 CA ? B CA . ? A CA 218 ? 1_555 O   ? C HOH .  ? A HOH 1002 ? 1_555 74.1  ? 
7  O   ? A PRO 47 ? A PRO 124  ? 1_555 CA ? B CA . ? A CA 218 ? 1_555 O   ? C HOH .  ? A HOH 1003 ? 1_555 99.1  ? 
8  O   ? A ASN 91 ? A ASN 168  ? 1_555 CA ? B CA . ? A CA 218 ? 1_555 O   ? C HOH .  ? A HOH 1003 ? 1_555 75.1  ? 
9  OD1 ? A ASN 91 ? A ASN 168  ? 1_555 CA ? B CA . ? A CA 218 ? 1_555 O   ? C HOH .  ? A HOH 1003 ? 1_555 126.4 ? 
10 O   ? C HOH .  ? A HOH 1002 ? 1_555 CA ? B CA . ? A CA 218 ? 1_555 O   ? C HOH .  ? A HOH 1003 ? 1_555 149.3 ? 
11 O   ? A PRO 47 ? A PRO 124  ? 1_555 CA ? B CA . ? A CA 218 ? 1_555 O   ? C HOH .  ? A HOH 1004 ? 4_545 159.5 ? 
12 O   ? A ASN 91 ? A ASN 168  ? 1_555 CA ? B CA . ? A CA 218 ? 1_555 O   ? C HOH .  ? A HOH 1004 ? 4_545 120.1 ? 
13 OD1 ? A ASN 91 ? A ASN 168  ? 1_555 CA ? B CA . ? A CA 218 ? 1_555 O   ? C HOH .  ? A HOH 1004 ? 4_545 80.3  ? 
14 O   ? C HOH .  ? A HOH 1002 ? 1_555 CA ? B CA . ? A CA 218 ? 1_555 O   ? C HOH .  ? A HOH 1004 ? 4_545 80.0  ? 
15 O   ? C HOH .  ? A HOH 1003 ? 1_555 CA ? B CA . ? A CA 218 ? 1_555 O   ? C HOH .  ? A HOH 1004 ? 4_545 81.6  ? 
16 O   ? A PRO 47 ? A PRO 124  ? 1_555 CA ? B CA . ? A CA 218 ? 1_555 O   ? C HOH .  ? A HOH 1005 ? 1_555 83.6  ? 
17 O   ? A ASN 91 ? A ASN 168  ? 1_555 CA ? B CA . ? A CA 218 ? 1_555 O   ? C HOH .  ? A HOH 1005 ? 1_555 143.4 ? 
18 OD1 ? A ASN 91 ? A ASN 168  ? 1_555 CA ? B CA . ? A CA 218 ? 1_555 O   ? C HOH .  ? A HOH 1005 ? 1_555 144.8 ? 
19 O   ? C HOH .  ? A HOH 1002 ? 1_555 CA ? B CA . ? A CA 218 ? 1_555 O   ? C HOH .  ? A HOH 1005 ? 1_555 76.0  ? 
20 O   ? C HOH .  ? A HOH 1003 ? 1_555 CA ? B CA . ? A CA 218 ? 1_555 O   ? C HOH .  ? A HOH 1005 ? 1_555 76.0  ? 
21 O   ? C HOH .  ? A HOH 1004 ? 4_545 CA ? B CA . ? A CA 218 ? 1_555 O   ? C HOH .  ? A HOH 1005 ? 1_555 76.6  ? 
# 
_struct_mon_prot_cis.pdbx_id                1 
_struct_mon_prot_cis.label_comp_id          PRO 
_struct_mon_prot_cis.label_seq_id           126 
_struct_mon_prot_cis.label_asym_id          A 
_struct_mon_prot_cis.label_alt_id           . 
_struct_mon_prot_cis.pdbx_PDB_ins_code      ? 
_struct_mon_prot_cis.auth_comp_id           PRO 
_struct_mon_prot_cis.auth_seq_id            203 
_struct_mon_prot_cis.auth_asym_id           A 
_struct_mon_prot_cis.pdbx_label_comp_id_2   SER 
_struct_mon_prot_cis.pdbx_label_seq_id_2    127 
_struct_mon_prot_cis.pdbx_label_asym_id_2   A 
_struct_mon_prot_cis.pdbx_PDB_ins_code_2    ? 
_struct_mon_prot_cis.pdbx_auth_comp_id_2    SER 
_struct_mon_prot_cis.pdbx_auth_seq_id_2     204 
_struct_mon_prot_cis.pdbx_auth_asym_id_2    A 
_struct_mon_prot_cis.pdbx_PDB_model_num     1 
_struct_mon_prot_cis.pdbx_omega_angle       -5.13 
# 
loop_
_struct_sheet.id 
_struct_sheet.type 
_struct_sheet.number_strands 
_struct_sheet.details 
A ? 5 ? 
B ? 4 ? 
C ? 4 ? 
# 
loop_
_struct_sheet_order.sheet_id 
_struct_sheet_order.range_id_1 
_struct_sheet_order.range_id_2 
_struct_sheet_order.offset 
_struct_sheet_order.sense 
A 1 2 ? anti-parallel 
A 2 3 ? anti-parallel 
A 3 4 ? anti-parallel 
A 4 5 ? anti-parallel 
B 1 2 ? anti-parallel 
B 2 3 ? anti-parallel 
B 3 4 ? anti-parallel 
C 1 2 ? anti-parallel 
C 2 3 ? anti-parallel 
C 3 4 ? anti-parallel 
# 
loop_
_struct_sheet_range.sheet_id 
_struct_sheet_range.id 
_struct_sheet_range.beg_label_comp_id 
_struct_sheet_range.beg_label_asym_id 
_struct_sheet_range.beg_label_seq_id 
_struct_sheet_range.pdbx_beg_PDB_ins_code 
_struct_sheet_range.end_label_comp_id 
_struct_sheet_range.end_label_asym_id 
_struct_sheet_range.end_label_seq_id 
_struct_sheet_range.pdbx_end_PDB_ins_code 
_struct_sheet_range.beg_auth_comp_id 
_struct_sheet_range.beg_auth_asym_id 
_struct_sheet_range.beg_auth_seq_id 
_struct_sheet_range.end_auth_comp_id 
_struct_sheet_range.end_auth_asym_id 
_struct_sheet_range.end_auth_seq_id 
A 1 SER A 2   ? GLU A 8   ? SER A 79  GLU A 85  
A 2 VAL A 23  ? GLY A 33  ? VAL A 100 GLY A 110 
A 3 LYS A 36  ? VAL A 46  ? LYS A 113 VAL A 123 
A 4 LEU A 92  ? ALA A 101 ? LEU A 169 ALA A 178 
A 5 ASN A 84  ? ASP A 87  ? ASN A 161 ASP A 164 
B 1 ASP A 131 ? VAL A 137 ? ASP A 208 VAL A 214 
B 2 SER A 112 ? SER A 118 ? SER A 189 SER A 195 
B 3 GLY A 50  ? HIS A 57  ? GLY A 127 HIS A 134 
B 4 VAL A 72  ? LYS A 75  ? VAL A 149 LYS A 152 
C 1 ASP A 131 ? VAL A 137 ? ASP A 208 VAL A 214 
C 2 SER A 112 ? SER A 118 ? SER A 189 SER A 195 
C 3 GLY A 50  ? HIS A 57  ? GLY A 127 HIS A 134 
C 4 ILE A 80  ? CYS A 82  ? ILE A 157 CYS A 159 
# 
loop_
_pdbx_struct_sheet_hbond.sheet_id 
_pdbx_struct_sheet_hbond.range_id_1 
_pdbx_struct_sheet_hbond.range_id_2 
_pdbx_struct_sheet_hbond.range_1_label_atom_id 
_pdbx_struct_sheet_hbond.range_1_label_comp_id 
_pdbx_struct_sheet_hbond.range_1_label_asym_id 
_pdbx_struct_sheet_hbond.range_1_label_seq_id 
_pdbx_struct_sheet_hbond.range_1_PDB_ins_code 
_pdbx_struct_sheet_hbond.range_1_auth_atom_id 
_pdbx_struct_sheet_hbond.range_1_auth_comp_id 
_pdbx_struct_sheet_hbond.range_1_auth_asym_id 
_pdbx_struct_sheet_hbond.range_1_auth_seq_id 
_pdbx_struct_sheet_hbond.range_2_label_atom_id 
_pdbx_struct_sheet_hbond.range_2_label_comp_id 
_pdbx_struct_sheet_hbond.range_2_label_asym_id 
_pdbx_struct_sheet_hbond.range_2_label_seq_id 
_pdbx_struct_sheet_hbond.range_2_PDB_ins_code 
_pdbx_struct_sheet_hbond.range_2_auth_atom_id 
_pdbx_struct_sheet_hbond.range_2_auth_comp_id 
_pdbx_struct_sheet_hbond.range_2_auth_asym_id 
_pdbx_struct_sheet_hbond.range_2_auth_seq_id 
A 1 2 O LEU A 7   ? O LEU A 84  N ARG A 24  ? N ARG A 101 
A 2 3 N VAL A 32  ? N VAL A 109 O LYS A 36  ? O LYS A 113 
A 3 4 O VAL A 46  ? O VAL A 123 N TYR A 93  ? N TYR A 170 
A 4 5 N SER A 94  ? N SER A 171 O ASN A 84  ? O ASN A 161 
B 1 2 O GLY A 136 ? O GLY A 213 N PHE A 113 ? N PHE A 190 
B 2 3 O SER A 116 ? O SER A 193 N HIS A 53  ? N HIS A 130 
B 3 4 O ILE A 56  ? O ILE A 133 N TRP A 73  ? N TRP A 150 
C 1 2 O GLY A 136 ? O GLY A 213 N PHE A 113 ? N PHE A 190 
C 2 3 O SER A 116 ? O SER A 193 N HIS A 53  ? N HIS A 130 
C 3 4 O TYR A 52  ? O TYR A 129 N ILE A 80  ? N ILE A 157 
# 
_struct_site.id                   AC1 
_struct_site.pdbx_evidence_code   Software 
_struct_site.pdbx_auth_asym_id    A 
_struct_site.pdbx_auth_comp_id    CA 
_struct_site.pdbx_auth_seq_id     218 
_struct_site.pdbx_auth_ins_code   ? 
_struct_site.pdbx_num_residues    6 
_struct_site.details              'BINDING SITE FOR RESIDUE CA A 218' 
# 
loop_
_struct_site_gen.id 
_struct_site_gen.site_id 
_struct_site_gen.pdbx_num_res 
_struct_site_gen.label_comp_id 
_struct_site_gen.label_asym_id 
_struct_site_gen.label_seq_id 
_struct_site_gen.pdbx_auth_ins_code 
_struct_site_gen.auth_comp_id 
_struct_site_gen.auth_asym_id 
_struct_site_gen.auth_seq_id 
_struct_site_gen.label_atom_id 
_struct_site_gen.label_alt_id 
_struct_site_gen.symmetry 
_struct_site_gen.details 
1 AC1 6 PRO A 47 ? PRO A 124  . ? 1_555 ? 
2 AC1 6 ASN A 91 ? ASN A 168  . ? 1_555 ? 
3 AC1 6 HOH C .  ? HOH A 1002 . ? 1_555 ? 
4 AC1 6 HOH C .  ? HOH A 1003 . ? 1_555 ? 
5 AC1 6 HOH C .  ? HOH A 1004 . ? 4_545 ? 
6 AC1 6 HOH C .  ? HOH A 1005 . ? 1_555 ? 
# 
loop_
_pdbx_validate_rmsd_angle.id 
_pdbx_validate_rmsd_angle.PDB_model_num 
_pdbx_validate_rmsd_angle.auth_atom_id_1 
_pdbx_validate_rmsd_angle.auth_asym_id_1 
_pdbx_validate_rmsd_angle.auth_comp_id_1 
_pdbx_validate_rmsd_angle.auth_seq_id_1 
_pdbx_validate_rmsd_angle.PDB_ins_code_1 
_pdbx_validate_rmsd_angle.label_alt_id_1 
_pdbx_validate_rmsd_angle.auth_atom_id_2 
_pdbx_validate_rmsd_angle.auth_asym_id_2 
_pdbx_validate_rmsd_angle.auth_comp_id_2 
_pdbx_validate_rmsd_angle.auth_seq_id_2 
_pdbx_validate_rmsd_angle.PDB_ins_code_2 
_pdbx_validate_rmsd_angle.label_alt_id_2 
_pdbx_validate_rmsd_angle.auth_atom_id_3 
_pdbx_validate_rmsd_angle.auth_asym_id_3 
_pdbx_validate_rmsd_angle.auth_comp_id_3 
_pdbx_validate_rmsd_angle.auth_seq_id_3 
_pdbx_validate_rmsd_angle.PDB_ins_code_3 
_pdbx_validate_rmsd_angle.label_alt_id_3 
_pdbx_validate_rmsd_angle.angle_value 
_pdbx_validate_rmsd_angle.angle_target_value 
_pdbx_validate_rmsd_angle.angle_deviation 
_pdbx_validate_rmsd_angle.angle_standard_deviation 
_pdbx_validate_rmsd_angle.linker_flag 
1 1 NE A ARG 105 ? ? CZ  A ARG 105 ? ? NH2 A ARG 105 ? ? 124.30 120.30 4.00  0.50 N 
2 1 CG A TYR 129 ? ? CD1 A TYR 129 ? ? CE1 A TYR 129 ? ? 116.46 121.30 -4.84 0.80 N 
3 1 CA A LEU 212 ? ? CB  A LEU 212 ? ? CG  A LEU 212 ? ? 132.96 115.30 17.66 2.30 N 
# 
_pdbx_validate_torsion.id              1 
_pdbx_validate_torsion.PDB_model_num   1 
_pdbx_validate_torsion.auth_comp_id    GLU 
_pdbx_validate_torsion.auth_asym_id    A 
_pdbx_validate_torsion.auth_seq_id     202 
_pdbx_validate_torsion.PDB_ins_code    ? 
_pdbx_validate_torsion.label_alt_id    ? 
_pdbx_validate_torsion.phi             -166.59 
_pdbx_validate_torsion.psi             51.69 
# 
loop_
_chem_comp_atom.comp_id 
_chem_comp_atom.atom_id 
_chem_comp_atom.type_symbol 
_chem_comp_atom.pdbx_aromatic_flag 
_chem_comp_atom.pdbx_stereo_config 
_chem_comp_atom.pdbx_ordinal 
ALA N    N  N N 1   
ALA CA   C  N S 2   
ALA C    C  N N 3   
ALA O    O  N N 4   
ALA CB   C  N N 5   
ALA OXT  O  N N 6   
ALA H    H  N N 7   
ALA H2   H  N N 8   
ALA HA   H  N N 9   
ALA HB1  H  N N 10  
ALA HB2  H  N N 11  
ALA HB3  H  N N 12  
ALA HXT  H  N N 13  
ARG N    N  N N 14  
ARG CA   C  N S 15  
ARG C    C  N N 16  
ARG O    O  N N 17  
ARG CB   C  N N 18  
ARG CG   C  N N 19  
ARG CD   C  N N 20  
ARG NE   N  N N 21  
ARG CZ   C  N N 22  
ARG NH1  N  N N 23  
ARG NH2  N  N N 24  
ARG OXT  O  N N 25  
ARG H    H  N N 26  
ARG H2   H  N N 27  
ARG HA   H  N N 28  
ARG HB2  H  N N 29  
ARG HB3  H  N N 30  
ARG HG2  H  N N 31  
ARG HG3  H  N N 32  
ARG HD2  H  N N 33  
ARG HD3  H  N N 34  
ARG HE   H  N N 35  
ARG HH11 H  N N 36  
ARG HH12 H  N N 37  
ARG HH21 H  N N 38  
ARG HH22 H  N N 39  
ARG HXT  H  N N 40  
ASN N    N  N N 41  
ASN CA   C  N S 42  
ASN C    C  N N 43  
ASN O    O  N N 44  
ASN CB   C  N N 45  
ASN CG   C  N N 46  
ASN OD1  O  N N 47  
ASN ND2  N  N N 48  
ASN OXT  O  N N 49  
ASN H    H  N N 50  
ASN H2   H  N N 51  
ASN HA   H  N N 52  
ASN HB2  H  N N 53  
ASN HB3  H  N N 54  
ASN HD21 H  N N 55  
ASN HD22 H  N N 56  
ASN HXT  H  N N 57  
ASP N    N  N N 58  
ASP CA   C  N S 59  
ASP C    C  N N 60  
ASP O    O  N N 61  
ASP CB   C  N N 62  
ASP CG   C  N N 63  
ASP OD1  O  N N 64  
ASP OD2  O  N N 65  
ASP OXT  O  N N 66  
ASP H    H  N N 67  
ASP H2   H  N N 68  
ASP HA   H  N N 69  
ASP HB2  H  N N 70  
ASP HB3  H  N N 71  
ASP HD2  H  N N 72  
ASP HXT  H  N N 73  
CA  CA   CA N N 74  
CYS N    N  N N 75  
CYS CA   C  N R 76  
CYS C    C  N N 77  
CYS O    O  N N 78  
CYS CB   C  N N 79  
CYS SG   S  N N 80  
CYS OXT  O  N N 81  
CYS H    H  N N 82  
CYS H2   H  N N 83  
CYS HA   H  N N 84  
CYS HB2  H  N N 85  
CYS HB3  H  N N 86  
CYS HG   H  N N 87  
CYS HXT  H  N N 88  
GLN N    N  N N 89  
GLN CA   C  N S 90  
GLN C    C  N N 91  
GLN O    O  N N 92  
GLN CB   C  N N 93  
GLN CG   C  N N 94  
GLN CD   C  N N 95  
GLN OE1  O  N N 96  
GLN NE2  N  N N 97  
GLN OXT  O  N N 98  
GLN H    H  N N 99  
GLN H2   H  N N 100 
GLN HA   H  N N 101 
GLN HB2  H  N N 102 
GLN HB3  H  N N 103 
GLN HG2  H  N N 104 
GLN HG3  H  N N 105 
GLN HE21 H  N N 106 
GLN HE22 H  N N 107 
GLN HXT  H  N N 108 
GLU N    N  N N 109 
GLU CA   C  N S 110 
GLU C    C  N N 111 
GLU O    O  N N 112 
GLU CB   C  N N 113 
GLU CG   C  N N 114 
GLU CD   C  N N 115 
GLU OE1  O  N N 116 
GLU OE2  O  N N 117 
GLU OXT  O  N N 118 
GLU H    H  N N 119 
GLU H2   H  N N 120 
GLU HA   H  N N 121 
GLU HB2  H  N N 122 
GLU HB3  H  N N 123 
GLU HG2  H  N N 124 
GLU HG3  H  N N 125 
GLU HE2  H  N N 126 
GLU HXT  H  N N 127 
GLY N    N  N N 128 
GLY CA   C  N N 129 
GLY C    C  N N 130 
GLY O    O  N N 131 
GLY OXT  O  N N 132 
GLY H    H  N N 133 
GLY H2   H  N N 134 
GLY HA2  H  N N 135 
GLY HA3  H  N N 136 
GLY HXT  H  N N 137 
HIS N    N  N N 138 
HIS CA   C  N S 139 
HIS C    C  N N 140 
HIS O    O  N N 141 
HIS CB   C  N N 142 
HIS CG   C  Y N 143 
HIS ND1  N  Y N 144 
HIS CD2  C  Y N 145 
HIS CE1  C  Y N 146 
HIS NE2  N  Y N 147 
HIS OXT  O  N N 148 
HIS H    H  N N 149 
HIS H2   H  N N 150 
HIS HA   H  N N 151 
HIS HB2  H  N N 152 
HIS HB3  H  N N 153 
HIS HD1  H  N N 154 
HIS HD2  H  N N 155 
HIS HE1  H  N N 156 
HIS HE2  H  N N 157 
HIS HXT  H  N N 158 
HOH O    O  N N 159 
HOH H1   H  N N 160 
HOH H2   H  N N 161 
ILE N    N  N N 162 
ILE CA   C  N S 163 
ILE C    C  N N 164 
ILE O    O  N N 165 
ILE CB   C  N S 166 
ILE CG1  C  N N 167 
ILE CG2  C  N N 168 
ILE CD1  C  N N 169 
ILE OXT  O  N N 170 
ILE H    H  N N 171 
ILE H2   H  N N 172 
ILE HA   H  N N 173 
ILE HB   H  N N 174 
ILE HG12 H  N N 175 
ILE HG13 H  N N 176 
ILE HG21 H  N N 177 
ILE HG22 H  N N 178 
ILE HG23 H  N N 179 
ILE HD11 H  N N 180 
ILE HD12 H  N N 181 
ILE HD13 H  N N 182 
ILE HXT  H  N N 183 
LEU N    N  N N 184 
LEU CA   C  N S 185 
LEU C    C  N N 186 
LEU O    O  N N 187 
LEU CB   C  N N 188 
LEU CG   C  N N 189 
LEU CD1  C  N N 190 
LEU CD2  C  N N 191 
LEU OXT  O  N N 192 
LEU H    H  N N 193 
LEU H2   H  N N 194 
LEU HA   H  N N 195 
LEU HB2  H  N N 196 
LEU HB3  H  N N 197 
LEU HG   H  N N 198 
LEU HD11 H  N N 199 
LEU HD12 H  N N 200 
LEU HD13 H  N N 201 
LEU HD21 H  N N 202 
LEU HD22 H  N N 203 
LEU HD23 H  N N 204 
LEU HXT  H  N N 205 
LYS N    N  N N 206 
LYS CA   C  N S 207 
LYS C    C  N N 208 
LYS O    O  N N 209 
LYS CB   C  N N 210 
LYS CG   C  N N 211 
LYS CD   C  N N 212 
LYS CE   C  N N 213 
LYS NZ   N  N N 214 
LYS OXT  O  N N 215 
LYS H    H  N N 216 
LYS H2   H  N N 217 
LYS HA   H  N N 218 
LYS HB2  H  N N 219 
LYS HB3  H  N N 220 
LYS HG2  H  N N 221 
LYS HG3  H  N N 222 
LYS HD2  H  N N 223 
LYS HD3  H  N N 224 
LYS HE2  H  N N 225 
LYS HE3  H  N N 226 
LYS HZ1  H  N N 227 
LYS HZ2  H  N N 228 
LYS HZ3  H  N N 229 
LYS HXT  H  N N 230 
PHE N    N  N N 231 
PHE CA   C  N S 232 
PHE C    C  N N 233 
PHE O    O  N N 234 
PHE CB   C  N N 235 
PHE CG   C  Y N 236 
PHE CD1  C  Y N 237 
PHE CD2  C  Y N 238 
PHE CE1  C  Y N 239 
PHE CE2  C  Y N 240 
PHE CZ   C  Y N 241 
PHE OXT  O  N N 242 
PHE H    H  N N 243 
PHE H2   H  N N 244 
PHE HA   H  N N 245 
PHE HB2  H  N N 246 
PHE HB3  H  N N 247 
PHE HD1  H  N N 248 
PHE HD2  H  N N 249 
PHE HE1  H  N N 250 
PHE HE2  H  N N 251 
PHE HZ   H  N N 252 
PHE HXT  H  N N 253 
PRO N    N  N N 254 
PRO CA   C  N S 255 
PRO C    C  N N 256 
PRO O    O  N N 257 
PRO CB   C  N N 258 
PRO CG   C  N N 259 
PRO CD   C  N N 260 
PRO OXT  O  N N 261 
PRO H    H  N N 262 
PRO HA   H  N N 263 
PRO HB2  H  N N 264 
PRO HB3  H  N N 265 
PRO HG2  H  N N 266 
PRO HG3  H  N N 267 
PRO HD2  H  N N 268 
PRO HD3  H  N N 269 
PRO HXT  H  N N 270 
SER N    N  N N 271 
SER CA   C  N S 272 
SER C    C  N N 273 
SER O    O  N N 274 
SER CB   C  N N 275 
SER OG   O  N N 276 
SER OXT  O  N N 277 
SER H    H  N N 278 
SER H2   H  N N 279 
SER HA   H  N N 280 
SER HB2  H  N N 281 
SER HB3  H  N N 282 
SER HG   H  N N 283 
SER HXT  H  N N 284 
THR N    N  N N 285 
THR CA   C  N S 286 
THR C    C  N N 287 
THR O    O  N N 288 
THR CB   C  N R 289 
THR OG1  O  N N 290 
THR CG2  C  N N 291 
THR OXT  O  N N 292 
THR H    H  N N 293 
THR H2   H  N N 294 
THR HA   H  N N 295 
THR HB   H  N N 296 
THR HG1  H  N N 297 
THR HG21 H  N N 298 
THR HG22 H  N N 299 
THR HG23 H  N N 300 
THR HXT  H  N N 301 
TRP N    N  N N 302 
TRP CA   C  N S 303 
TRP C    C  N N 304 
TRP O    O  N N 305 
TRP CB   C  N N 306 
TRP CG   C  Y N 307 
TRP CD1  C  Y N 308 
TRP CD2  C  Y N 309 
TRP NE1  N  Y N 310 
TRP CE2  C  Y N 311 
TRP CE3  C  Y N 312 
TRP CZ2  C  Y N 313 
TRP CZ3  C  Y N 314 
TRP CH2  C  Y N 315 
TRP OXT  O  N N 316 
TRP H    H  N N 317 
TRP H2   H  N N 318 
TRP HA   H  N N 319 
TRP HB2  H  N N 320 
TRP HB3  H  N N 321 
TRP HD1  H  N N 322 
TRP HE1  H  N N 323 
TRP HE3  H  N N 324 
TRP HZ2  H  N N 325 
TRP HZ3  H  N N 326 
TRP HH2  H  N N 327 
TRP HXT  H  N N 328 
TYR N    N  N N 329 
TYR CA   C  N S 330 
TYR C    C  N N 331 
TYR O    O  N N 332 
TYR CB   C  N N 333 
TYR CG   C  Y N 334 
TYR CD1  C  Y N 335 
TYR CD2  C  Y N 336 
TYR CE1  C  Y N 337 
TYR CE2  C  Y N 338 
TYR CZ   C  Y N 339 
TYR OH   O  N N 340 
TYR OXT  O  N N 341 
TYR H    H  N N 342 
TYR H2   H  N N 343 
TYR HA   H  N N 344 
TYR HB2  H  N N 345 
TYR HB3  H  N N 346 
TYR HD1  H  N N 347 
TYR HD2  H  N N 348 
TYR HE1  H  N N 349 
TYR HE2  H  N N 350 
TYR HH   H  N N 351 
TYR HXT  H  N N 352 
VAL N    N  N N 353 
VAL CA   C  N S 354 
VAL C    C  N N 355 
VAL O    O  N N 356 
VAL CB   C  N N 357 
VAL CG1  C  N N 358 
VAL CG2  C  N N 359 
VAL OXT  O  N N 360 
VAL H    H  N N 361 
VAL H2   H  N N 362 
VAL HA   H  N N 363 
VAL HB   H  N N 364 
VAL HG11 H  N N 365 
VAL HG12 H  N N 366 
VAL HG13 H  N N 367 
VAL HG21 H  N N 368 
VAL HG22 H  N N 369 
VAL HG23 H  N N 370 
VAL HXT  H  N N 371 
# 
loop_
_chem_comp_bond.comp_id 
_chem_comp_bond.atom_id_1 
_chem_comp_bond.atom_id_2 
_chem_comp_bond.value_order 
_chem_comp_bond.pdbx_aromatic_flag 
_chem_comp_bond.pdbx_stereo_config 
_chem_comp_bond.pdbx_ordinal 
ALA N   CA   sing N N 1   
ALA N   H    sing N N 2   
ALA N   H2   sing N N 3   
ALA CA  C    sing N N 4   
ALA CA  CB   sing N N 5   
ALA CA  HA   sing N N 6   
ALA C   O    doub N N 7   
ALA C   OXT  sing N N 8   
ALA CB  HB1  sing N N 9   
ALA CB  HB2  sing N N 10  
ALA CB  HB3  sing N N 11  
ALA OXT HXT  sing N N 12  
ARG N   CA   sing N N 13  
ARG N   H    sing N N 14  
ARG N   H2   sing N N 15  
ARG CA  C    sing N N 16  
ARG CA  CB   sing N N 17  
ARG CA  HA   sing N N 18  
ARG C   O    doub N N 19  
ARG C   OXT  sing N N 20  
ARG CB  CG   sing N N 21  
ARG CB  HB2  sing N N 22  
ARG CB  HB3  sing N N 23  
ARG CG  CD   sing N N 24  
ARG CG  HG2  sing N N 25  
ARG CG  HG3  sing N N 26  
ARG CD  NE   sing N N 27  
ARG CD  HD2  sing N N 28  
ARG CD  HD3  sing N N 29  
ARG NE  CZ   sing N N 30  
ARG NE  HE   sing N N 31  
ARG CZ  NH1  sing N N 32  
ARG CZ  NH2  doub N N 33  
ARG NH1 HH11 sing N N 34  
ARG NH1 HH12 sing N N 35  
ARG NH2 HH21 sing N N 36  
ARG NH2 HH22 sing N N 37  
ARG OXT HXT  sing N N 38  
ASN N   CA   sing N N 39  
ASN N   H    sing N N 40  
ASN N   H2   sing N N 41  
ASN CA  C    sing N N 42  
ASN CA  CB   sing N N 43  
ASN CA  HA   sing N N 44  
ASN C   O    doub N N 45  
ASN C   OXT  sing N N 46  
ASN CB  CG   sing N N 47  
ASN CB  HB2  sing N N 48  
ASN CB  HB3  sing N N 49  
ASN CG  OD1  doub N N 50  
ASN CG  ND2  sing N N 51  
ASN ND2 HD21 sing N N 52  
ASN ND2 HD22 sing N N 53  
ASN OXT HXT  sing N N 54  
ASP N   CA   sing N N 55  
ASP N   H    sing N N 56  
ASP N   H2   sing N N 57  
ASP CA  C    sing N N 58  
ASP CA  CB   sing N N 59  
ASP CA  HA   sing N N 60  
ASP C   O    doub N N 61  
ASP C   OXT  sing N N 62  
ASP CB  CG   sing N N 63  
ASP CB  HB2  sing N N 64  
ASP CB  HB3  sing N N 65  
ASP CG  OD1  doub N N 66  
ASP CG  OD2  sing N N 67  
ASP OD2 HD2  sing N N 68  
ASP OXT HXT  sing N N 69  
CYS N   CA   sing N N 70  
CYS N   H    sing N N 71  
CYS N   H2   sing N N 72  
CYS CA  C    sing N N 73  
CYS CA  CB   sing N N 74  
CYS CA  HA   sing N N 75  
CYS C   O    doub N N 76  
CYS C   OXT  sing N N 77  
CYS CB  SG   sing N N 78  
CYS CB  HB2  sing N N 79  
CYS CB  HB3  sing N N 80  
CYS SG  HG   sing N N 81  
CYS OXT HXT  sing N N 82  
GLN N   CA   sing N N 83  
GLN N   H    sing N N 84  
GLN N   H2   sing N N 85  
GLN CA  C    sing N N 86  
GLN CA  CB   sing N N 87  
GLN CA  HA   sing N N 88  
GLN C   O    doub N N 89  
GLN C   OXT  sing N N 90  
GLN CB  CG   sing N N 91  
GLN CB  HB2  sing N N 92  
GLN CB  HB3  sing N N 93  
GLN CG  CD   sing N N 94  
GLN CG  HG2  sing N N 95  
GLN CG  HG3  sing N N 96  
GLN CD  OE1  doub N N 97  
GLN CD  NE2  sing N N 98  
GLN NE2 HE21 sing N N 99  
GLN NE2 HE22 sing N N 100 
GLN OXT HXT  sing N N 101 
GLU N   CA   sing N N 102 
GLU N   H    sing N N 103 
GLU N   H2   sing N N 104 
GLU CA  C    sing N N 105 
GLU CA  CB   sing N N 106 
GLU CA  HA   sing N N 107 
GLU C   O    doub N N 108 
GLU C   OXT  sing N N 109 
GLU CB  CG   sing N N 110 
GLU CB  HB2  sing N N 111 
GLU CB  HB3  sing N N 112 
GLU CG  CD   sing N N 113 
GLU CG  HG2  sing N N 114 
GLU CG  HG3  sing N N 115 
GLU CD  OE1  doub N N 116 
GLU CD  OE2  sing N N 117 
GLU OE2 HE2  sing N N 118 
GLU OXT HXT  sing N N 119 
GLY N   CA   sing N N 120 
GLY N   H    sing N N 121 
GLY N   H2   sing N N 122 
GLY CA  C    sing N N 123 
GLY CA  HA2  sing N N 124 
GLY CA  HA3  sing N N 125 
GLY C   O    doub N N 126 
GLY C   OXT  sing N N 127 
GLY OXT HXT  sing N N 128 
HIS N   CA   sing N N 129 
HIS N   H    sing N N 130 
HIS N   H2   sing N N 131 
HIS CA  C    sing N N 132 
HIS CA  CB   sing N N 133 
HIS CA  HA   sing N N 134 
HIS C   O    doub N N 135 
HIS C   OXT  sing N N 136 
HIS CB  CG   sing N N 137 
HIS CB  HB2  sing N N 138 
HIS CB  HB3  sing N N 139 
HIS CG  ND1  sing Y N 140 
HIS CG  CD2  doub Y N 141 
HIS ND1 CE1  doub Y N 142 
HIS ND1 HD1  sing N N 143 
HIS CD2 NE2  sing Y N 144 
HIS CD2 HD2  sing N N 145 
HIS CE1 NE2  sing Y N 146 
HIS CE1 HE1  sing N N 147 
HIS NE2 HE2  sing N N 148 
HIS OXT HXT  sing N N 149 
HOH O   H1   sing N N 150 
HOH O   H2   sing N N 151 
ILE N   CA   sing N N 152 
ILE N   H    sing N N 153 
ILE N   H2   sing N N 154 
ILE CA  C    sing N N 155 
ILE CA  CB   sing N N 156 
ILE CA  HA   sing N N 157 
ILE C   O    doub N N 158 
ILE C   OXT  sing N N 159 
ILE CB  CG1  sing N N 160 
ILE CB  CG2  sing N N 161 
ILE CB  HB   sing N N 162 
ILE CG1 CD1  sing N N 163 
ILE CG1 HG12 sing N N 164 
ILE CG1 HG13 sing N N 165 
ILE CG2 HG21 sing N N 166 
ILE CG2 HG22 sing N N 167 
ILE CG2 HG23 sing N N 168 
ILE CD1 HD11 sing N N 169 
ILE CD1 HD12 sing N N 170 
ILE CD1 HD13 sing N N 171 
ILE OXT HXT  sing N N 172 
LEU N   CA   sing N N 173 
LEU N   H    sing N N 174 
LEU N   H2   sing N N 175 
LEU CA  C    sing N N 176 
LEU CA  CB   sing N N 177 
LEU CA  HA   sing N N 178 
LEU C   O    doub N N 179 
LEU C   OXT  sing N N 180 
LEU CB  CG   sing N N 181 
LEU CB  HB2  sing N N 182 
LEU CB  HB3  sing N N 183 
LEU CG  CD1  sing N N 184 
LEU CG  CD2  sing N N 185 
LEU CG  HG   sing N N 186 
LEU CD1 HD11 sing N N 187 
LEU CD1 HD12 sing N N 188 
LEU CD1 HD13 sing N N 189 
LEU CD2 HD21 sing N N 190 
LEU CD2 HD22 sing N N 191 
LEU CD2 HD23 sing N N 192 
LEU OXT HXT  sing N N 193 
LYS N   CA   sing N N 194 
LYS N   H    sing N N 195 
LYS N   H2   sing N N 196 
LYS CA  C    sing N N 197 
LYS CA  CB   sing N N 198 
LYS CA  HA   sing N N 199 
LYS C   O    doub N N 200 
LYS C   OXT  sing N N 201 
LYS CB  CG   sing N N 202 
LYS CB  HB2  sing N N 203 
LYS CB  HB3  sing N N 204 
LYS CG  CD   sing N N 205 
LYS CG  HG2  sing N N 206 
LYS CG  HG3  sing N N 207 
LYS CD  CE   sing N N 208 
LYS CD  HD2  sing N N 209 
LYS CD  HD3  sing N N 210 
LYS CE  NZ   sing N N 211 
LYS CE  HE2  sing N N 212 
LYS CE  HE3  sing N N 213 
LYS NZ  HZ1  sing N N 214 
LYS NZ  HZ2  sing N N 215 
LYS NZ  HZ3  sing N N 216 
LYS OXT HXT  sing N N 217 
PHE N   CA   sing N N 218 
PHE N   H    sing N N 219 
PHE N   H2   sing N N 220 
PHE CA  C    sing N N 221 
PHE CA  CB   sing N N 222 
PHE CA  HA   sing N N 223 
PHE C   O    doub N N 224 
PHE C   OXT  sing N N 225 
PHE CB  CG   sing N N 226 
PHE CB  HB2  sing N N 227 
PHE CB  HB3  sing N N 228 
PHE CG  CD1  doub Y N 229 
PHE CG  CD2  sing Y N 230 
PHE CD1 CE1  sing Y N 231 
PHE CD1 HD1  sing N N 232 
PHE CD2 CE2  doub Y N 233 
PHE CD2 HD2  sing N N 234 
PHE CE1 CZ   doub Y N 235 
PHE CE1 HE1  sing N N 236 
PHE CE2 CZ   sing Y N 237 
PHE CE2 HE2  sing N N 238 
PHE CZ  HZ   sing N N 239 
PHE OXT HXT  sing N N 240 
PRO N   CA   sing N N 241 
PRO N   CD   sing N N 242 
PRO N   H    sing N N 243 
PRO CA  C    sing N N 244 
PRO CA  CB   sing N N 245 
PRO CA  HA   sing N N 246 
PRO C   O    doub N N 247 
PRO C   OXT  sing N N 248 
PRO CB  CG   sing N N 249 
PRO CB  HB2  sing N N 250 
PRO CB  HB3  sing N N 251 
PRO CG  CD   sing N N 252 
PRO CG  HG2  sing N N 253 
PRO CG  HG3  sing N N 254 
PRO CD  HD2  sing N N 255 
PRO CD  HD3  sing N N 256 
PRO OXT HXT  sing N N 257 
SER N   CA   sing N N 258 
SER N   H    sing N N 259 
SER N   H2   sing N N 260 
SER CA  C    sing N N 261 
SER CA  CB   sing N N 262 
SER CA  HA   sing N N 263 
SER C   O    doub N N 264 
SER C   OXT  sing N N 265 
SER CB  OG   sing N N 266 
SER CB  HB2  sing N N 267 
SER CB  HB3  sing N N 268 
SER OG  HG   sing N N 269 
SER OXT HXT  sing N N 270 
THR N   CA   sing N N 271 
THR N   H    sing N N 272 
THR N   H2   sing N N 273 
THR CA  C    sing N N 274 
THR CA  CB   sing N N 275 
THR CA  HA   sing N N 276 
THR C   O    doub N N 277 
THR C   OXT  sing N N 278 
THR CB  OG1  sing N N 279 
THR CB  CG2  sing N N 280 
THR CB  HB   sing N N 281 
THR OG1 HG1  sing N N 282 
THR CG2 HG21 sing N N 283 
THR CG2 HG22 sing N N 284 
THR CG2 HG23 sing N N 285 
THR OXT HXT  sing N N 286 
TRP N   CA   sing N N 287 
TRP N   H    sing N N 288 
TRP N   H2   sing N N 289 
TRP CA  C    sing N N 290 
TRP CA  CB   sing N N 291 
TRP CA  HA   sing N N 292 
TRP C   O    doub N N 293 
TRP C   OXT  sing N N 294 
TRP CB  CG   sing N N 295 
TRP CB  HB2  sing N N 296 
TRP CB  HB3  sing N N 297 
TRP CG  CD1  doub Y N 298 
TRP CG  CD2  sing Y N 299 
TRP CD1 NE1  sing Y N 300 
TRP CD1 HD1  sing N N 301 
TRP CD2 CE2  doub Y N 302 
TRP CD2 CE3  sing Y N 303 
TRP NE1 CE2  sing Y N 304 
TRP NE1 HE1  sing N N 305 
TRP CE2 CZ2  sing Y N 306 
TRP CE3 CZ3  doub Y N 307 
TRP CE3 HE3  sing N N 308 
TRP CZ2 CH2  doub Y N 309 
TRP CZ2 HZ2  sing N N 310 
TRP CZ3 CH2  sing Y N 311 
TRP CZ3 HZ3  sing N N 312 
TRP CH2 HH2  sing N N 313 
TRP OXT HXT  sing N N 314 
TYR N   CA   sing N N 315 
TYR N   H    sing N N 316 
TYR N   H2   sing N N 317 
TYR CA  C    sing N N 318 
TYR CA  CB   sing N N 319 
TYR CA  HA   sing N N 320 
TYR C   O    doub N N 321 
TYR C   OXT  sing N N 322 
TYR CB  CG   sing N N 323 
TYR CB  HB2  sing N N 324 
TYR CB  HB3  sing N N 325 
TYR CG  CD1  doub Y N 326 
TYR CG  CD2  sing Y N 327 
TYR CD1 CE1  sing Y N 328 
TYR CD1 HD1  sing N N 329 
TYR CD2 CE2  doub Y N 330 
TYR CD2 HD2  sing N N 331 
TYR CE1 CZ   doub Y N 332 
TYR CE1 HE1  sing N N 333 
TYR CE2 CZ   sing Y N 334 
TYR CE2 HE2  sing N N 335 
TYR CZ  OH   sing N N 336 
TYR OH  HH   sing N N 337 
TYR OXT HXT  sing N N 338 
VAL N   CA   sing N N 339 
VAL N   H    sing N N 340 
VAL N   H2   sing N N 341 
VAL CA  C    sing N N 342 
VAL CA  CB   sing N N 343 
VAL CA  HA   sing N N 344 
VAL C   O    doub N N 345 
VAL C   OXT  sing N N 346 
VAL CB  CG1  sing N N 347 
VAL CB  CG2  sing N N 348 
VAL CB  HB   sing N N 349 
VAL CG1 HG11 sing N N 350 
VAL CG1 HG12 sing N N 351 
VAL CG1 HG13 sing N N 352 
VAL CG2 HG21 sing N N 353 
VAL CG2 HG22 sing N N 354 
VAL CG2 HG23 sing N N 355 
VAL OXT HXT  sing N N 356 
# 
_atom_sites.entry_id                    1EJ8 
_atom_sites.fract_transf_matrix[1][1]   0.02444613 
_atom_sites.fract_transf_matrix[1][2]   0.01583814 
_atom_sites.fract_transf_matrix[1][3]   0.00296643 
_atom_sites.fract_transf_matrix[2][1]   -0.00995076 
_atom_sites.fract_transf_matrix[2][2]   0.01700916 
_atom_sites.fract_transf_matrix[2][3]   -0.00881058 
_atom_sites.fract_transf_matrix[3][1]   -0.00406775 
_atom_sites.fract_transf_matrix[3][2]   0.00397926 
_atom_sites.fract_transf_matrix[3][3]   0.01227627 
_atom_sites.fract_transf_vector[1]      0.183999 
_atom_sites.fract_transf_vector[2]      0.046739 
_atom_sites.fract_transf_vector[3]      0.107591 
# 
loop_
_atom_type.symbol 
C  
CA 
N  
O  
S  
# 
loop_
_atom_site.group_PDB 
_atom_site.id 
_atom_site.type_symbol 
_atom_site.label_atom_id 
_atom_site.label_alt_id 
_atom_site.label_comp_id 
_atom_site.label_asym_id 
_atom_site.label_entity_id 
_atom_site.label_seq_id 
_atom_site.pdbx_PDB_ins_code 
_atom_site.Cartn_x 
_atom_site.Cartn_y 
_atom_site.Cartn_z 
_atom_site.occupancy 
_atom_site.B_iso_or_equiv 
_atom_site.pdbx_formal_charge 
_atom_site.auth_seq_id 
_atom_site.auth_comp_id 
_atom_site.auth_asym_id 
_atom_site.auth_atom_id 
_atom_site.pdbx_PDB_model_num 
ATOM   1    N  N   . SER A 1 1   ? -13.319 12.129  -12.799 1.00 51.91 ? 78   SER A N   1 
ATOM   2    C  CA  . SER A 1 1   ? -12.617 12.493  -11.576 1.00 43.96 ? 78   SER A CA  1 
ATOM   3    C  C   . SER A 1 1   ? -11.513 11.465  -11.300 1.00 41.98 ? 78   SER A C   1 
ATOM   4    O  O   . SER A 1 1   ? -11.799 10.271  -11.454 1.00 35.50 ? 78   SER A O   1 
ATOM   5    C  CB  . SER A 1 1   ? -13.562 12.549  -10.377 1.00 31.87 ? 78   SER A CB  1 
ATOM   6    O  OG  . SER A 1 1   ? -12.853 13.037  -9.244  1.00 60.37 ? 78   SER A OG  1 
ATOM   7    N  N   . SER A 1 2   ? -10.338 11.963  -10.927 1.00 24.07 ? 79   SER A N   1 
ATOM   8    C  CA  . SER A 1 2   ? -9.181  11.098  -10.723 1.00 25.45 ? 79   SER A CA  1 
ATOM   9    C  C   . SER A 1 2   ? -8.388  11.474  -9.476  1.00 27.81 ? 79   SER A C   1 
ATOM   10   O  O   . SER A 1 2   ? -8.533  12.557  -8.919  1.00 24.90 ? 79   SER A O   1 
ATOM   11   C  CB  . SER A 1 2   ? -8.262  11.138  -11.941 1.00 29.66 ? 79   SER A CB  1 
ATOM   12   O  OG  . SER A 1 2   ? -8.048  12.455  -12.415 1.00 36.47 ? 79   SER A OG  1 
ATOM   13   N  N   . ALA A 1 3   ? -7.526  10.546  -9.032  1.00 18.78 ? 80   ALA A N   1 
ATOM   14   C  CA  . ALA A 1 3   ? -6.730  10.821  -7.841  1.00 22.86 ? 80   ALA A CA  1 
ATOM   15   C  C   . ALA A 1 3   ? -5.558  9.853   -7.849  1.00 18.85 ? 80   ALA A C   1 
ATOM   16   O  O   . ALA A 1 3   ? -5.465  8.965   -8.681  1.00 20.55 ? 80   ALA A O   1 
ATOM   17   C  CB  . ALA A 1 3   ? -7.525  10.743  -6.553  1.00 19.65 ? 80   ALA A CB  1 
ATOM   18   N  N   . VAL A 1 4   ? -4.608  10.067  -6.939  1.00 21.96 ? 81   VAL A N   1 
ATOM   19   C  CA  . VAL A 1 4   ? -3.428  9.201   -6.990  1.00 21.22 ? 81   VAL A CA  1 
ATOM   20   C  C   . VAL A 1 4   ? -2.938  9.086   -5.542  1.00 17.14 ? 81   VAL A C   1 
ATOM   21   O  O   . VAL A 1 4   ? -3.122  9.934   -4.692  1.00 20.69 ? 81   VAL A O   1 
ATOM   22   C  CB  . VAL A 1 4   ? -2.326  9.702   -7.922  1.00 34.15 ? 81   VAL A CB  1 
ATOM   23   C  CG1 . VAL A 1 4   ? -1.071  8.832   -7.837  1.00 28.95 ? 81   VAL A CG1 1 
ATOM   24   C  CG2 . VAL A 1 4   ? -2.677  9.706   -9.408  1.00 42.10 ? 81   VAL A CG2 1 
ATOM   25   N  N   . ALA A 1 5   ? -2.315  7.944   -5.257  1.00 17.17 ? 82   ALA A N   1 
ATOM   26   C  CA  . ALA A 1 5   ? -1.665  7.719   -3.962  1.00 19.42 ? 82   ALA A CA  1 
ATOM   27   C  C   . ALA A 1 5   ? -0.285  7.124   -4.292  1.00 18.32 ? 82   ALA A C   1 
ATOM   28   O  O   . ALA A 1 5   ? -0.184  6.112   -4.949  1.00 16.99 ? 82   ALA A O   1 
ATOM   29   C  CB  . ALA A 1 5   ? -2.445  6.830   -3.027  1.00 18.19 ? 82   ALA A CB  1 
ATOM   30   N  N   . ILE A 1 6   ? 0.767   7.787   -3.862  1.00 18.09 ? 83   ILE A N   1 
ATOM   31   C  CA  . ILE A 1 6   ? 2.145   7.320   -4.040  1.00 17.86 ? 83   ILE A CA  1 
ATOM   32   C  C   . ILE A 1 6   ? 2.519   6.575   -2.766  1.00 15.31 ? 83   ILE A C   1 
ATOM   33   O  O   . ILE A 1 6   ? 2.467   7.143   -1.675  1.00 18.97 ? 83   ILE A O   1 
ATOM   34   C  CB  . ILE A 1 6   ? 3.098   8.489   -4.302  1.00 19.93 ? 83   ILE A CB  1 
ATOM   35   C  CG1 . ILE A 1 6   ? 2.713   9.339   -5.519  1.00 29.41 ? 83   ILE A CG1 1 
ATOM   36   C  CG2 . ILE A 1 6   ? 4.535   7.985   -4.451  1.00 27.33 ? 83   ILE A CG2 1 
ATOM   37   C  CD1 . ILE A 1 6   ? 3.822   10.231  -6.020  1.00 39.34 ? 83   ILE A CD1 1 
ATOM   38   N  N   . LEU A 1 7   ? 2.864   5.286   -2.905  1.00 15.31 ? 84   LEU A N   1 
ATOM   39   C  CA  . LEU A 1 7   ? 2.944   4.474   -1.699  1.00 17.26 ? 84   LEU A CA  1 
ATOM   40   C  C   . LEU A 1 7   ? 4.405   4.246   -1.272  1.00 15.78 ? 84   LEU A C   1 
ATOM   41   O  O   . LEU A 1 7   ? 5.111   3.682   -2.086  1.00 18.29 ? 84   LEU A O   1 
ATOM   42   C  CB  . LEU A 1 7   ? 2.273   3.127   -1.962  1.00 15.34 ? 84   LEU A CB  1 
ATOM   43   C  CG  . LEU A 1 7   ? 0.878   3.194   -2.545  1.00 17.84 ? 84   LEU A CG  1 
ATOM   44   C  CD1 . LEU A 1 7   ? 0.396   1.749   -2.781  1.00 22.68 ? 84   LEU A CD1 1 
ATOM   45   C  CD2 . LEU A 1 7   ? -0.121  3.935   -1.680  1.00 21.11 ? 84   LEU A CD2 1 
ATOM   46   N  N   . GLU A 1 8   ? 4.700   4.725   -0.075  1.00 17.83 ? 85   GLU A N   1 
ATOM   47   C  CA  . GLU A 1 8   ? 6.073   4.663   0.452   1.00 17.93 ? 85   GLU A CA  1 
ATOM   48   C  C   . GLU A 1 8   ? 6.129   3.951   1.788   1.00 16.33 ? 85   GLU A C   1 
ATOM   49   O  O   . GLU A 1 8   ? 5.207   3.920   2.584   1.00 18.10 ? 85   GLU A O   1 
ATOM   50   C  CB  . GLU A 1 8   ? 6.631   6.083   0.664   1.00 19.36 ? 85   GLU A CB  1 
ATOM   51   C  CG  . GLU A 1 8   ? 6.753   6.851   -0.646  1.00 28.38 ? 85   GLU A CG  1 
ATOM   52   C  CD  . GLU A 1 8   ? 7.284   8.254   -0.405  1.00 38.27 ? 85   GLU A CD  1 
ATOM   53   O  OE1 . GLU A 1 8   ? 8.491   8.454   -0.613  1.00 37.74 ? 85   GLU A OE1 1 
ATOM   54   O  OE2 . GLU A 1 8   ? 6.492   9.129   0.002   1.00 37.90 ? 85   GLU A OE2 1 
ATOM   55   N  N   . THR A 1 9   ? 7.330   3.368   2.075   1.00 17.32 ? 86   THR A N   1 
ATOM   56   C  CA  . THR A 1 9   ? 7.485   2.880   3.429   1.00 18.64 ? 86   THR A CA  1 
ATOM   57   C  C   . THR A 1 9   ? 7.748   4.086   4.336   1.00 20.93 ? 86   THR A C   1 
ATOM   58   O  O   . THR A 1 9   ? 8.418   5.021   3.922   1.00 27.48 ? 86   THR A O   1 
ATOM   59   C  CB  . THR A 1 9   ? 8.697   1.962   3.573   1.00 20.35 ? 86   THR A CB  1 
ATOM   60   O  OG1 . THR A 1 9   ? 9.791   2.622   2.893   1.00 25.41 ? 86   THR A OG1 1 
ATOM   61   C  CG2 . THR A 1 9   ? 8.520   0.635   2.876   1.00 24.21 ? 86   THR A CG2 1 
ATOM   62   N  N   . PHE A 1 10  ? 7.246   4.011   5.549   1.00 25.07 ? 87   PHE A N   1 
ATOM   63   C  CA  . PHE A 1 10  ? 7.689   5.112   6.442   1.00 26.05 ? 87   PHE A CA  1 
ATOM   64   C  C   . PHE A 1 10  ? 8.588   4.461   7.469   1.00 28.14 ? 87   PHE A C   1 
ATOM   65   O  O   . PHE A 1 10  ? 9.602   4.999   7.916   1.00 39.11 ? 87   PHE A O   1 
ATOM   66   C  CB  . PHE A 1 10  ? 6.443   5.848   6.886   1.00 30.01 ? 87   PHE A CB  1 
ATOM   67   C  CG  . PHE A 1 10  ? 5.942   6.796   5.795   1.00 34.37 ? 87   PHE A CG  1 
ATOM   68   C  CD1 . PHE A 1 10  ? 4.924   6.430   4.936   1.00 38.58 ? 87   PHE A CD1 1 
ATOM   69   C  CD2 . PHE A 1 10  ? 6.494   8.052   5.626   1.00 43.87 ? 87   PHE A CD2 1 
ATOM   70   C  CE1 . PHE A 1 10  ? 4.450   7.263   3.943   1.00 35.24 ? 87   PHE A CE1 1 
ATOM   71   C  CE2 . PHE A 1 10  ? 6.035   8.907   4.645   1.00 46.85 ? 87   PHE A CE2 1 
ATOM   72   C  CZ  . PHE A 1 10  ? 5.013   8.519   3.798   1.00 49.95 ? 87   PHE A CZ  1 
ATOM   73   N  N   . GLN A 1 11  ? 8.253   3.230   7.830   1.00 28.66 ? 88   GLN A N   1 
ATOM   74   C  CA  . GLN A 1 11  ? 9.084   2.511   8.803   1.00 37.85 ? 88   GLN A CA  1 
ATOM   75   C  C   . GLN A 1 11  ? 10.417  2.115   8.195   1.00 27.95 ? 88   GLN A C   1 
ATOM   76   O  O   . GLN A 1 11  ? 10.545  1.929   6.983   1.00 25.47 ? 88   GLN A O   1 
ATOM   77   C  CB  . GLN A 1 11  ? 8.270   1.307   9.278   1.00 38.59 ? 88   GLN A CB  1 
ATOM   78   C  CG  . GLN A 1 11  ? 9.056   0.213   9.975   1.00 52.72 ? 88   GLN A CG  1 
ATOM   79   C  CD  . GLN A 1 11  ? 8.796   0.252   11.476  1.00 64.16 ? 88   GLN A CD  1 
ATOM   80   O  OE1 . GLN A 1 11  ? 7.894   0.975   11.913  1.00 57.17 ? 88   GLN A OE1 1 
ATOM   81   N  NE2 . GLN A 1 11  ? 9.580   -0.517  12.222  1.00 59.50 ? 88   GLN A NE2 1 
ATOM   82   N  N   . LYS A 1 12  ? 11.474  1.958   8.993   1.00 31.18 ? 89   LYS A N   1 
ATOM   83   C  CA  . LYS A 1 12  ? 12.690  1.335   8.468   1.00 33.50 ? 89   LYS A CA  1 
ATOM   84   C  C   . LYS A 1 12  ? 12.620  -0.146  8.834   1.00 32.31 ? 89   LYS A C   1 
ATOM   85   O  O   . LYS A 1 12  ? 12.270  -0.475  9.968   1.00 46.00 ? 89   LYS A O   1 
ATOM   86   C  CB  . LYS A 1 12  ? 13.953  1.998   9.010   1.00 44.50 ? 89   LYS A CB  1 
ATOM   87   C  CG  . LYS A 1 12  ? 14.459  3.121   8.114   1.00 52.43 ? 89   LYS A CG  1 
ATOM   88   C  CD  . LYS A 1 12  ? 14.996  4.291   8.917   1.00 64.31 ? 89   LYS A CD  1 
ATOM   89   C  CE  . LYS A 1 12  ? 15.048  5.569   8.089   1.00 68.62 ? 89   LYS A CE  1 
ATOM   90   N  NZ  . LYS A 1 12  ? 14.438  6.722   8.813   1.00 61.29 ? 89   LYS A NZ  1 
ATOM   91   N  N   . TYR A 1 13  ? 12.894  -1.022  7.884   1.00 20.42 ? 90   TYR A N   1 
ATOM   92   C  CA  . TYR A 1 13  ? 12.817  -2.459  8.071   1.00 20.41 ? 90   TYR A CA  1 
ATOM   93   C  C   . TYR A 1 13  ? 14.193  -3.047  7.804   1.00 23.67 ? 90   TYR A C   1 
ATOM   94   O  O   . TYR A 1 13  ? 14.836  -2.626  6.838   1.00 25.64 ? 90   TYR A O   1 
ATOM   95   C  CB  . TYR A 1 13  ? 11.831  -3.109  7.103   1.00 21.50 ? 90   TYR A CB  1 
ATOM   96   C  CG  . TYR A 1 13  ? 10.390  -2.718  7.334   1.00 20.21 ? 90   TYR A CG  1 
ATOM   97   C  CD1 . TYR A 1 13  ? 9.838   -1.679  6.592   1.00 21.42 ? 90   TYR A CD1 1 
ATOM   98   C  CD2 . TYR A 1 13  ? 9.623   -3.392  8.260   1.00 21.26 ? 90   TYR A CD2 1 
ATOM   99   C  CE1 . TYR A 1 13  ? 8.530   -1.315  6.793   1.00 20.76 ? 90   TYR A CE1 1 
ATOM   100  C  CE2 . TYR A 1 13  ? 8.310   -3.032  8.463   1.00 24.96 ? 90   TYR A CE2 1 
ATOM   101  C  CZ  . TYR A 1 13  ? 7.780   -2.005  7.730   1.00 22.08 ? 90   TYR A CZ  1 
ATOM   102  O  OH  . TYR A 1 13  ? 6.467   -1.650  7.935   1.00 31.02 ? 90   TYR A OH  1 
ATOM   103  N  N   . THR A 1 14  ? 14.653  -4.017  8.602   1.00 19.91 ? 91   THR A N   1 
ATOM   104  C  CA  . THR A 1 14  ? 15.928  -4.630  8.234   1.00 28.68 ? 91   THR A CA  1 
ATOM   105  C  C   . THR A 1 14  ? 15.912  -5.241  6.849   1.00 23.98 ? 91   THR A C   1 
ATOM   106  O  O   . THR A 1 14  ? 16.908  -5.250  6.121   1.00 24.42 ? 91   THR A O   1 
ATOM   107  C  CB  . THR A 1 14  ? 16.314  -5.726  9.253   1.00 33.45 ? 91   THR A CB  1 
ATOM   108  O  OG1 . THR A 1 14  ? 16.501  -5.091  10.515  1.00 32.35 ? 91   THR A OG1 1 
ATOM   109  C  CG2 . THR A 1 14  ? 17.638  -6.343  8.833   1.00 39.94 ? 91   THR A CG2 1 
ATOM   110  N  N   . ILE A 1 15  ? 14.754  -5.765  6.423   1.00 21.37 ? 92   ILE A N   1 
ATOM   111  C  CA  . ILE A 1 15  ? 14.708  -6.502  5.162   1.00 19.00 ? 92   ILE A CA  1 
ATOM   112  C  C   . ILE A 1 15  ? 14.644  -5.611  3.927   1.00 16.69 ? 92   ILE A C   1 
ATOM   113  O  O   . ILE A 1 15  ? 14.791  -6.088  2.810   1.00 20.22 ? 92   ILE A O   1 
ATOM   114  C  CB  . ILE A 1 15  ? 13.491  -7.442  5.167   1.00 21.02 ? 92   ILE A CB  1 
ATOM   115  C  CG1 . ILE A 1 15  ? 12.191  -6.705  5.483   1.00 20.99 ? 92   ILE A CG1 1 
ATOM   116  C  CG2 . ILE A 1 15  ? 13.737  -8.594  6.135   1.00 31.56 ? 92   ILE A CG2 1 
ATOM   117  C  CD1 . ILE A 1 15  ? 10.923  -7.503  5.220   1.00 25.30 ? 92   ILE A CD1 1 
ATOM   118  N  N   . ASP A 1 16  ? 14.420  -4.322  4.188   1.00 20.45 ? 93   ASP A N   1 
ATOM   119  C  CA  . ASP A 1 16  ? 14.296  -3.398  3.046   1.00 21.99 ? 93   ASP A CA  1 
ATOM   120  C  C   . ASP A 1 16  ? 15.531  -2.498  2.990   1.00 16.50 ? 93   ASP A C   1 
ATOM   121  O  O   . ASP A 1 16  ? 15.590  -1.559  3.781   1.00 21.95 ? 93   ASP A O   1 
ATOM   122  C  CB  . ASP A 1 16  ? 12.991  -2.612  3.165   1.00 20.65 ? 93   ASP A CB  1 
ATOM   123  C  CG  . ASP A 1 16  ? 12.687  -1.833  1.898   1.00 31.33 ? 93   ASP A CG  1 
ATOM   124  O  OD1 . ASP A 1 16  ? 13.628  -1.584  1.121   1.00 22.02 ? 93   ASP A OD1 1 
ATOM   125  O  OD2 . ASP A 1 16  ? 11.515  -1.466  1.673   1.00 25.43 ? 93   ASP A OD2 1 
ATOM   126  N  N   . GLN A 1 17  ? 16.449  -2.869  2.097   1.00 15.47 ? 94   GLN A N   1 
ATOM   127  C  CA  . GLN A 1 17  ? 17.700  -2.116  1.996   1.00 22.80 ? 94   GLN A CA  1 
ATOM   128  C  C   . GLN A 1 17  ? 17.784  -1.389  0.668   1.00 22.74 ? 94   GLN A C   1 
ATOM   129  O  O   . GLN A 1 17  ? 18.846  -1.088  0.137   1.00 24.94 ? 94   GLN A O   1 
ATOM   130  C  CB  . GLN A 1 17  ? 18.896  -3.062  2.193   1.00 22.18 ? 94   GLN A CB  1 
ATOM   131  C  CG  . GLN A 1 17  ? 18.850  -3.722  3.575   1.00 24.14 ? 94   GLN A CG  1 
ATOM   132  C  CD  . GLN A 1 17  ? 19.174  -2.733  4.677   1.00 31.09 ? 94   GLN A CD  1 
ATOM   133  O  OE1 . GLN A 1 17  ? 19.853  -1.721  4.449   1.00 24.04 ? 94   GLN A OE1 1 
ATOM   134  N  NE2 . GLN A 1 17  ? 18.684  -3.019  5.876   1.00 28.21 ? 94   GLN A NE2 1 
ATOM   135  N  N   . LYS A 1 18  ? 16.613  -1.092  0.096   1.00 22.75 ? 95   LYS A N   1 
ATOM   136  C  CA  . LYS A 1 18  ? 16.648  -0.311  -1.160  1.00 21.81 ? 95   LYS A CA  1 
ATOM   137  C  C   . LYS A 1 18  ? 16.495  1.157   -0.772  1.00 21.35 ? 95   LYS A C   1 
ATOM   138  O  O   . LYS A 1 18  ? 15.483  1.629   -0.262  1.00 26.90 ? 95   LYS A O   1 
ATOM   139  C  CB  . LYS A 1 18  ? 15.592  -0.832  -2.118  1.00 23.64 ? 95   LYS A CB  1 
ATOM   140  C  CG  . LYS A 1 18  ? 15.361  -0.088  -3.424  1.00 29.90 ? 95   LYS A CG  1 
ATOM   141  C  CD  . LYS A 1 18  ? 14.317  -0.843  -4.243  1.00 32.27 ? 95   LYS A CD  1 
ATOM   142  C  CE  . LYS A 1 18  ? 13.702  0.000   -5.348  1.00 32.71 ? 95   LYS A CE  1 
ATOM   143  N  NZ  . LYS A 1 18  ? 14.712  0.657   -6.220  1.00 25.28 ? 95   LYS A NZ  1 
ATOM   144  N  N   . LYS A 1 19  ? 17.566  1.908   -0.982  1.00 22.66 ? 96   LYS A N   1 
ATOM   145  C  CA  . LYS A 1 19  ? 17.714  3.255   -0.475  1.00 24.85 ? 96   LYS A CA  1 
ATOM   146  C  C   . LYS A 1 19  ? 17.669  4.319   -1.565  1.00 25.78 ? 96   LYS A C   1 
ATOM   147  O  O   . LYS A 1 19  ? 17.768  5.494   -1.203  1.00 36.13 ? 96   LYS A O   1 
ATOM   148  C  CB  . LYS A 1 19  ? 19.036  3.370   0.322   1.00 29.41 ? 96   LYS A CB  1 
ATOM   149  C  CG  . LYS A 1 19  ? 19.023  2.504   1.580   1.00 37.22 ? 96   LYS A CG  1 
ATOM   150  C  CD  . LYS A 1 19  ? 20.417  2.184   2.091   1.00 48.24 ? 96   LYS A CD  1 
ATOM   151  C  CE  . LYS A 1 19  ? 21.393  1.934   0.959   1.00 56.73 ? 96   LYS A CE  1 
ATOM   152  N  NZ  . LYS A 1 19  ? 22.597  1.167   1.373   1.00 69.61 ? 96   LYS A NZ  1 
ATOM   153  N  N   . ASP A 1 20  ? 17.489  3.972   -2.833  1.00 28.78 ? 97   ASP A N   1 
ATOM   154  C  CA  . ASP A 1 20  ? 17.393  5.070   -3.809  1.00 37.12 ? 97   ASP A CA  1 
ATOM   155  C  C   . ASP A 1 20  ? 16.031  5.758   -3.726  1.00 39.64 ? 97   ASP A C   1 
ATOM   156  O  O   . ASP A 1 20  ? 15.894  6.923   -4.112  1.00 27.51 ? 97   ASP A O   1 
ATOM   157  C  CB  . ASP A 1 20  ? 17.673  4.578   -5.222  1.00 29.92 ? 97   ASP A CB  1 
ATOM   158  C  CG  . ASP A 1 20  ? 16.671  3.600   -5.777  1.00 33.14 ? 97   ASP A CG  1 
ATOM   159  O  OD1 . ASP A 1 20  ? 16.262  2.704   -5.009  1.00 33.21 ? 97   ASP A OD1 1 
ATOM   160  O  OD2 . ASP A 1 20  ? 16.277  3.674   -6.963  1.00 33.25 ? 97   ASP A OD2 1 
ATOM   161  N  N   . THR A 1 21  ? 15.015  5.060   -3.227  1.00 30.23 ? 98   THR A N   1 
ATOM   162  C  CA  . THR A 1 21  ? 13.679  5.664   -3.075  1.00 20.79 ? 98   THR A CA  1 
ATOM   163  C  C   . THR A 1 21  ? 12.901  4.835   -2.063  1.00 20.42 ? 98   THR A C   1 
ATOM   164  O  O   . THR A 1 21  ? 13.225  3.645   -1.958  1.00 22.87 ? 98   THR A O   1 
ATOM   165  C  CB  . THR A 1 21  ? 12.916  5.736   -4.403  1.00 23.94 ? 98   THR A CB  1 
ATOM   166  O  OG1 . THR A 1 21  ? 11.567  6.216   -4.193  1.00 23.78 ? 98   THR A OG1 1 
ATOM   167  C  CG2 . THR A 1 21  ? 12.790  4.364   -5.037  1.00 27.55 ? 98   THR A CG2 1 
ATOM   168  N  N   . ALA A 1 22  ? 11.923  5.402   -1.380  1.00 20.26 ? 99   ALA A N   1 
ATOM   169  C  CA  . ALA A 1 22  ? 11.108  4.610   -0.472  1.00 18.70 ? 99   ALA A CA  1 
ATOM   170  C  C   . ALA A 1 22  ? 9.802   4.226   -1.180  1.00 15.76 ? 99   ALA A C   1 
ATOM   171  O  O   . ALA A 1 22  ? 8.950   3.593   -0.535  1.00 18.48 ? 99   ALA A O   1 
ATOM   172  C  CB  . ALA A 1 22  ? 10.833  5.355   0.826   1.00 24.41 ? 99   ALA A CB  1 
ATOM   173  N  N   . VAL A 1 23  ? 9.625   4.615   -2.426  1.00 18.09 ? 100  VAL A N   1 
ATOM   174  C  CA  . VAL A 1 23  ? 8.374   4.325   -3.146  1.00 15.35 ? 100  VAL A CA  1 
ATOM   175  C  C   . VAL A 1 23  ? 8.317   2.832   -3.451  1.00 15.94 ? 100  VAL A C   1 
ATOM   176  O  O   . VAL A 1 23  ? 9.273   2.311   -4.027  1.00 20.92 ? 100  VAL A O   1 
ATOM   177  C  CB  . VAL A 1 23  ? 8.277   5.108   -4.467  1.00 18.14 ? 100  VAL A CB  1 
ATOM   178  C  CG1 . VAL A 1 23  ? 7.034   4.708   -5.276  1.00 18.94 ? 100  VAL A CG1 1 
ATOM   179  C  CG2 . VAL A 1 23  ? 8.277   6.608   -4.170  1.00 23.17 ? 100  VAL A CG2 1 
ATOM   180  N  N   . ARG A 1 24  ? 7.219   2.180   -3.090  1.00 16.09 ? 101  ARG A N   1 
ATOM   181  C  CA  . ARG A 1 24  ? 7.051   0.753   -3.341  1.00 15.19 ? 101  ARG A CA  1 
ATOM   182  C  C   . ARG A 1 24  ? 5.797   0.474   -4.151  1.00 17.95 ? 101  ARG A C   1 
ATOM   183  O  O   . ARG A 1 24  ? 5.446   -0.666  -4.495  1.00 18.21 ? 101  ARG A O   1 
ATOM   184  C  CB  . ARG A 1 24  ? 6.982   -0.026  -2.019  1.00 16.43 ? 101  ARG A CB  1 
ATOM   185  C  CG  . ARG A 1 24  ? 8.229   0.097   -1.159  1.00 17.28 ? 101  ARG A CG  1 
ATOM   186  C  CD  . ARG A 1 24  ? 9.388   -0.684  -1.787  1.00 17.48 ? 101  ARG A CD  1 
ATOM   187  N  NE  . ARG A 1 24  ? 10.609  -0.391  -0.972  1.00 20.25 ? 101  ARG A NE  1 
ATOM   188  C  CZ  . ARG A 1 24  ? 11.487  0.560   -1.204  1.00 20.99 ? 101  ARG A CZ  1 
ATOM   189  N  NH1 . ARG A 1 24  ? 12.534  0.714   -0.383  1.00 21.13 ? 101  ARG A NH1 1 
ATOM   190  N  NH2 . ARG A 1 24  ? 11.394  1.399   -2.233  1.00 22.70 ? 101  ARG A NH2 1 
ATOM   191  N  N   . GLY A 1 25  ? 5.048   1.531   -4.517  1.00 17.34 ? 102  GLY A N   1 
ATOM   192  C  CA  . GLY A 1 25  ? 3.888   1.199   -5.363  1.00 20.07 ? 102  GLY A CA  1 
ATOM   193  C  C   . GLY A 1 25  ? 3.111   2.460   -5.724  1.00 20.98 ? 102  GLY A C   1 
ATOM   194  O  O   . GLY A 1 25  ? 3.487   3.548   -5.276  1.00 19.17 ? 102  GLY A O   1 
ATOM   195  N  N   . LEU A 1 26  ? 2.079   2.309   -6.523  1.00 17.66 ? 103  LEU A N   1 
ATOM   196  C  CA  . LEU A 1 26  ? 1.247   3.443   -6.944  1.00 16.98 ? 103  LEU A CA  1 
ATOM   197  C  C   . LEU A 1 26  ? -0.197  2.984   -7.016  1.00 17.89 ? 103  LEU A C   1 
ATOM   198  O  O   . LEU A 1 26  ? -0.470  1.904   -7.526  1.00 19.71 ? 103  LEU A O   1 
ATOM   199  C  CB  . LEU A 1 26  ? 1.672   3.914   -8.323  1.00 17.58 ? 103  LEU A CB  1 
ATOM   200  C  CG  . LEU A 1 26  ? 0.878   5.013   -9.034  1.00 17.52 ? 103  LEU A CG  1 
ATOM   201  C  CD1 . LEU A 1 26  ? 1.017   6.317   -8.246  1.00 21.21 ? 103  LEU A CD1 1 
ATOM   202  C  CD2 . LEU A 1 26  ? 1.369   5.154   -10.464 1.00 21.49 ? 103  LEU A CD2 1 
ATOM   203  N  N   . ALA A 1 27  ? -1.101  3.807   -6.533  1.00 16.46 ? 104  ALA A N   1 
ATOM   204  C  CA  . ALA A 1 27  ? -2.513  3.572   -6.774  1.00 18.78 ? 104  ALA A CA  1 
ATOM   205  C  C   . ALA A 1 27  ? -3.032  4.715   -7.652  1.00 20.52 ? 104  ALA A C   1 
ATOM   206  O  O   . ALA A 1 27  ? -2.966  5.855   -7.191  1.00 21.30 ? 104  ALA A O   1 
ATOM   207  C  CB  . ALA A 1 27  ? -3.311  3.496   -5.492  1.00 21.06 ? 104  ALA A CB  1 
ATOM   208  N  N   . ARG A 1 28  ? -3.473  4.362   -8.856  1.00 20.83 ? 105  ARG A N   1 
ATOM   209  C  CA  . ARG A 1 28  ? -4.094  5.377   -9.710  1.00 20.45 ? 105  ARG A CA  1 
ATOM   210  C  C   . ARG A 1 28  ? -5.600  5.176   -9.557  1.00 19.29 ? 105  ARG A C   1 
ATOM   211  O  O   . ARG A 1 28  ? -6.098  4.050   -9.659  1.00 22.04 ? 105  ARG A O   1 
ATOM   212  C  CB  . ARG A 1 28  ? -3.644  5.241   -11.146 1.00 22.76 ? 105  ARG A CB  1 
ATOM   213  C  CG  . ARG A 1 28  ? -4.582  5.907   -12.149 1.00 33.09 ? 105  ARG A CG  1 
ATOM   214  C  CD  . ARG A 1 28  ? -3.877  6.421   -13.382 1.00 52.38 ? 105  ARG A CD  1 
ATOM   215  N  NE  . ARG A 1 28  ? -3.110  7.633   -13.164 1.00 66.29 ? 105  ARG A NE  1 
ATOM   216  C  CZ  . ARG A 1 28  ? -3.397  8.711   -12.464 1.00 72.26 ? 105  ARG A CZ  1 
ATOM   217  N  NH1 . ARG A 1 28  ? -2.498  9.698   -12.431 1.00 99.73 ? 105  ARG A NH1 1 
ATOM   218  N  NH2 . ARG A 1 28  ? -4.525  8.883   -11.785 1.00 51.08 ? 105  ARG A NH2 1 
ATOM   219  N  N   . ILE A 1 29  ? -6.339  6.245   -9.296  1.00 15.50 ? 106  ILE A N   1 
ATOM   220  C  CA  . ILE A 1 29  ? -7.735  6.085   -8.892  1.00 16.46 ? 106  ILE A CA  1 
ATOM   221  C  C   . ILE A 1 29  ? -8.603  6.857   -9.874  1.00 20.08 ? 106  ILE A C   1 
ATOM   222  O  O   . ILE A 1 29  ? -8.352  8.040   -10.112 1.00 21.29 ? 106  ILE A O   1 
ATOM   223  C  CB  . ILE A 1 29  ? -7.887  6.617   -7.459  1.00 21.74 ? 106  ILE A CB  1 
ATOM   224  C  CG1 . ILE A 1 29  ? -7.096  5.818   -6.415  1.00 19.76 ? 106  ILE A CG1 1 
ATOM   225  C  CG2 . ILE A 1 29  ? -9.344  6.738   -7.049  1.00 24.23 ? 106  ILE A CG2 1 
ATOM   226  C  CD1 . ILE A 1 29  ? -6.955  6.524   -5.079  1.00 22.47 ? 106  ILE A CD1 1 
ATOM   227  N  N   . VAL A 1 30  ? -9.595  6.219   -10.460 1.00 20.08 ? 107  VAL A N   1 
ATOM   228  C  CA  . VAL A 1 30  ? -10.461 6.908   -11.419 1.00 22.24 ? 107  VAL A CA  1 
ATOM   229  C  C   . VAL A 1 30  ? -11.915 6.593   -11.116 1.00 23.80 ? 107  VAL A C   1 
ATOM   230  O  O   . VAL A 1 30  ? -12.294 5.458   -10.876 1.00 22.74 ? 107  VAL A O   1 
ATOM   231  C  CB  . VAL A 1 30  ? -10.185 6.535   -12.883 1.00 28.63 ? 107  VAL A CB  1 
ATOM   232  C  CG1 . VAL A 1 30  ? -11.245 7.147   -13.799 1.00 35.42 ? 107  VAL A CG1 1 
ATOM   233  C  CG2 . VAL A 1 30  ? -8.792  6.988   -13.295 1.00 38.63 ? 107  VAL A CG2 1 
ATOM   234  N  N   . GLN A 1 31  ? -12.771 7.611   -11.095 1.00 21.73 ? 108  GLN A N   1 
ATOM   235  C  CA  . GLN A 1 31  ? -14.188 7.291   -10.901 1.00 20.76 ? 108  GLN A CA  1 
ATOM   236  C  C   . GLN A 1 31  ? -14.762 6.709   -12.173 1.00 21.62 ? 108  GLN A C   1 
ATOM   237  O  O   . GLN A 1 31  ? -14.558 7.262   -13.263 1.00 25.83 ? 108  GLN A O   1 
ATOM   238  C  CB  . GLN A 1 31  ? -14.930 8.551   -10.459 1.00 23.39 ? 108  GLN A CB  1 
ATOM   239  C  CG  . GLN A 1 31  ? -16.290 8.282   -9.847  1.00 29.26 ? 108  GLN A CG  1 
ATOM   240  C  CD  . GLN A 1 31  ? -16.849 9.423   -9.022  1.00 38.42 ? 108  GLN A CD  1 
ATOM   241  O  OE1 . GLN A 1 31  ? -16.146 10.233  -8.414  1.00 31.42 ? 108  GLN A OE1 1 
ATOM   242  N  NE2 . GLN A 1 31  ? -18.177 9.496   -8.974  1.00 35.32 ? 108  GLN A NE2 1 
ATOM   243  N  N   . VAL A 1 32  ? -15.497 5.601   -12.083 1.00 19.15 ? 109  VAL A N   1 
ATOM   244  C  CA  . VAL A 1 32  ? -15.963 4.913   -13.272 1.00 18.14 ? 109  VAL A CA  1 
ATOM   245  C  C   . VAL A 1 32  ? -17.502 4.775   -13.250 1.00 17.70 ? 109  VAL A C   1 
ATOM   246  O  O   . VAL A 1 32  ? -18.026 4.147   -14.164 1.00 21.27 ? 109  VAL A O   1 
ATOM   247  C  CB  . VAL A 1 32  ? -15.372 3.509   -13.424 1.00 16.47 ? 109  VAL A CB  1 
ATOM   248  C  CG1 . VAL A 1 32  ? -13.887 3.625   -13.791 1.00 17.04 ? 109  VAL A CG1 1 
ATOM   249  C  CG2 . VAL A 1 32  ? -15.573 2.722   -12.130 1.00 18.31 ? 109  VAL A CG2 1 
ATOM   250  N  N   . GLY A 1 33  ? -18.090 5.369   -12.234 1.00 20.85 ? 110  GLY A N   1 
ATOM   251  C  CA  . GLY A 1 33  ? -19.541 5.398   -12.082 1.00 27.49 ? 110  GLY A CA  1 
ATOM   252  C  C   . GLY A 1 33  ? -19.951 6.546   -11.184 1.00 27.62 ? 110  GLY A C   1 
ATOM   253  O  O   . GLY A 1 33  ? -19.062 7.134   -10.570 1.00 29.11 ? 110  GLY A O   1 
ATOM   254  N  N   . GLU A 1 34  ? -21.252 6.833   -11.119 1.00 23.60 ? 111  GLU A N   1 
ATOM   255  C  CA  . GLU A 1 34  ? -21.762 7.822   -10.179 1.00 30.38 ? 111  GLU A CA  1 
ATOM   256  C  C   . GLU A 1 34  ? -21.158 7.570   -8.800  1.00 28.82 ? 111  GLU A C   1 
ATOM   257  O  O   . GLU A 1 34  ? -20.602 8.490   -8.223  1.00 29.84 ? 111  GLU A O   1 
ATOM   258  C  CB  . GLU A 1 34  ? -23.291 7.822   -10.084 1.00 29.93 ? 111  GLU A CB  1 
ATOM   259  C  CG  . GLU A 1 34  ? -23.829 9.045   -9.334  1.00 32.82 ? 111  GLU A CG  1 
ATOM   260  C  CD  . GLU A 1 34  ? -25.334 9.171   -9.415  1.00 51.72 ? 111  GLU A CD  1 
ATOM   261  O  OE1 . GLU A 1 34  ? -25.962 8.280   -10.029 1.00 49.10 ? 111  GLU A OE1 1 
ATOM   262  O  OE2 . GLU A 1 34  ? -25.869 10.160  -8.868  1.00 46.86 ? 111  GLU A OE2 1 
ATOM   263  N  N   . ASN A 1 35  ? -21.244 6.319   -8.335  1.00 24.04 ? 112  ASN A N   1 
ATOM   264  C  CA  . ASN A 1 35  ? -20.640 6.055   -7.023  1.00 26.29 ? 112  ASN A CA  1 
ATOM   265  C  C   . ASN A 1 35  ? -19.716 4.849   -7.076  1.00 26.46 ? 112  ASN A C   1 
ATOM   266  O  O   . ASN A 1 35  ? -19.854 3.850   -6.368  1.00 29.03 ? 112  ASN A O   1 
ATOM   267  C  CB  . ASN A 1 35  ? -21.710 5.834   -5.953  1.00 23.79 ? 112  ASN A CB  1 
ATOM   268  C  CG  . ASN A 1 35  ? -22.236 7.158   -5.419  1.00 45.94 ? 112  ASN A CG  1 
ATOM   269  O  OD1 . ASN A 1 35  ? -21.535 7.957   -4.790  1.00 38.41 ? 112  ASN A OD1 1 
ATOM   270  N  ND2 . ASN A 1 35  ? -23.520 7.390   -5.680  1.00 75.38 ? 112  ASN A ND2 1 
ATOM   271  N  N   . LYS A 1 36  ? -18.715 4.908   -7.939  1.00 22.86 ? 113  LYS A N   1 
ATOM   272  C  CA  . LYS A 1 36  ? -17.869 3.720   -8.068  1.00 21.34 ? 113  LYS A CA  1 
ATOM   273  C  C   . LYS A 1 36  ? -16.491 4.197   -8.494  1.00 18.88 ? 113  LYS A C   1 
ATOM   274  O  O   . LYS A 1 36  ? -16.408 4.992   -9.434  1.00 20.97 ? 113  LYS A O   1 
ATOM   275  C  CB  . LYS A 1 36  ? -18.448 2.767   -9.099  1.00 22.16 ? 113  LYS A CB  1 
ATOM   276  C  CG  . LYS A 1 36  ? -17.653 1.471   -9.281  1.00 27.19 ? 113  LYS A CG  1 
ATOM   277  C  CD  . LYS A 1 36  ? -18.501 0.497   -10.083 1.00 32.59 ? 113  LYS A CD  1 
ATOM   278  C  CE  . LYS A 1 36  ? -18.092 -0.933  -9.794  1.00 37.91 ? 113  LYS A CE  1 
ATOM   279  N  NZ  . LYS A 1 36  ? -19.090 -1.896  -10.333 1.00 37.41 ? 113  LYS A NZ  1 
ATOM   280  N  N   . THR A 1 37  ? -15.442 3.711   -7.803  1.00 16.21 ? 114  THR A N   1 
ATOM   281  C  CA  . THR A 1 37  ? -14.089 4.064   -8.213  1.00 16.75 ? 114  THR A CA  1 
ATOM   282  C  C   . THR A 1 37  ? -13.256 2.822   -8.528  1.00 21.97 ? 114  THR A C   1 
ATOM   283  O  O   . THR A 1 37  ? -13.416 1.785   -7.881  1.00 19.24 ? 114  THR A O   1 
ATOM   284  C  CB  . THR A 1 37  ? -13.392 4.878   -7.112  1.00 21.41 ? 114  THR A CB  1 
ATOM   285  O  OG1 . THR A 1 37  ? -13.545 4.220   -5.859  1.00 30.52 ? 114  THR A OG1 1 
ATOM   286  C  CG2 . THR A 1 37  ? -14.094 6.232   -7.003  1.00 24.97 ? 114  THR A CG2 1 
ATOM   287  N  N   . LEU A 1 38  ? -12.400 2.962   -9.528  1.00 22.56 ? 115  LEU A N   1 
ATOM   288  C  CA  . LEU A 1 38  ? -11.471 1.939   -9.975  1.00 18.57 ? 115  LEU A CA  1 
ATOM   289  C  C   . LEU A 1 38  ? -10.094 2.230   -9.383  1.00 19.24 ? 115  LEU A C   1 
ATOM   290  O  O   . LEU A 1 38  ? -9.687  3.393   -9.395  1.00 21.88 ? 115  LEU A O   1 
ATOM   291  C  CB  . LEU A 1 38  ? -11.394 1.918   -11.508 1.00 20.70 ? 115  LEU A CB  1 
ATOM   292  C  CG  . LEU A 1 38  ? -10.281 1.028   -12.085 1.00 22.93 ? 115  LEU A CG  1 
ATOM   293  C  CD1 . LEU A 1 38  ? -10.761 -0.416  -11.982 1.00 32.81 ? 115  LEU A CD1 1 
ATOM   294  C  CD2 . LEU A 1 38  ? -9.924  1.433   -13.498 1.00 31.62 ? 115  LEU A CD2 1 
ATOM   295  N  N   . PHE A 1 39  ? -9.405  1.224   -8.866  1.00 16.57 ? 116  PHE A N   1 
ATOM   296  C  CA  . PHE A 1 39  ? -8.067  1.461   -8.301  1.00 15.64 ? 116  PHE A CA  1 
ATOM   297  C  C   . PHE A 1 39  ? -7.087  0.600   -9.092  1.00 15.97 ? 116  PHE A C   1 
ATOM   298  O  O   . PHE A 1 39  ? -7.169  -0.638  -9.099  1.00 20.57 ? 116  PHE A O   1 
ATOM   299  C  CB  . PHE A 1 39  ? -7.966  1.080   -6.841  1.00 17.90 ? 116  PHE A CB  1 
ATOM   300  C  CG  . PHE A 1 39  ? -8.871  1.838   -5.889  1.00 14.77 ? 116  PHE A CG  1 
ATOM   301  C  CD1 . PHE A 1 39  ? -10.240 1.627   -5.915  1.00 17.39 ? 116  PHE A CD1 1 
ATOM   302  C  CD2 . PHE A 1 39  ? -8.397  2.748   -4.974  1.00 22.84 ? 116  PHE A CD2 1 
ATOM   303  C  CE1 . PHE A 1 39  ? -11.104 2.297   -5.084  1.00 20.01 ? 116  PHE A CE1 1 
ATOM   304  C  CE2 . PHE A 1 39  ? -9.261  3.452   -4.141  1.00 25.03 ? 116  PHE A CE2 1 
ATOM   305  C  CZ  . PHE A 1 39  ? -10.633 3.238   -4.186  1.00 21.15 ? 116  PHE A CZ  1 
ATOM   306  N  N   . ASP A 1 40  ? -6.185  1.254   -9.776  1.00 16.07 ? 117  ASP A N   1 
ATOM   307  C  CA  . ASP A 1 40  ? -5.202  0.597   -10.627 1.00 16.75 ? 117  ASP A CA  1 
ATOM   308  C  C   . ASP A 1 40  ? -3.913  0.530   -9.814  1.00 20.92 ? 117  ASP A C   1 
ATOM   309  O  O   . ASP A 1 40  ? -3.288  1.570   -9.641  1.00 19.22 ? 117  ASP A O   1 
ATOM   310  C  CB  . ASP A 1 40  ? -5.016  1.362   -11.916 1.00 16.62 ? 117  ASP A CB  1 
ATOM   311  C  CG  . ASP A 1 40  ? -3.942  0.831   -12.833 1.00 23.25 ? 117  ASP A CG  1 
ATOM   312  O  OD1 . ASP A 1 40  ? -3.181  -0.087  -12.485 1.00 25.70 ? 117  ASP A OD1 1 
ATOM   313  O  OD2 . ASP A 1 40  ? -3.862  1.379   -13.960 1.00 34.42 ? 117  ASP A OD2 1 
ATOM   314  N  N   . ILE A 1 41  ? -3.623  -0.653  -9.283  1.00 15.93 ? 118  ILE A N   1 
ATOM   315  C  CA  . ILE A 1 41  ? -2.551  -0.723  -8.299  1.00 18.30 ? 118  ILE A CA  1 
ATOM   316  C  C   . ILE A 1 41  ? -1.365  -1.495  -8.842  1.00 19.60 ? 118  ILE A C   1 
ATOM   317  O  O   . ILE A 1 41  ? -1.516  -2.566  -9.412  1.00 17.94 ? 118  ILE A O   1 
ATOM   318  C  CB  . ILE A 1 41  ? -3.076  -1.383  -7.015  1.00 21.14 ? 118  ILE A CB  1 
ATOM   319  C  CG1 . ILE A 1 41  ? -4.103  -0.477  -6.291  1.00 21.53 ? 118  ILE A CG1 1 
ATOM   320  C  CG2 . ILE A 1 41  ? -1.977  -1.808  -6.052  1.00 23.65 ? 118  ILE A CG2 1 
ATOM   321  C  CD1 . ILE A 1 41  ? -5.207  -1.290  -5.646  1.00 30.21 ? 118  ILE A CD1 1 
ATOM   322  N  N   . THR A 1 42  ? -0.187  -0.899  -8.642  1.00 15.73 ? 119  THR A N   1 
ATOM   323  C  CA  . THR A 1 42  ? 1.044   -1.624  -8.971  1.00 17.26 ? 119  THR A CA  1 
ATOM   324  C  C   . THR A 1 42  ? 1.946   -1.541  -7.737  1.00 19.34 ? 119  THR A C   1 
ATOM   325  O  O   . THR A 1 42  ? 1.896   -0.588  -6.975  1.00 17.36 ? 119  THR A O   1 
ATOM   326  C  CB  . THR A 1 42  ? 1.785   -1.117  -10.206 1.00 19.28 ? 119  THR A CB  1 
ATOM   327  O  OG1 . THR A 1 42  ? 2.071   0.288   -10.083 1.00 20.62 ? 119  THR A OG1 1 
ATOM   328  C  CG2 . THR A 1 42  ? 0.889   -1.305  -11.435 1.00 20.46 ? 119  THR A CG2 1 
ATOM   329  N  N   . VAL A 1 43  ? 2.732   -2.595  -7.557  1.00 19.63 ? 120  VAL A N   1 
ATOM   330  C  CA  . VAL A 1 43  ? 3.704   -2.732  -6.475  1.00 13.86 ? 120  VAL A CA  1 
ATOM   331  C  C   . VAL A 1 43  ? 5.042   -3.076  -7.109  1.00 15.33 ? 120  VAL A C   1 
ATOM   332  O  O   . VAL A 1 43  ? 5.090   -3.834  -8.073  1.00 15.45 ? 120  VAL A O   1 
ATOM   333  C  CB  . VAL A 1 43  ? 3.281   -3.851  -5.526  1.00 16.34 ? 120  VAL A CB  1 
ATOM   334  C  CG1 . VAL A 1 43  ? 4.302   -4.096  -4.409  1.00 17.76 ? 120  VAL A CG1 1 
ATOM   335  C  CG2 . VAL A 1 43  ? 1.929   -3.505  -4.908  1.00 21.06 ? 120  VAL A CG2 1 
ATOM   336  N  N   . ASN A 1 44  ? 6.102   -2.491  -6.521  1.00 17.65 ? 121  ASN A N   1 
ATOM   337  C  CA  . ASN A 1 44  ? 7.434   -2.847  -6.993  1.00 15.53 ? 121  ASN A CA  1 
ATOM   338  C  C   . ASN A 1 44  ? 8.486   -2.691  -5.912  1.00 19.66 ? 121  ASN A C   1 
ATOM   339  O  O   . ASN A 1 44  ? 8.402   -1.737  -5.142  1.00 22.44 ? 121  ASN A O   1 
ATOM   340  C  CB  . ASN A 1 44  ? 7.816   -1.964  -8.194  1.00 18.35 ? 121  ASN A CB  1 
ATOM   341  C  CG  . ASN A 1 44  ? 9.148   -2.389  -8.787  1.00 28.22 ? 121  ASN A CG  1 
ATOM   342  O  OD1 . ASN A 1 44  ? 10.133  -1.647  -8.820  1.00 34.28 ? 121  ASN A OD1 1 
ATOM   343  N  ND2 . ASN A 1 44  ? 9.163   -3.634  -9.217  1.00 21.14 ? 121  ASN A ND2 1 
ATOM   344  N  N   . GLY A 1 45  ? 9.465   -3.610  -5.866  1.00 16.48 ? 122  GLY A N   1 
ATOM   345  C  CA  . GLY A 1 45  ? 10.565  -3.424  -4.938  1.00 18.57 ? 122  GLY A CA  1 
ATOM   346  C  C   . GLY A 1 45  ? 10.333  -3.952  -3.542  1.00 21.63 ? 122  GLY A C   1 
ATOM   347  O  O   . GLY A 1 45  ? 11.096  -3.603  -2.632  1.00 19.36 ? 122  GLY A O   1 
ATOM   348  N  N   . VAL A 1 46  ? 9.313   -4.784  -3.288  1.00 16.23 ? 123  VAL A N   1 
ATOM   349  C  CA  . VAL A 1 46  ? 9.083   -5.256  -1.909  1.00 14.86 ? 123  VAL A CA  1 
ATOM   350  C  C   . VAL A 1 46  ? 9.916   -6.520  -1.684  1.00 18.54 ? 123  VAL A C   1 
ATOM   351  O  O   . VAL A 1 46  ? 10.112  -7.319  -2.597  1.00 18.11 ? 123  VAL A O   1 
ATOM   352  C  CB  . VAL A 1 46  ? 7.604   -5.538  -1.607  1.00 18.11 ? 123  VAL A CB  1 
ATOM   353  C  CG1 . VAL A 1 46  ? 6.776   -4.265  -1.763  1.00 21.65 ? 123  VAL A CG1 1 
ATOM   354  C  CG2 . VAL A 1 46  ? 7.064   -6.648  -2.508  1.00 16.28 ? 123  VAL A CG2 1 
ATOM   355  N  N   . PRO A 1 47  ? 10.493  -6.659  -0.494  1.00 18.39 ? 124  PRO A N   1 
ATOM   356  C  CA  . PRO A 1 47  ? 11.422  -7.787  -0.276  1.00 15.36 ? 124  PRO A CA  1 
ATOM   357  C  C   . PRO A 1 47  ? 10.799  -9.173  -0.176  1.00 16.57 ? 124  PRO A C   1 
ATOM   358  O  O   . PRO A 1 47  ? 11.494  -10.119 -0.619  1.00 17.01 ? 124  PRO A O   1 
ATOM   359  C  CB  . PRO A 1 47  ? 12.071  -7.480  1.077   1.00 17.22 ? 124  PRO A CB  1 
ATOM   360  C  CG  . PRO A 1 47  ? 11.543  -6.182  1.523   1.00 20.52 ? 124  PRO A CG  1 
ATOM   361  C  CD  . PRO A 1 47  ? 10.435  -5.732  0.633   1.00 21.72 ? 124  PRO A CD  1 
ATOM   362  N  N   . GLU A 1 48  ? 9.583   -9.296  0.327   1.00 16.78 ? 125  GLU A N   1 
ATOM   363  C  CA  . GLU A 1 48  ? 9.034   -10.650 0.480   1.00 13.34 ? 125  GLU A CA  1 
ATOM   364  C  C   . GLU A 1 48  ? 7.923   -10.958 -0.496  1.00 18.09 ? 125  GLU A C   1 
ATOM   365  O  O   . GLU A 1 48  ? 6.973   -10.169 -0.647  1.00 20.70 ? 125  GLU A O   1 
ATOM   366  C  CB  . GLU A 1 48  ? 8.458   -10.806 1.895   1.00 15.21 ? 125  GLU A CB  1 
ATOM   367  C  CG  . GLU A 1 48  ? 9.553   -10.712 2.937   1.00 21.79 ? 125  GLU A CG  1 
ATOM   368  C  CD  . GLU A 1 48  ? 9.173   -10.868 4.378   1.00 22.47 ? 125  GLU A CD  1 
ATOM   369  O  OE1 . GLU A 1 48  ? 7.986   -10.824 4.749   1.00 18.69 ? 125  GLU A OE1 1 
ATOM   370  O  OE2 . GLU A 1 48  ? 10.133  -11.043 5.166   1.00 24.54 ? 125  GLU A OE2 1 
ATOM   371  N  N   . ALA A 1 49  ? 7.968   -12.115 -1.134  1.00 16.69 ? 126  ALA A N   1 
ATOM   372  C  CA  . ALA A 1 49  ? 6.823   -12.453 -2.010  1.00 16.98 ? 126  ALA A CA  1 
ATOM   373  C  C   . ALA A 1 49  ? 5.607   -12.765 -1.158  1.00 16.47 ? 126  ALA A C   1 
ATOM   374  O  O   . ALA A 1 49  ? 5.791   -13.188 -0.015  1.00 18.08 ? 126  ALA A O   1 
ATOM   375  C  CB  . ALA A 1 49  ? 7.151   -13.645 -2.892  1.00 20.18 ? 126  ALA A CB  1 
ATOM   376  N  N   . GLY A 1 50  ? 4.414   -12.563 -1.713  1.00 15.70 ? 127  GLY A N   1 
ATOM   377  C  CA  . GLY A 1 50  ? 3.245   -13.077 -0.979  1.00 15.94 ? 127  GLY A CA  1 
ATOM   378  C  C   . GLY A 1 50  ? 1.987   -12.317 -1.387  1.00 17.68 ? 127  GLY A C   1 
ATOM   379  O  O   . GLY A 1 50  ? 2.025   -11.534 -2.342  1.00 18.83 ? 127  GLY A O   1 
ATOM   380  N  N   . ASN A 1 51  ? 0.929   -12.582 -0.630  1.00 15.23 ? 128  ASN A N   1 
ATOM   381  C  CA  . ASN A 1 51  ? -0.320  -11.871 -0.867  1.00 15.71 ? 128  ASN A CA  1 
ATOM   382  C  C   . ASN A 1 51  ? -0.353  -10.625 0.016   1.00 15.45 ? 128  ASN A C   1 
ATOM   383  O  O   . ASN A 1 51  ? -0.301  -10.689 1.248   1.00 17.96 ? 128  ASN A O   1 
ATOM   384  C  CB  . ASN A 1 51  ? -1.529  -12.732 -0.509  1.00 16.47 ? 128  ASN A CB  1 
ATOM   385  C  CG  . ASN A 1 51  ? -1.902  -13.697 -1.614  1.00 18.26 ? 128  ASN A CG  1 
ATOM   386  O  OD1 . ASN A 1 51  ? -1.111  -13.982 -2.502  1.00 21.50 ? 128  ASN A OD1 1 
ATOM   387  N  ND2 . ASN A 1 51  ? -3.120  -14.225 -1.562  1.00 21.05 ? 128  ASN A ND2 1 
ATOM   388  N  N   . TYR A 1 52  ? -0.492  -9.461  -0.628  1.00 14.81 ? 129  TYR A N   1 
ATOM   389  C  CA  . TYR A 1 52  ? -0.559  -8.194  0.104   1.00 17.26 ? 129  TYR A CA  1 
ATOM   390  C  C   . TYR A 1 52  ? -2.014  -7.723  0.130   1.00 20.52 ? 129  TYR A C   1 
ATOM   391  O  O   . TYR A 1 52  ? -2.789  -8.134  -0.736  1.00 20.96 ? 129  TYR A O   1 
ATOM   392  C  CB  . TYR A 1 52  ? 0.315   -7.159  -0.593  1.00 15.61 ? 129  TYR A CB  1 
ATOM   393  C  CG  . TYR A 1 52  ? 1.799   -7.396  -0.355  1.00 14.25 ? 129  TYR A CG  1 
ATOM   394  C  CD1 . TYR A 1 52  ? 2.427   -8.487  -0.963  1.00 14.37 ? 129  TYR A CD1 1 
ATOM   395  C  CD2 . TYR A 1 52  ? 2.486   -6.546  0.473   1.00 16.26 ? 129  TYR A CD2 1 
ATOM   396  C  CE1 . TYR A 1 52  ? 3.792   -8.651  -0.695  1.00 20.39 ? 129  TYR A CE1 1 
ATOM   397  C  CE2 . TYR A 1 52  ? 3.840   -6.716  0.733   1.00 15.89 ? 129  TYR A CE2 1 
ATOM   398  C  CZ  . TYR A 1 52  ? 4.465   -7.790  0.121   1.00 18.47 ? 129  TYR A CZ  1 
ATOM   399  O  OH  . TYR A 1 52  ? 5.824   -7.980  0.384   1.00 17.87 ? 129  TYR A OH  1 
ATOM   400  N  N   . HIS A 1 53  ? -2.360  -6.905  1.123   1.00 17.16 ? 130  HIS A N   1 
ATOM   401  C  CA  . HIS A 1 53  ? -3.773  -6.566  1.311   1.00 17.64 ? 130  HIS A CA  1 
ATOM   402  C  C   . HIS A 1 53  ? -3.892  -5.048  1.352   1.00 18.01 ? 130  HIS A C   1 
ATOM   403  O  O   . HIS A 1 53  ? -3.024  -4.422  1.947   1.00 19.64 ? 130  HIS A O   1 
ATOM   404  C  CB  . HIS A 1 53  ? -4.319  -7.173  2.604   1.00 22.70 ? 130  HIS A CB  1 
ATOM   405  C  CG  . HIS A 1 53  ? -4.086  -8.659  2.646   1.00 37.67 ? 130  HIS A CG  1 
ATOM   406  N  ND1 . HIS A 1 53  ? -4.928  -9.552  2.028   1.00 32.60 ? 130  HIS A ND1 1 
ATOM   407  C  CD2 . HIS A 1 53  ? -3.105  -9.403  3.213   1.00 41.82 ? 130  HIS A CD2 1 
ATOM   408  C  CE1 . HIS A 1 53  ? -4.481  -10.781 2.219   1.00 37.76 ? 130  HIS A CE1 1 
ATOM   409  N  NE2 . HIS A 1 53  ? -3.374  -10.730 2.938   1.00 34.68 ? 130  HIS A NE2 1 
ATOM   410  N  N   . ALA A 1 54  ? -4.944  -4.527  0.730   1.00 18.91 ? 131  ALA A N   1 
ATOM   411  C  CA  . ALA A 1 54  ? -5.109  -3.076  0.664   1.00 15.87 ? 131  ALA A CA  1 
ATOM   412  C  C   . ALA A 1 54  ? -6.261  -2.635  1.549   1.00 16.45 ? 131  ALA A C   1 
ATOM   413  O  O   . ALA A 1 54  ? -7.283  -3.291  1.677   1.00 16.65 ? 131  ALA A O   1 
ATOM   414  C  CB  . ALA A 1 54  ? -5.417  -2.596  -0.745  1.00 17.43 ? 131  ALA A CB  1 
ATOM   415  N  N   . SER A 1 55  ? -6.087  -1.458  2.131   1.00 15.92 ? 132  SER A N   1 
ATOM   416  C  CA  . SER A 1 55  ? -7.180  -0.827  2.872   1.00 17.54 ? 132  SER A CA  1 
ATOM   417  C  C   . SER A 1 55  ? -7.034  0.678   2.733   1.00 22.08 ? 132  SER A C   1 
ATOM   418  O  O   . SER A 1 55  ? -5.981  1.197   2.334   1.00 18.71 ? 132  SER A O   1 
ATOM   419  C  CB  . SER A 1 55  ? -7.119  -1.276  4.326   1.00 22.79 ? 132  SER A CB  1 
ATOM   420  O  OG  . SER A 1 55  ? -5.831  -0.937  4.834   1.00 24.16 ? 132  SER A OG  1 
ATOM   421  N  N   . ILE A 1 56  ? -8.124  1.375   3.080   1.00 16.22 ? 133  ILE A N   1 
ATOM   422  C  CA  . ILE A 1 56  ? -8.014  2.840   3.172   1.00 18.03 ? 133  ILE A CA  1 
ATOM   423  C  C   . ILE A 1 56  ? -8.253  3.190   4.629   1.00 22.86 ? 133  ILE A C   1 
ATOM   424  O  O   . ILE A 1 56  ? -9.229  2.677   5.191   1.00 19.27 ? 133  ILE A O   1 
ATOM   425  C  CB  . ILE A 1 56  ? -9.026  3.531   2.256   1.00 22.69 ? 133  ILE A CB  1 
ATOM   426  C  CG1 . ILE A 1 56  ? -8.807  3.265   0.760   1.00 24.80 ? 133  ILE A CG1 1 
ATOM   427  C  CG2 . ILE A 1 56  ? -9.037  5.022   2.563   1.00 22.49 ? 133  ILE A CG2 1 
ATOM   428  C  CD1 . ILE A 1 56  ? -10.050 3.491   -0.071  1.00 27.88 ? 133  ILE A CD1 1 
ATOM   429  N  N   . HIS A 1 57  ? -7.367  3.959   5.236   1.00 20.46 ? 134  HIS A N   1 
ATOM   430  C  CA  . HIS A 1 57  ? -7.464  4.212   6.673   1.00 22.36 ? 134  HIS A CA  1 
ATOM   431  C  C   . HIS A 1 57  ? -8.090  5.596   6.871   1.00 25.46 ? 134  HIS A C   1 
ATOM   432  O  O   . HIS A 1 57  ? -8.160  6.360   5.916   1.00 20.23 ? 134  HIS A O   1 
ATOM   433  C  CB  . HIS A 1 57  ? -6.138  4.132   7.427   1.00 23.69 ? 134  HIS A CB  1 
ATOM   434  C  CG  . HIS A 1 57  ? -5.719  2.731   7.745   1.00 24.86 ? 134  HIS A CG  1 
ATOM   435  N  ND1 . HIS A 1 57  ? -5.471  2.290   9.025   1.00 27.23 ? 134  HIS A ND1 1 
ATOM   436  C  CD2 . HIS A 1 57  ? -5.528  1.650   6.952   1.00 24.23 ? 134  HIS A CD2 1 
ATOM   437  C  CE1 . HIS A 1 57  ? -5.137  1.014   9.007   1.00 27.64 ? 134  HIS A CE1 1 
ATOM   438  N  NE2 . HIS A 1 57  ? -5.155  0.598   7.753   1.00 26.23 ? 134  HIS A NE2 1 
ATOM   439  N  N   . GLU A 1 58  ? -8.547  5.869   8.095   1.00 24.75 ? 135  GLU A N   1 
ATOM   440  C  CA  . GLU A 1 58  ? -9.416  7.033   8.240   1.00 23.06 ? 135  GLU A CA  1 
ATOM   441  C  C   . GLU A 1 58  ? -8.679  8.360   8.108   1.00 24.71 ? 135  GLU A C   1 
ATOM   442  O  O   . GLU A 1 58  ? -9.287  9.283   7.556   1.00 30.88 ? 135  GLU A O   1 
ATOM   443  C  CB  . GLU A 1 58  ? -10.151 7.008   9.588   1.00 29.28 ? 135  GLU A CB  1 
ATOM   444  C  CG  . GLU A 1 58  ? -9.326  6.591   10.786  1.00 26.10 ? 135  GLU A CG  1 
ATOM   445  C  CD  . GLU A 1 58  ? -10.168 6.526   12.051  1.00 41.75 ? 135  GLU A CD  1 
ATOM   446  O  OE1 . GLU A 1 58  ? -9.605  6.113   13.082  1.00 44.75 ? 135  GLU A OE1 1 
ATOM   447  O  OE2 . GLU A 1 58  ? -11.366 6.873   11.995  1.00 43.92 ? 135  GLU A OE2 1 
ATOM   448  N  N   . LYS A 1 59  ? -7.450  8.464   8.600   1.00 24.46 ? 136  LYS A N   1 
ATOM   449  C  CA  . LYS A 1 59  ? -6.719  9.724   8.620   1.00 25.02 ? 136  LYS A CA  1 
ATOM   450  C  C   . LYS A 1 59  ? -5.636  9.791   7.551   1.00 33.73 ? 136  LYS A C   1 
ATOM   451  O  O   . LYS A 1 59  ? -5.085  8.758   7.179   1.00 33.81 ? 136  LYS A O   1 
ATOM   452  C  CB  . LYS A 1 59  ? -6.039  9.926   9.983   1.00 23.81 ? 136  LYS A CB  1 
ATOM   453  C  CG  . LYS A 1 59  ? -6.982  9.900   11.170  1.00 26.83 ? 136  LYS A CG  1 
ATOM   454  C  CD  . LYS A 1 59  ? -6.508  10.802  12.293  1.00 33.72 ? 136  LYS A CD  1 
ATOM   455  C  CE  . LYS A 1 59  ? -6.639  10.102  13.636  1.00 36.87 ? 136  LYS A CE  1 
ATOM   456  N  NZ  . LYS A 1 59  ? -5.884  8.817   13.644  1.00 68.99 ? 136  LYS A NZ  1 
ATOM   457  N  N   . GLY A 1 60  ? -5.343  10.998  7.094   1.00 31.01 ? 137  GLY A N   1 
ATOM   458  C  CA  . GLY A 1 60  ? -4.251  11.259  6.177   1.00 30.78 ? 137  GLY A CA  1 
ATOM   459  C  C   . GLY A 1 60  ? -2.961  11.548  6.916   1.00 31.60 ? 137  GLY A C   1 
ATOM   460  O  O   . GLY A 1 60  ? -2.055  12.164  6.351   1.00 58.20 ? 137  GLY A O   1 
ATOM   461  N  N   . ASP A 1 61  ? -2.834  11.130  8.170   1.00 35.30 ? 138  ASP A N   1 
ATOM   462  C  CA  . ASP A 1 61  ? -1.625  11.414  8.940   1.00 31.89 ? 138  ASP A CA  1 
ATOM   463  C  C   . ASP A 1 61  ? -0.660  10.229  8.856   1.00 32.90 ? 138  ASP A C   1 
ATOM   464  O  O   . ASP A 1 61  ? -0.895  9.215   9.513   1.00 34.73 ? 138  ASP A O   1 
ATOM   465  C  CB  . ASP A 1 61  ? -1.997  11.743  10.385  1.00 38.09 ? 138  ASP A CB  1 
ATOM   466  C  CG  . ASP A 1 61  ? -0.825  11.975  11.310  1.00 42.44 ? 138  ASP A CG  1 
ATOM   467  O  OD1 . ASP A 1 61  ? 0.346   11.859  10.892  1.00 38.17 ? 138  ASP A OD1 1 
ATOM   468  O  OD2 . ASP A 1 61  ? -1.054  12.278  12.502  1.00 50.89 ? 138  ASP A OD2 1 
ATOM   469  N  N   . VAL A 1 62  ? 0.411   10.354  8.066   1.00 31.81 ? 139  VAL A N   1 
ATOM   470  C  CA  . VAL A 1 62  ? 1.402   9.302   7.915   1.00 35.84 ? 139  VAL A CA  1 
ATOM   471  C  C   . VAL A 1 62  ? 2.684   9.690   8.657   1.00 27.65 ? 139  VAL A C   1 
ATOM   472  O  O   . VAL A 1 62  ? 3.753   9.194   8.301   1.00 34.46 ? 139  VAL A O   1 
ATOM   473  C  CB  . VAL A 1 62  ? 1.802   8.982   6.465   1.00 41.65 ? 139  VAL A CB  1 
ATOM   474  C  CG1 . VAL A 1 62  ? 0.682   8.290   5.696   1.00 36.67 ? 139  VAL A CG1 1 
ATOM   475  C  CG2 . VAL A 1 62  ? 2.245   10.252  5.737   1.00 51.12 ? 139  VAL A CG2 1 
ATOM   476  N  N   . SER A 1 63  ? 2.571   10.576  9.658   1.00 28.64 ? 140  SER A N   1 
ATOM   477  C  CA  . SER A 1 63  ? 3.806   10.949  10.353  1.00 30.56 ? 140  SER A CA  1 
ATOM   478  C  C   . SER A 1 63  ? 4.471   9.732   10.976  1.00 37.63 ? 140  SER A C   1 
ATOM   479  O  O   . SER A 1 63  ? 5.690   9.696   11.100  1.00 40.21 ? 140  SER A O   1 
ATOM   480  C  CB  . SER A 1 63  ? 3.549   11.982  11.442  1.00 35.58 ? 140  SER A CB  1 
ATOM   481  O  OG  . SER A 1 63  ? 2.640   11.556  12.430  1.00 33.65 ? 140  SER A OG  1 
ATOM   482  N  N   . LYS A 1 64  ? 3.685   8.748   11.402  1.00 29.99 ? 141  LYS A N   1 
ATOM   483  C  CA  . LYS A 1 64  ? 4.243   7.579   12.083  1.00 33.28 ? 141  LYS A CA  1 
ATOM   484  C  C   . LYS A 1 64  ? 3.919   6.320   11.291  1.00 40.42 ? 141  LYS A C   1 
ATOM   485  O  O   . LYS A 1 64  ? 3.781   5.218   11.825  1.00 31.61 ? 141  LYS A O   1 
ATOM   486  C  CB  . LYS A 1 64  ? 3.692   7.494   13.504  1.00 47.63 ? 141  LYS A CB  1 
ATOM   487  C  CG  . LYS A 1 64  ? 4.451   6.556   14.429  1.00 62.05 ? 141  LYS A CG  1 
ATOM   488  C  CD  . LYS A 1 64  ? 3.508   5.775   15.328  1.00 68.59 ? 141  LYS A CD  1 
ATOM   489  C  CE  . LYS A 1 64  ? 3.993   5.712   16.765  1.00 73.34 ? 141  LYS A CE  1 
ATOM   490  N  NZ  . LYS A 1 64  ? 2.892   5.952   17.738  1.00 69.16 ? 141  LYS A NZ  1 
ATOM   491  N  N   . GLY A 1 65  ? 3.797   6.496   9.970   1.00 35.46 ? 142  GLY A N   1 
ATOM   492  C  CA  . GLY A 1 65  ? 3.466   5.357   9.133   1.00 36.61 ? 142  GLY A CA  1 
ATOM   493  C  C   . GLY A 1 65  ? 2.032   4.922   9.379   1.00 30.91 ? 142  GLY A C   1 
ATOM   494  O  O   . GLY A 1 65  ? 1.169   5.776   9.620   1.00 28.29 ? 142  GLY A O   1 
ATOM   495  N  N   . VAL A 1 66  ? 1.788   3.611   9.326   1.00 26.81 ? 143  VAL A N   1 
ATOM   496  C  CA  . VAL A 1 66  ? 0.424   3.147   9.537   1.00 27.59 ? 143  VAL A CA  1 
ATOM   497  C  C   . VAL A 1 66  ? -0.094  3.509   10.923  1.00 31.49 ? 143  VAL A C   1 
ATOM   498  O  O   . VAL A 1 66  ? -1.285  3.811   11.075  1.00 33.90 ? 143  VAL A O   1 
ATOM   499  C  CB  . VAL A 1 66  ? 0.315   1.616   9.356   1.00 33.58 ? 143  VAL A CB  1 
ATOM   500  C  CG1 . VAL A 1 66  ? 0.613   1.245   7.911   1.00 36.29 ? 143  VAL A CG1 1 
ATOM   501  C  CG2 . VAL A 1 66  ? 1.249   0.912   10.314  1.00 41.15 ? 143  VAL A CG2 1 
ATOM   502  N  N   . GLU A 1 67  ? 0.798   3.479   11.919  1.00 27.97 ? 144  GLU A N   1 
ATOM   503  C  CA  . GLU A 1 67  ? 0.302   3.667   13.287  1.00 33.75 ? 144  GLU A CA  1 
ATOM   504  C  C   . GLU A 1 67  ? -0.337  5.029   13.467  1.00 33.76 ? 144  GLU A C   1 
ATOM   505  O  O   . GLU A 1 67  ? -1.160  5.249   14.369  1.00 35.33 ? 144  GLU A O   1 
ATOM   506  C  CB  . GLU A 1 67  ? 1.422   3.436   14.308  1.00 45.86 ? 144  GLU A CB  1 
ATOM   507  C  CG  . GLU A 1 67  ? 2.379   2.313   13.941  1.00 64.86 ? 144  GLU A CG  1 
ATOM   508  C  CD  . GLU A 1 67  ? 1.798   0.919   14.051  1.00 80.40 ? 144  GLU A CD  1 
ATOM   509  O  OE1 . GLU A 1 67  ? 1.494   0.446   15.169  1.00 85.49 ? 144  GLU A OE1 1 
ATOM   510  O  OE2 . GLU A 1 67  ? 1.635   0.248   13.006  1.00 96.89 ? 144  GLU A OE2 1 
ATOM   511  N  N   . SER A 1 68  ? -0.039  6.031   12.638  1.00 29.69 ? 145  SER A N   1 
ATOM   512  C  CA  . SER A 1 68  ? -0.752  7.283   12.919  1.00 29.33 ? 145  SER A CA  1 
ATOM   513  C  C   . SER A 1 68  ? -1.988  7.464   12.061  1.00 31.93 ? 145  SER A C   1 
ATOM   514  O  O   . SER A 1 68  ? -2.629  8.526   12.110  1.00 28.10 ? 145  SER A O   1 
ATOM   515  C  CB  . SER A 1 68  ? 0.198   8.465   12.724  1.00 25.30 ? 145  SER A CB  1 
ATOM   516  O  OG  . SER A 1 68  ? 0.884   8.311   11.490  1.00 27.58 ? 145  SER A OG  1 
ATOM   517  N  N   . THR A 1 69  ? -2.386  6.469   11.268  1.00 25.99 ? 146  THR A N   1 
ATOM   518  C  CA  . THR A 1 69  ? -3.448  6.731   10.297  1.00 24.00 ? 146  THR A CA  1 
ATOM   519  C  C   . THR A 1 69  ? -4.852  6.400   10.807  1.00 27.42 ? 146  THR A C   1 
ATOM   520  O  O   . THR A 1 69  ? -5.821  6.527   10.035  1.00 24.38 ? 146  THR A O   1 
ATOM   521  C  CB  . THR A 1 69  ? -3.255  5.941   8.984   1.00 17.75 ? 146  THR A CB  1 
ATOM   522  O  OG1 . THR A 1 69  ? -3.408  4.531   9.211   1.00 24.20 ? 146  THR A OG1 1 
ATOM   523  C  CG2 . THR A 1 69  ? -1.860  6.170   8.434   1.00 21.52 ? 146  THR A CG2 1 
ATOM   524  N  N   . GLY A 1 70  ? -4.941  5.980   12.053  1.00 26.94 ? 147  GLY A N   1 
ATOM   525  C  CA  . GLY A 1 70  ? -6.198  5.575   12.667  1.00 25.81 ? 147  GLY A CA  1 
ATOM   526  C  C   . GLY A 1 70  ? -6.696  4.251   12.118  1.00 29.04 ? 147  GLY A C   1 
ATOM   527  O  O   . GLY A 1 70  ? -5.954  3.460   11.531  1.00 28.21 ? 147  GLY A O   1 
ATOM   528  N  N   . LYS A 1 71  ? -7.984  3.990   12.333  1.00 34.09 ? 148  LYS A N   1 
ATOM   529  C  CA  . LYS A 1 71  ? -8.571  2.710   11.981  1.00 30.07 ? 148  LYS A CA  1 
ATOM   530  C  C   . LYS A 1 71  ? -8.793  2.532   10.487  1.00 32.14 ? 148  LYS A C   1 
ATOM   531  O  O   . LYS A 1 71  ? -8.683  3.447   9.668   1.00 30.36 ? 148  LYS A O   1 
ATOM   532  C  CB  . LYS A 1 71  ? -9.926  2.551   12.696  1.00 36.11 ? 148  LYS A CB  1 
ATOM   533  C  CG  . LYS A 1 71  ? -9.754  2.452   14.210  1.00 45.72 ? 148  LYS A CG  1 
ATOM   534  C  CD  . LYS A 1 71  ? -10.143 3.774   14.861  1.00 61.57 ? 148  LYS A CD  1 
ATOM   535  C  CE  . LYS A 1 71  ? -9.116  4.249   15.877  1.00 71.25 ? 148  LYS A CE  1 
ATOM   536  N  NZ  . LYS A 1 71  ? -9.762  4.758   17.124  1.00 84.26 ? 148  LYS A NZ  1 
ATOM   537  N  N   . VAL A 1 72  ? -9.131  1.286   10.157  1.00 22.54 ? 149  VAL A N   1 
ATOM   538  C  CA  . VAL A 1 72  ? -9.474  0.931   8.784   1.00 24.50 ? 149  VAL A CA  1 
ATOM   539  C  C   . VAL A 1 72  ? -10.856 1.490   8.439   1.00 24.26 ? 149  VAL A C   1 
ATOM   540  O  O   . VAL A 1 72  ? -11.849 1.304   9.155   1.00 27.38 ? 149  VAL A O   1 
ATOM   541  C  CB  . VAL A 1 72  ? -9.483  -0.595  8.570   1.00 25.69 ? 149  VAL A CB  1 
ATOM   542  C  CG1 . VAL A 1 72  ? -10.099 -0.925  7.215   1.00 32.08 ? 149  VAL A CG1 1 
ATOM   543  C  CG2 . VAL A 1 72  ? -8.085  -1.181  8.668   1.00 36.69 ? 149  VAL A CG2 1 
ATOM   544  N  N   . TRP A 1 73  ? -10.962 2.209   7.341   1.00 20.81 ? 150  TRP A N   1 
ATOM   545  C  CA  . TRP A 1 73  ? -12.181 2.897   6.920   1.00 19.98 ? 150  TRP A CA  1 
ATOM   546  C  C   . TRP A 1 73  ? -12.843 2.153   5.774   1.00 21.41 ? 150  TRP A C   1 
ATOM   547  O  O   . TRP A 1 73  ? -14.063 2.011   5.705   1.00 20.34 ? 150  TRP A O   1 
ATOM   548  C  CB  . TRP A 1 73  ? -11.812 4.335   6.559   1.00 19.39 ? 150  TRP A CB  1 
ATOM   549  C  CG  . TRP A 1 73  ? -12.930 5.188   6.053   1.00 19.03 ? 150  TRP A CG  1 
ATOM   550  C  CD1 . TRP A 1 73  ? -13.843 5.846   6.852   1.00 24.77 ? 150  TRP A CD1 1 
ATOM   551  C  CD2 . TRP A 1 73  ? -13.268 5.480   4.706   1.00 22.18 ? 150  TRP A CD2 1 
ATOM   552  N  NE1 . TRP A 1 73  ? -14.730 6.531   6.049   1.00 23.15 ? 150  TRP A NE1 1 
ATOM   553  C  CE2 . TRP A 1 73  ? -14.403 6.327   4.738   1.00 20.75 ? 150  TRP A CE2 1 
ATOM   554  C  CE3 . TRP A 1 73  ? -12.722 5.108   3.466   1.00 20.20 ? 150  TRP A CE3 1 
ATOM   555  C  CZ2 . TRP A 1 73  ? -14.967 6.781   3.555   1.00 23.29 ? 150  TRP A CZ2 1 
ATOM   556  C  CZ3 . TRP A 1 73  ? -13.294 5.570   2.304   1.00 26.87 ? 150  TRP A CZ3 1 
ATOM   557  C  CH2 . TRP A 1 73  ? -14.417 6.410   2.367   1.00 27.18 ? 150  TRP A CH2 1 
ATOM   558  N  N   . HIS A 1 74  ? -12.022 1.625   4.858   1.00 21.11 ? 151  HIS A N   1 
ATOM   559  C  CA  . HIS A 1 74  ? -12.536 0.684   3.860   1.00 17.29 ? 151  HIS A CA  1 
ATOM   560  C  C   . HIS A 1 74  ? -11.521 -0.452  3.676   1.00 21.55 ? 151  HIS A C   1 
ATOM   561  O  O   . HIS A 1 74  ? -10.324 -0.185  3.529   1.00 22.43 ? 151  HIS A O   1 
ATOM   562  C  CB  . HIS A 1 74  ? -12.764 1.370   2.523   1.00 18.66 ? 151  HIS A CB  1 
ATOM   563  C  CG  . HIS A 1 74  ? -13.469 0.489   1.530   1.00 19.86 ? 151  HIS A CG  1 
ATOM   564  N  ND1 . HIS A 1 74  ? -14.798 0.188   1.614   1.00 22.26 ? 151  HIS A ND1 1 
ATOM   565  C  CD2 . HIS A 1 74  ? -12.989 -0.159  0.436   1.00 22.61 ? 151  HIS A CD2 1 
ATOM   566  C  CE1 . HIS A 1 74  ? -15.128 -0.609  0.608   1.00 20.60 ? 151  HIS A CE1 1 
ATOM   567  N  NE2 . HIS A 1 74  ? -14.050 -0.835  -0.120  1.00 22.50 ? 151  HIS A NE2 1 
ATOM   568  N  N   . LYS A 1 75  ? -11.966 -1.689  3.666   1.00 18.35 ? 152  LYS A N   1 
ATOM   569  C  CA  . LYS A 1 75  ? -11.145 -2.859  3.422   1.00 21.07 ? 152  LYS A CA  1 
ATOM   570  C  C   . LYS A 1 75  ? -11.436 -3.489  2.073   1.00 24.48 ? 152  LYS A C   1 
ATOM   571  O  O   . LYS A 1 75  ? -12.627 -3.701  1.763   1.00 24.01 ? 152  LYS A O   1 
ATOM   572  C  CB  . LYS A 1 75  ? -11.454 -3.880  4.527   1.00 26.02 ? 152  LYS A CB  1 
ATOM   573  C  CG  . LYS A 1 75  ? -10.307 -4.691  5.076   1.00 47.31 ? 152  LYS A CG  1 
ATOM   574  C  CD  . LYS A 1 75  ? -9.625  -5.555  4.034   1.00 58.13 ? 152  LYS A CD  1 
ATOM   575  C  CE  . LYS A 1 75  ? -8.169  -5.830  4.406   1.00 57.62 ? 152  LYS A CE  1 
ATOM   576  N  NZ  . LYS A 1 75  ? -7.234  -5.272  3.388   1.00 43.72 ? 152  LYS A NZ  1 
ATOM   577  N  N   . PHE A 1 76  ? -10.410 -3.828  1.308   1.00 17.62 ? 153  PHE A N   1 
ATOM   578  C  CA  . PHE A 1 76  ? -10.603 -4.562  0.067   1.00 20.36 ? 153  PHE A CA  1 
ATOM   579  C  C   . PHE A 1 76  ? -10.421 -6.060  0.359   1.00 22.96 ? 153  PHE A C   1 
ATOM   580  O  O   . PHE A 1 76  ? -9.469  -6.497  1.016   1.00 24.83 ? 153  PHE A O   1 
ATOM   581  C  CB  . PHE A 1 76  ? -9.662  -4.105  -1.039  1.00 17.90 ? 153  PHE A CB  1 
ATOM   582  C  CG  . PHE A 1 76  ? -9.850  -2.641  -1.457  1.00 18.54 ? 153  PHE A CG  1 
ATOM   583  C  CD1 . PHE A 1 76  ? -9.182  -1.635  -0.802  1.00 21.79 ? 153  PHE A CD1 1 
ATOM   584  C  CD2 . PHE A 1 76  ? -10.698 -2.288  -2.508  1.00 20.00 ? 153  PHE A CD2 1 
ATOM   585  C  CE1 . PHE A 1 76  ? -9.298  -0.293  -1.133  1.00 20.22 ? 153  PHE A CE1 1 
ATOM   586  C  CE2 . PHE A 1 76  ? -10.830 -0.958  -2.859  1.00 21.32 ? 153  PHE A CE2 1 
ATOM   587  C  CZ  . PHE A 1 76  ? -10.139 0.042   -2.198  1.00 21.81 ? 153  PHE A CZ  1 
ATOM   588  N  N   . ASP A 1 77  ? -11.359 -6.867  -0.121  1.00 20.46 ? 154  ASP A N   1 
ATOM   589  C  CA  . ASP A 1 77  ? -11.228 -8.312  0.145   1.00 22.36 ? 154  ASP A CA  1 
ATOM   590  C  C   . ASP A 1 77  ? -10.220 -8.992  -0.762  1.00 23.01 ? 154  ASP A C   1 
ATOM   591  O  O   . ASP A 1 77  ? -9.573  -9.990  -0.468  1.00 31.81 ? 154  ASP A O   1 
ATOM   592  C  CB  . ASP A 1 77  ? -12.608 -8.966  -0.050  1.00 26.47 ? 154  ASP A CB  1 
ATOM   593  C  CG  . ASP A 1 77  ? -13.571 -8.506  1.039   1.00 36.85 ? 154  ASP A CG  1 
ATOM   594  O  OD1 . ASP A 1 77  ? -13.188 -8.558  2.224   1.00 46.07 ? 154  ASP A OD1 1 
ATOM   595  O  OD2 . ASP A 1 77  ? -14.695 -8.083  0.691   1.00 42.00 ? 154  ASP A OD2 1 
ATOM   596  N  N   . GLU A 1 78  ? -10.037 -8.459  -1.975  1.00 19.18 ? 155  GLU A N   1 
ATOM   597  C  CA  . GLU A 1 78  ? -9.243  -9.172  -2.963  1.00 21.52 ? 155  GLU A CA  1 
ATOM   598  C  C   . GLU A 1 78  ? -7.758  -8.965  -2.704  1.00 26.53 ? 155  GLU A C   1 
ATOM   599  O  O   . GLU A 1 78  ? -7.321  -7.816  -2.552  1.00 23.35 ? 155  GLU A O   1 
ATOM   600  C  CB  . GLU A 1 78  ? -9.581  -8.666  -4.370  1.00 26.20 ? 155  GLU A CB  1 
ATOM   601  C  CG  . GLU A 1 78  ? -11.048 -8.826  -4.737  1.00 29.33 ? 155  GLU A CG  1 
ATOM   602  C  CD  . GLU A 1 78  ? -11.936 -7.648  -4.422  1.00 30.41 ? 155  GLU A CD  1 
ATOM   603  O  OE1 . GLU A 1 78  ? -11.570 -6.711  -3.681  1.00 32.27 ? 155  GLU A OE1 1 
ATOM   604  O  OE2 . GLU A 1 78  ? -13.082 -7.649  -4.940  1.00 47.08 ? 155  GLU A OE2 1 
ATOM   605  N  N   . PRO A 1 79  ? -6.942  -10.009 -2.646  1.00 21.12 ? 156  PRO A N   1 
ATOM   606  C  CA  . PRO A 1 79  ? -5.516  -9.725  -2.419  1.00 22.46 ? 156  PRO A CA  1 
ATOM   607  C  C   . PRO A 1 79  ? -4.780  -9.277  -3.661  1.00 18.62 ? 156  PRO A C   1 
ATOM   608  O  O   . PRO A 1 79  ? -5.180  -9.404  -4.820  1.00 22.11 ? 156  PRO A O   1 
ATOM   609  C  CB  . PRO A 1 79  ? -4.982  -11.099 -1.983  1.00 28.83 ? 156  PRO A CB  1 
ATOM   610  C  CG  . PRO A 1 79  ? -5.882  -12.090 -2.653  1.00 28.79 ? 156  PRO A CG  1 
ATOM   611  C  CD  . PRO A 1 79  ? -7.234  -11.436 -2.769  1.00 32.57 ? 156  PRO A CD  1 
ATOM   612  N  N   . ILE A 1 80  ? -3.599  -8.714  -3.373  1.00 19.21 ? 157  ILE A N   1 
ATOM   613  C  CA  . ILE A 1 80  ? -2.666  -8.298  -4.391  1.00 16.07 ? 157  ILE A CA  1 
ATOM   614  C  C   . ILE A 1 80  ? -1.524  -9.333  -4.398  1.00 18.09 ? 157  ILE A C   1 
ATOM   615  O  O   . ILE A 1 80  ? -0.762  -9.366  -3.434  1.00 20.43 ? 157  ILE A O   1 
ATOM   616  C  CB  . ILE A 1 80  ? -2.088  -6.901  -4.169  1.00 22.48 ? 157  ILE A CB  1 
ATOM   617  C  CG1 . ILE A 1 80  ? -3.138  -5.812  -3.925  1.00 31.07 ? 157  ILE A CG1 1 
ATOM   618  C  CG2 . ILE A 1 80  ? -1.208  -6.537  -5.363  1.00 22.18 ? 157  ILE A CG2 1 
ATOM   619  C  CD1 . ILE A 1 80  ? -2.587  -4.581  -3.246  1.00 29.51 ? 157  ILE A CD1 1 
ATOM   620  N  N   . GLU A 1 81  ? -1.463  -10.127 -5.455  1.00 17.63 ? 158  GLU A N   1 
ATOM   621  C  CA  . GLU A 1 81  ? -0.428  -11.174 -5.455  1.00 18.85 ? 158  GLU A CA  1 
ATOM   622  C  C   . GLU A 1 81  ? 0.919   -10.671 -5.926  1.00 17.98 ? 158  GLU A C   1 
ATOM   623  O  O   . GLU A 1 81  ? 1.044   -10.259 -7.091  1.00 19.91 ? 158  GLU A O   1 
ATOM   624  C  CB  . GLU A 1 81  ? -0.927  -12.318 -6.353  1.00 20.26 ? 158  GLU A CB  1 
ATOM   625  C  CG  . GLU A 1 81  ? -2.130  -13.001 -5.682  1.00 19.63 ? 158  GLU A CG  1 
ATOM   626  C  CD  . GLU A 1 81  ? -2.460  -14.264 -6.480  1.00 43.44 ? 158  GLU A CD  1 
ATOM   627  O  OE1 . GLU A 1 81  ? -2.706  -14.070 -7.693  1.00 41.18 ? 158  GLU A OE1 1 
ATOM   628  O  OE2 . GLU A 1 81  ? -2.449  -15.383 -5.926  1.00 35.90 ? 158  GLU A OE2 1 
ATOM   629  N  N   . CYS A 1 82  ? 1.932   -10.702 -5.051  1.00 16.03 ? 159  CYS A N   1 
ATOM   630  C  CA  . CYS A 1 82  ? 3.250   -10.226 -5.495  1.00 19.85 ? 159  CYS A CA  1 
ATOM   631  C  C   . CYS A 1 82  ? 4.271   -11.367 -5.511  1.00 15.93 ? 159  CYS A C   1 
ATOM   632  O  O   . CYS A 1 82  ? 4.942   -11.603 -4.530  1.00 16.16 ? 159  CYS A O   1 
ATOM   633  C  CB  . CYS A 1 82  ? 3.772   -9.091  -4.624  1.00 20.39 ? 159  CYS A CB  1 
ATOM   634  S  SG  . CYS A 1 82  ? 2.635   -7.681  -4.640  1.00 22.90 ? 159  CYS A SG  1 
ATOM   635  N  N   . PHE A 1 83  ? 4.363   -12.079 -6.634  1.00 18.25 ? 160  PHE A N   1 
ATOM   636  C  CA  . PHE A 1 83  ? 5.269   -13.204 -6.767  1.00 16.48 ? 160  PHE A CA  1 
ATOM   637  C  C   . PHE A 1 83  ? 6.212   -13.054 -7.949  1.00 21.66 ? 160  PHE A C   1 
ATOM   638  O  O   . PHE A 1 83  ? 7.015   -13.980 -8.174  1.00 19.13 ? 160  PHE A O   1 
ATOM   639  C  CB  . PHE A 1 83  ? 4.460   -14.519 -6.935  1.00 20.40 ? 160  PHE A CB  1 
ATOM   640  C  CG  . PHE A 1 83  ? 3.717   -14.840 -5.652  1.00 20.29 ? 160  PHE A CG  1 
ATOM   641  C  CD1 . PHE A 1 83  ? 2.445   -14.342 -5.425  1.00 19.72 ? 160  PHE A CD1 1 
ATOM   642  C  CD2 . PHE A 1 83  ? 4.294   -15.622 -4.656  1.00 20.68 ? 160  PHE A CD2 1 
ATOM   643  C  CE1 . PHE A 1 83  ? 1.737   -14.594 -4.261  1.00 18.97 ? 160  PHE A CE1 1 
ATOM   644  C  CE2 . PHE A 1 83  ? 3.590   -15.881 -3.496  1.00 20.34 ? 160  PHE A CE2 1 
ATOM   645  C  CZ  . PHE A 1 83  ? 2.322   -15.363 -3.264  1.00 20.84 ? 160  PHE A CZ  1 
ATOM   646  N  N   . ASN A 1 84  ? 6.122   -11.972 -8.715  1.00 19.52 ? 161  ASN A N   1 
ATOM   647  C  CA  . ASN A 1 84  ? 7.031   -11.751 -9.857  1.00 18.48 ? 161  ASN A CA  1 
ATOM   648  C  C   . ASN A 1 84  ? 8.328   -11.156 -9.352  1.00 24.20 ? 161  ASN A C   1 
ATOM   649  O  O   . ASN A 1 84  ? 8.313   -10.044 -8.814  1.00 20.41 ? 161  ASN A O   1 
ATOM   650  C  CB  . ASN A 1 84  ? 6.411   -10.806 -10.882 1.00 19.70 ? 161  ASN A CB  1 
ATOM   651  C  CG  . ASN A 1 84  ? 5.089   -11.274 -11.449 1.00 41.87 ? 161  ASN A CG  1 
ATOM   652  O  OD1 . ASN A 1 84  ? 4.915   -12.410 -11.889 1.00 45.64 ? 161  ASN A OD1 1 
ATOM   653  N  ND2 . ASN A 1 84  ? 4.118   -10.365 -11.433 1.00 57.03 ? 161  ASN A ND2 1 
ATOM   654  N  N   . GLU A 1 85  ? 9.450   -11.859 -9.491  1.00 19.93 ? 162  GLU A N   1 
ATOM   655  C  CA  . GLU A 1 85  ? 10.724  -11.326 -9.001  1.00 18.40 ? 162  GLU A CA  1 
ATOM   656  C  C   . GLU A 1 85  ? 11.238  -10.248 -9.951  1.00 21.81 ? 162  GLU A C   1 
ATOM   657  O  O   . GLU A 1 85  ? 11.571  -10.591 -11.095 1.00 26.18 ? 162  GLU A O   1 
ATOM   658  C  CB  . GLU A 1 85  ? 11.747  -12.463 -8.868  1.00 19.29 ? 162  GLU A CB  1 
ATOM   659  C  CG  . GLU A 1 85  ? 12.950  -12.111 -8.011  1.00 22.12 ? 162  GLU A CG  1 
ATOM   660  C  CD  . GLU A 1 85  ? 13.915  -13.271 -7.807  1.00 28.48 ? 162  GLU A CD  1 
ATOM   661  O  OE1 . GLU A 1 85  ? 13.760  -14.341 -8.430  1.00 28.30 ? 162  GLU A OE1 1 
ATOM   662  O  OE2 . GLU A 1 85  ? 14.873  -13.100 -7.020  1.00 24.13 ? 162  GLU A OE2 1 
ATOM   663  N  N   . SER A 1 86  ? 11.287  -8.998  -9.516  1.00 22.20 ? 163  SER A N   1 
ATOM   664  C  CA  . SER A 1 86  ? 11.640  -7.889  -10.393 1.00 22.17 ? 163  SER A CA  1 
ATOM   665  C  C   . SER A 1 86  ? 13.065  -7.402  -10.158 1.00 23.77 ? 163  SER A C   1 
ATOM   666  O  O   . SER A 1 86  ? 13.556  -6.673  -11.004 1.00 28.30 ? 163  SER A O   1 
ATOM   667  C  CB  . SER A 1 86  ? 10.686  -6.702  -10.204 1.00 24.16 ? 163  SER A CB  1 
ATOM   668  O  OG  . SER A 1 86  ? 10.727  -6.276  -8.856  1.00 31.87 ? 163  SER A OG  1 
ATOM   669  N  N   . ASP A 1 87  ? 13.687  -7.781  -9.051  1.00 22.24 ? 164  ASP A N   1 
ATOM   670  C  CA  . ASP A 1 87  ? 15.095  -7.445  -8.818  1.00 24.44 ? 164  ASP A CA  1 
ATOM   671  C  C   . ASP A 1 87  ? 15.825  -8.717  -8.386  1.00 27.23 ? 164  ASP A C   1 
ATOM   672  O  O   . ASP A 1 87  ? 15.489  -9.201  -7.313  1.00 23.96 ? 164  ASP A O   1 
ATOM   673  C  CB  . ASP A 1 87  ? 15.211  -6.374  -7.751  1.00 24.37 ? 164  ASP A CB  1 
ATOM   674  C  CG  . ASP A 1 87  ? 16.604  -5.846  -7.508  1.00 35.09 ? 164  ASP A CG  1 
ATOM   675  O  OD1 . ASP A 1 87  ? 17.546  -6.650  -7.485  1.00 26.07 ? 164  ASP A OD1 1 
ATOM   676  O  OD2 . ASP A 1 87  ? 16.725  -4.616  -7.320  1.00 53.89 ? 164  ASP A OD2 1 
ATOM   677  N  N   . LEU A 1 88  ? 16.738  -9.252  -9.185  1.00 22.79 ? 165  LEU A N   1 
ATOM   678  C  CA  . LEU A 1 88  ? 17.360  -10.534 -8.888  1.00 30.87 ? 165  LEU A CA  1 
ATOM   679  C  C   . LEU A 1 88  ? 18.476  -10.405 -7.860  1.00 26.28 ? 165  LEU A C   1 
ATOM   680  O  O   . LEU A 1 88  ? 18.747  -11.311 -7.061  1.00 28.20 ? 165  LEU A O   1 
ATOM   681  C  CB  . LEU A 1 88  ? 17.928  -11.178 -10.164 1.00 27.52 ? 165  LEU A CB  1 
ATOM   682  C  CG  . LEU A 1 88  ? 16.928  -11.966 -11.011 1.00 33.52 ? 165  LEU A CG  1 
ATOM   683  C  CD1 . LEU A 1 88  ? 15.622  -11.201 -11.173 1.00 34.67 ? 165  LEU A CD1 1 
ATOM   684  C  CD2 . LEU A 1 88  ? 17.510  -12.298 -12.381 1.00 27.14 ? 165  LEU A CD2 1 
ATOM   685  N  N   . GLY A 1 89  ? 19.121  -9.250  -7.876  1.00 27.08 ? 166  GLY A N   1 
ATOM   686  C  CA  . GLY A 1 89  ? 20.220  -9.078  -6.919  1.00 22.95 ? 166  GLY A CA  1 
ATOM   687  C  C   . GLY A 1 89  ? 19.685  -8.971  -5.514  1.00 22.89 ? 166  GLY A C   1 
ATOM   688  O  O   . GLY A 1 89  ? 20.245  -9.587  -4.591  1.00 19.93 ? 166  GLY A O   1 
ATOM   689  N  N   . LYS A 1 90  ? 18.598  -8.198  -5.353  1.00 17.83 ? 167  LYS A N   1 
ATOM   690  C  CA  . LYS A 1 90  ? 18.077  -7.960  -4.012  1.00 21.93 ? 167  LYS A CA  1 
ATOM   691  C  C   . LYS A 1 90  ? 16.945  -8.915  -3.649  1.00 17.53 ? 167  LYS A C   1 
ATOM   692  O  O   . LYS A 1 90  ? 16.520  -8.946  -2.486  1.00 18.62 ? 167  LYS A O   1 
ATOM   693  C  CB  . LYS A 1 90  ? 17.596  -6.502  -3.851  1.00 29.48 ? 167  LYS A CB  1 
ATOM   694  C  CG  . LYS A 1 90  ? 18.670  -5.589  -3.259  1.00 33.46 ? 167  LYS A CG  1 
ATOM   695  C  CD  . LYS A 1 90  ? 18.120  -4.259  -2.766  1.00 32.09 ? 167  LYS A CD  1 
ATOM   696  C  CE  . LYS A 1 90  ? 19.006  -3.102  -3.204  1.00 43.55 ? 167  LYS A CE  1 
ATOM   697  N  NZ  . LYS A 1 90  ? 19.191  -3.090  -4.685  1.00 43.20 ? 167  LYS A NZ  1 
ATOM   698  N  N   . ASN A 1 91  ? 16.473  -9.654  -4.655  1.00 20.06 ? 168  ASN A N   1 
ATOM   699  C  CA  . ASN A 1 91  ? 15.327  -10.548 -4.517  1.00 19.35 ? 168  ASN A CA  1 
ATOM   700  C  C   . ASN A 1 91  ? 14.121  -9.751  -4.006  1.00 22.48 ? 168  ASN A C   1 
ATOM   701  O  O   . ASN A 1 91  ? 13.637  -9.929  -2.883  1.00 19.17 ? 168  ASN A O   1 
ATOM   702  C  CB  . ASN A 1 91  ? 15.621  -11.725 -3.587  1.00 22.21 ? 168  ASN A CB  1 
ATOM   703  C  CG  . ASN A 1 91  ? 14.462  -12.675 -3.364  1.00 19.18 ? 168  ASN A CG  1 
ATOM   704  O  OD1 . ASN A 1 91  ? 13.911  -12.808 -2.268  1.00 21.72 ? 168  ASN A OD1 1 
ATOM   705  N  ND2 . ASN A 1 91  ? 14.062  -13.413 -4.382  1.00 20.57 ? 168  ASN A ND2 1 
ATOM   706  N  N   . LEU A 1 92  ? 13.698  -8.872  -4.923  1.00 19.65 ? 169  LEU A N   1 
ATOM   707  C  CA  . LEU A 1 92  ? 12.514  -8.052  -4.649  1.00 14.65 ? 169  LEU A CA  1 
ATOM   708  C  C   . LEU A 1 92  ? 11.416  -8.456  -5.646  1.00 15.95 ? 169  LEU A C   1 
ATOM   709  O  O   . LEU A 1 92  ? 11.748  -8.983  -6.710  1.00 18.52 ? 169  LEU A O   1 
ATOM   710  C  CB  . LEU A 1 92  ? 12.779  -6.560  -4.758  1.00 15.14 ? 169  LEU A CB  1 
ATOM   711  C  CG  . LEU A 1 92  ? 13.986  -6.016  -4.002  1.00 16.84 ? 169  LEU A CG  1 
ATOM   712  C  CD1 . LEU A 1 92  ? 14.217  -4.537  -4.256  1.00 19.91 ? 169  LEU A CD1 1 
ATOM   713  C  CD2 . LEU A 1 92  ? 13.794  -6.230  -2.510  1.00 25.05 ? 169  LEU A CD2 1 
ATOM   714  N  N   . TYR A 1 93  ? 10.176  -8.165  -5.260  1.00 15.54 ? 170  TYR A N   1 
ATOM   715  C  CA  . TYR A 1 93  ? 9.018   -8.604  -6.005  1.00 14.20 ? 170  TYR A CA  1 
ATOM   716  C  C   . TYR A 1 93  ? 8.092   -7.456  -6.441  1.00 18.82 ? 170  TYR A C   1 
ATOM   717  O  O   . TYR A 1 93  ? 8.134   -6.362  -5.887  1.00 15.64 ? 170  TYR A O   1 
ATOM   718  C  CB  . TYR A 1 93  ? 8.198   -9.613  -5.168  1.00 16.69 ? 170  TYR A CB  1 
ATOM   719  C  CG  . TYR A 1 93  ? 8.976   -10.910 -4.987  1.00 14.80 ? 170  TYR A CG  1 
ATOM   720  C  CD1 . TYR A 1 93  ? 9.807   -11.054 -3.869  1.00 19.90 ? 170  TYR A CD1 1 
ATOM   721  C  CD2 . TYR A 1 93  ? 8.901   -11.926 -5.907  1.00 17.40 ? 170  TYR A CD2 1 
ATOM   722  C  CE1 . TYR A 1 93  ? 10.548  -12.221 -3.673  1.00 19.65 ? 170  TYR A CE1 1 
ATOM   723  C  CE2 . TYR A 1 93  ? 9.628   -13.089 -5.715  1.00 21.43 ? 170  TYR A CE2 1 
ATOM   724  C  CZ  . TYR A 1 93  ? 10.440  -13.220 -4.604  1.00 20.45 ? 170  TYR A CZ  1 
ATOM   725  O  OH  . TYR A 1 93  ? 11.143  -14.402 -4.454  1.00 21.85 ? 170  TYR A OH  1 
ATOM   726  N  N   . SER A 1 94  ? 7.263   -7.771  -7.424  1.00 16.79 ? 171  SER A N   1 
ATOM   727  C  CA  . SER A 1 94  ? 6.279   -6.859  -8.003  1.00 14.27 ? 171  SER A CA  1 
ATOM   728  C  C   . SER A 1 94  ? 4.951   -7.580  -8.152  1.00 16.62 ? 171  SER A C   1 
ATOM   729  O  O   . SER A 1 94  ? 4.849   -8.811  -8.119  1.00 17.22 ? 171  SER A O   1 
ATOM   730  C  CB  . SER A 1 94  ? 6.744   -6.387  -9.372  1.00 19.32 ? 171  SER A CB  1 
ATOM   731  O  OG  . SER A 1 94  ? 6.801   -7.434  -10.324 1.00 23.82 ? 171  SER A OG  1 
ATOM   732  N  N   . GLY A 1 95  ? 3.917   -6.756  -8.331  1.00 18.42 ? 172  GLY A N   1 
ATOM   733  C  CA  . GLY A 1 95  ? 2.569   -7.268  -8.558  1.00 16.35 ? 172  GLY A CA  1 
ATOM   734  C  C   . GLY A 1 95  ? 1.664   -6.170  -9.074  1.00 21.50 ? 172  GLY A C   1 
ATOM   735  O  O   . GLY A 1 95  ? 2.056   -5.010  -9.144  1.00 19.01 ? 172  GLY A O   1 
ATOM   736  N  N   . LYS A 1 96  ? 0.450   -6.596  -9.461  1.00 18.59 ? 173  LYS A N   1 
ATOM   737  C  CA  . LYS A 1 96  ? -0.486  -5.570  -9.890  1.00 21.37 ? 173  LYS A CA  1 
ATOM   738  C  C   . LYS A 1 96  ? -1.899  -6.146  -9.861  1.00 21.39 ? 173  LYS A C   1 
ATOM   739  O  O   . LYS A 1 96  ? -2.058  -7.353  -10.052 1.00 22.91 ? 173  LYS A O   1 
ATOM   740  C  CB  . LYS A 1 96  ? -0.161  -5.062  -11.281 1.00 22.35 ? 173  LYS A CB  1 
ATOM   741  C  CG  . LYS A 1 96  ? -0.408  -6.054  -12.403 1.00 28.65 ? 173  LYS A CG  1 
ATOM   742  C  CD  . LYS A 1 96  ? 0.201   -5.556  -13.705 1.00 51.03 ? 173  LYS A CD  1 
ATOM   743  C  CE  . LYS A 1 96  ? -0.564  -4.406  -14.326 1.00 55.23 ? 173  LYS A CE  1 
ATOM   744  N  NZ  . LYS A 1 96  ? -0.500  -3.137  -13.556 1.00 54.66 ? 173  LYS A NZ  1 
ATOM   745  N  N   . THR A 1 97  ? -2.836  -5.240  -9.641  1.00 15.85 ? 174  THR A N   1 
ATOM   746  C  CA  . THR A 1 97  ? -4.229  -5.673  -9.769  1.00 18.94 ? 174  THR A CA  1 
ATOM   747  C  C   . THR A 1 97  ? -5.144  -4.474  -9.964  1.00 19.95 ? 174  THR A C   1 
ATOM   748  O  O   . THR A 1 97  ? -4.762  -3.327  -9.742  1.00 19.54 ? 174  THR A O   1 
ATOM   749  C  CB  . THR A 1 97  ? -4.673  -6.490  -8.548  1.00 21.77 ? 174  THR A CB  1 
ATOM   750  O  OG1 . THR A 1 97  ? -5.922  -7.125  -8.877  1.00 27.96 ? 174  THR A OG1 1 
ATOM   751  C  CG2 . THR A 1 97  ? -4.961  -5.598  -7.360  1.00 29.01 ? 174  THR A CG2 1 
ATOM   752  N  N   . PHE A 1 98  ? -6.377  -4.707  -10.375 1.00 15.08 ? 175  PHE A N   1 
ATOM   753  C  CA  . PHE A 1 98  ? -7.423  -3.681  -10.365 1.00 15.82 ? 175  PHE A CA  1 
ATOM   754  C  C   . PHE A 1 98  ? -8.420  -3.987  -9.262  1.00 20.08 ? 175  PHE A C   1 
ATOM   755  O  O   . PHE A 1 98  ? -8.800  -5.137  -9.048  1.00 20.33 ? 175  PHE A O   1 
ATOM   756  C  CB  . PHE A 1 98  ? -8.164  -3.699  -11.704 1.00 19.42 ? 175  PHE A CB  1 
ATOM   757  C  CG  . PHE A 1 98  ? -7.328  -3.322  -12.892 1.00 21.62 ? 175  PHE A CG  1 
ATOM   758  C  CD1 . PHE A 1 98  ? -7.009  -4.282  -13.842 1.00 32.51 ? 175  PHE A CD1 1 
ATOM   759  C  CD2 . PHE A 1 98  ? -6.870  -2.016  -13.022 1.00 21.56 ? 175  PHE A CD2 1 
ATOM   760  C  CE1 . PHE A 1 98  ? -6.234  -3.959  -14.943 1.00 24.96 ? 175  PHE A CE1 1 
ATOM   761  C  CE2 . PHE A 1 98  ? -6.092  -1.702  -14.131 1.00 29.17 ? 175  PHE A CE2 1 
ATOM   762  C  CZ  . PHE A 1 98  ? -5.767  -2.667  -15.066 1.00 28.97 ? 175  PHE A CZ  1 
ATOM   763  N  N   . LEU A 1 99  ? -8.804  -3.002  -8.471  1.00 19.37 ? 176  LEU A N   1 
ATOM   764  C  CA  . LEU A 1 99  ? -9.740  -3.126  -7.381  1.00 18.05 ? 176  LEU A CA  1 
ATOM   765  C  C   . LEU A 1 99  ? -10.847 -2.103  -7.640  1.00 18.56 ? 176  LEU A C   1 
ATOM   766  O  O   . LEU A 1 99  ? -10.646 -1.144  -8.383  1.00 19.70 ? 176  LEU A O   1 
ATOM   767  C  CB  . LEU A 1 99  ? -9.107  -2.857  -6.024  1.00 20.96 ? 176  LEU A CB  1 
ATOM   768  C  CG  . LEU A 1 99  ? -7.937  -3.785  -5.645  1.00 24.73 ? 176  LEU A CG  1 
ATOM   769  C  CD1 . LEU A 1 99  ? -7.434  -3.516  -4.237  1.00 29.46 ? 176  LEU A CD1 1 
ATOM   770  C  CD2 . LEU A 1 99  ? -8.383  -5.225  -5.790  1.00 32.73 ? 176  LEU A CD2 1 
ATOM   771  N  N   . SER A 1 100 ? -12.001 -2.324  -7.031  1.00 21.21 ? 177  SER A N   1 
ATOM   772  C  CA  . SER A 1 100 ? -13.009 -1.257  -7.180  1.00 23.05 ? 177  SER A CA  1 
ATOM   773  C  C   . SER A 1 100 ? -13.702 -1.090  -5.844  1.00 20.18 ? 177  SER A C   1 
ATOM   774  O  O   . SER A 1 100 ? -13.649 -1.949  -4.968  1.00 20.49 ? 177  SER A O   1 
ATOM   775  C  CB  . SER A 1 100 ? -13.954 -1.559  -8.335  1.00 29.87 ? 177  SER A CB  1 
ATOM   776  O  OG  . SER A 1 100 ? -14.933 -2.516  -7.971  1.00 29.23 ? 177  SER A OG  1 
ATOM   777  N  N   . ALA A 1 101 ? -14.343 0.058   -5.621  1.00 20.59 ? 178  ALA A N   1 
ATOM   778  C  CA  . ALA A 1 101 ? -15.076 0.268   -4.368  1.00 15.94 ? 178  ALA A CA  1 
ATOM   779  C  C   . ALA A 1 101 ? -16.319 1.090   -4.697  1.00 20.60 ? 178  ALA A C   1 
ATOM   780  O  O   . ALA A 1 101 ? -16.253 1.887   -5.635  1.00 19.45 ? 178  ALA A O   1 
ATOM   781  C  CB  . ALA A 1 101 ? -14.223 1.002   -3.364  1.00 21.67 ? 178  ALA A CB  1 
ATOM   782  N  N   . PRO A 1 102 ? -17.391 0.911   -3.960  1.00 20.60 ? 179  PRO A N   1 
ATOM   783  C  CA  . PRO A 1 102 ? -18.623 1.659   -4.264  1.00 22.72 ? 179  PRO A CA  1 
ATOM   784  C  C   . PRO A 1 102 ? -18.620 3.012   -3.562  1.00 20.34 ? 179  PRO A C   1 
ATOM   785  O  O   . PRO A 1 102 ? -19.464 3.341   -2.746  1.00 28.78 ? 179  PRO A O   1 
ATOM   786  C  CB  . PRO A 1 102 ? -19.669 0.685   -3.713  1.00 21.24 ? 179  PRO A CB  1 
ATOM   787  C  CG  . PRO A 1 102 ? -19.022 0.233   -2.436  1.00 25.78 ? 179  PRO A CG  1 
ATOM   788  C  CD  . PRO A 1 102 ? -17.579 -0.004  -2.821  1.00 25.54 ? 179  PRO A CD  1 
ATOM   789  N  N   . LEU A 1 103 ? -17.627 3.827   -3.894  1.00 19.69 ? 180  LEU A N   1 
ATOM   790  C  CA  . LEU A 1 103 ? -17.373 5.144   -3.330  1.00 23.94 ? 180  LEU A CA  1 
ATOM   791  C  C   . LEU A 1 103 ? -17.037 6.151   -4.413  1.00 32.06 ? 180  LEU A C   1 
ATOM   792  O  O   . LEU A 1 103 ? -16.293 5.769   -5.327  1.00 26.06 ? 180  LEU A O   1 
ATOM   793  C  CB  . LEU A 1 103 ? -16.169 5.049   -2.368  1.00 21.83 ? 180  LEU A CB  1 
ATOM   794  C  CG  . LEU A 1 103 ? -16.362 4.048   -1.223  1.00 25.06 ? 180  LEU A CG  1 
ATOM   795  C  CD1 . LEU A 1 103 ? -15.035 3.769   -0.529  1.00 32.01 ? 180  LEU A CD1 1 
ATOM   796  C  CD2 . LEU A 1 103 ? -17.406 4.571   -0.246  1.00 36.09 ? 180  LEU A CD2 1 
ATOM   797  N  N   . PRO A 1 104 ? -17.516 7.390   -4.324  1.00 25.93 ? 181  PRO A N   1 
ATOM   798  C  CA  . PRO A 1 104 ? -17.021 8.416   -5.243  1.00 25.86 ? 181  PRO A CA  1 
ATOM   799  C  C   . PRO A 1 104 ? -15.673 8.930   -4.749  1.00 27.53 ? 181  PRO A C   1 
ATOM   800  O  O   . PRO A 1 104 ? -15.348 8.855   -3.560  1.00 31.37 ? 181  PRO A O   1 
ATOM   801  C  CB  . PRO A 1 104 ? -18.051 9.537   -5.114  1.00 30.32 ? 181  PRO A CB  1 
ATOM   802  C  CG  . PRO A 1 104 ? -18.553 9.382   -3.718  1.00 29.84 ? 181  PRO A CG  1 
ATOM   803  C  CD  . PRO A 1 104 ? -18.525 7.907   -3.398  1.00 30.31 ? 181  PRO A CD  1 
ATOM   804  N  N   . THR A 1 105 ? -14.937 9.465   -5.712  1.00 29.21 ? 182  THR A N   1 
ATOM   805  C  CA  . THR A 1 105 ? -13.593 9.957   -5.479  1.00 27.79 ? 182  THR A CA  1 
ATOM   806  C  C   . THR A 1 105 ? -13.562 11.025  -4.414  1.00 29.91 ? 182  THR A C   1 
ATOM   807  O  O   . THR A 1 105 ? -12.630 11.074  -3.607  1.00 34.23 ? 182  THR A O   1 
ATOM   808  C  CB  . THR A 1 105 ? -13.011 10.525  -6.793  1.00 33.16 ? 182  THR A CB  1 
ATOM   809  O  OG1 . THR A 1 105 ? -12.508 9.413   -7.545  1.00 46.37 ? 182  THR A OG1 1 
ATOM   810  C  CG2 . THR A 1 105 ? -11.859 11.470  -6.514  1.00 46.58 ? 182  THR A CG2 1 
ATOM   811  N  N   . TRP A 1 106 ? -14.578 11.899  -4.413  1.00 31.49 ? 183  TRP A N   1 
ATOM   812  C  CA  . TRP A 1 106 ? -14.510 12.988  -3.435  1.00 28.74 ? 183  TRP A CA  1 
ATOM   813  C  C   . TRP A 1 106 ? -14.500 12.465  -2.016  1.00 23.72 ? 183  TRP A C   1 
ATOM   814  O  O   . TRP A 1 106 ? -14.100 13.211  -1.120  1.00 36.91 ? 183  TRP A O   1 
ATOM   815  C  CB  . TRP A 1 106 ? -15.625 14.025  -3.645  1.00 30.12 ? 183  TRP A CB  1 
ATOM   816  C  CG  . TRP A 1 106 ? -17.000 13.550  -3.318  1.00 27.65 ? 183  TRP A CG  1 
ATOM   817  C  CD1 . TRP A 1 106 ? -17.913 13.084  -4.220  1.00 32.02 ? 183  TRP A CD1 1 
ATOM   818  C  CD2 . TRP A 1 106 ? -17.623 13.487  -2.034  1.00 25.11 ? 183  TRP A CD2 1 
ATOM   819  N  NE1 . TRP A 1 106 ? -19.062 12.741  -3.551  1.00 26.17 ? 183  TRP A NE1 1 
ATOM   820  C  CE2 . TRP A 1 106 ? -18.922 12.972  -2.212  1.00 26.72 ? 183  TRP A CE2 1 
ATOM   821  C  CE3 . TRP A 1 106 ? -17.223 13.813  -0.730  1.00 31.41 ? 183  TRP A CE3 1 
ATOM   822  C  CZ2 . TRP A 1 106 ? -19.798 12.784  -1.149  1.00 36.13 ? 183  TRP A CZ2 1 
ATOM   823  C  CZ3 . TRP A 1 106 ? -18.094 13.624  0.325   1.00 40.47 ? 183  TRP A CZ3 1 
ATOM   824  C  CH2 . TRP A 1 106 ? -19.380 13.109  0.115   1.00 41.81 ? 183  TRP A CH2 1 
ATOM   825  N  N   . GLN A 1 107 ? -14.928 11.239  -1.708  1.00 26.20 ? 184  GLN A N   1 
ATOM   826  C  CA  . GLN A 1 107 ? -14.926 10.789  -0.326  1.00 27.89 ? 184  GLN A CA  1 
ATOM   827  C  C   . GLN A 1 107 ? -13.566 10.194  0.090   1.00 27.83 ? 184  GLN A C   1 
ATOM   828  O  O   . GLN A 1 107 ? -13.407 9.920   1.275   1.00 27.29 ? 184  GLN A O   1 
ATOM   829  C  CB  . GLN A 1 107 ? -15.984 9.717   -0.065  1.00 29.23 ? 184  GLN A CB  1 
ATOM   830  C  CG  . GLN A 1 107 ? -17.413 10.249  0.030   1.00 39.88 ? 184  GLN A CG  1 
ATOM   831  C  CD  . GLN A 1 107 ? -18.403 9.142   0.341   1.00 44.28 ? 184  GLN A CD  1 
ATOM   832  O  OE1 . GLN A 1 107 ? -19.418 8.972   -0.332  1.00 49.70 ? 184  GLN A OE1 1 
ATOM   833  N  NE2 . GLN A 1 107 ? -18.125 8.368   1.383   1.00 45.09 ? 184  GLN A NE2 1 
ATOM   834  N  N   . LEU A 1 108 ? -12.687 10.009  -0.871  1.00 23.45 ? 185  LEU A N   1 
ATOM   835  C  CA  . LEU A 1 108 ? -11.382 9.390   -0.752  1.00 21.99 ? 185  LEU A CA  1 
ATOM   836  C  C   . LEU A 1 108 ? -10.266 10.383  -0.504  1.00 26.61 ? 185  LEU A C   1 
ATOM   837  O  O   . LEU A 1 108 ? -9.245  10.093  0.119   1.00 24.83 ? 185  LEU A O   1 
ATOM   838  C  CB  . LEU A 1 108 ? -11.053 8.657   -2.059  1.00 24.92 ? 185  LEU A CB  1 
ATOM   839  C  CG  . LEU A 1 108 ? -11.972 7.506   -2.457  1.00 25.64 ? 185  LEU A CG  1 
ATOM   840  C  CD1 . LEU A 1 108 ? -11.435 6.796   -3.690  1.00 22.97 ? 185  LEU A CD1 1 
ATOM   841  C  CD2 . LEU A 1 108 ? -12.129 6.551   -1.283  1.00 26.09 ? 185  LEU A CD2 1 
ATOM   842  N  N   . ILE A 1 109 ? -10.438 11.591  -1.038  1.00 27.84 ? 186  ILE A N   1 
ATOM   843  C  CA  . ILE A 1 109 ? -9.370  12.582  -0.948  1.00 34.41 ? 186  ILE A CA  1 
ATOM   844  C  C   . ILE A 1 109 ? -8.947  12.854  0.479   1.00 29.04 ? 186  ILE A C   1 
ATOM   845  O  O   . ILE A 1 109 ? -9.726  13.147  1.380   1.00 31.34 ? 186  ILE A O   1 
ATOM   846  C  CB  . ILE A 1 109 ? -9.786  13.934  -1.566  1.00 34.61 ? 186  ILE A CB  1 
ATOM   847  C  CG1 . ILE A 1 109 ? -10.124 13.820  -3.052  1.00 31.26 ? 186  ILE A CG1 1 
ATOM   848  C  CG2 . ILE A 1 109 ? -8.720  14.990  -1.315  1.00 29.02 ? 186  ILE A CG2 1 
ATOM   849  C  CD1 . ILE A 1 109 ? -9.177  12.877  -3.764  1.00 30.70 ? 186  ILE A CD1 1 
ATOM   850  N  N   . GLY A 1 110 ? -7.630  12.764  0.714   1.00 30.57 ? 187  GLY A N   1 
ATOM   851  C  CA  . GLY A 1 110 ? -7.162  13.115  2.045   1.00 27.55 ? 187  GLY A CA  1 
ATOM   852  C  C   . GLY A 1 110 ? -7.090  11.965  3.018   1.00 33.81 ? 187  GLY A C   1 
ATOM   853  O  O   . GLY A 1 110 ? -6.615  12.157  4.138   1.00 30.89 ? 187  GLY A O   1 
ATOM   854  N  N   . ARG A 1 111 ? -7.537  10.774  2.621   1.00 22.01 ? 188  ARG A N   1 
ATOM   855  C  CA  . ARG A 1 111 ? -7.371  9.587   3.454   1.00 22.89 ? 188  ARG A CA  1 
ATOM   856  C  C   . ARG A 1 111 ? -6.081  8.865   3.077   1.00 19.23 ? 188  ARG A C   1 
ATOM   857  O  O   . ARG A 1 111 ? -5.451  9.305   2.119   1.00 29.34 ? 188  ARG A O   1 
ATOM   858  C  CB  . ARG A 1 111 ? -8.611  8.701   3.241   1.00 25.88 ? 188  ARG A CB  1 
ATOM   859  C  CG  . ARG A 1 111 ? -9.886  9.466   3.632   1.00 30.74 ? 188  ARG A CG  1 
ATOM   860  C  CD  . ARG A 1 111 ? -11.007 8.542   4.010   1.00 27.41 ? 188  ARG A CD  1 
ATOM   861  N  NE  . ARG A 1 111 ? -12.353 9.132   3.866   1.00 31.97 ? 188  ARG A NE  1 
ATOM   862  C  CZ  . ARG A 1 111 ? -13.034 9.526   4.942   1.00 35.87 ? 188  ARG A CZ  1 
ATOM   863  N  NH1 . ARG A 1 111 ? -12.488 9.387   6.137   1.00 31.37 ? 188  ARG A NH1 1 
ATOM   864  N  NH2 . ARG A 1 111 ? -14.247 10.055  4.840   1.00 43.49 ? 188  ARG A NH2 1 
ATOM   865  N  N   . SER A 1 112 ? -5.702  7.829   3.803   1.00 22.81 ? 189  SER A N   1 
ATOM   866  C  CA  . SER A 1 112 ? -4.438  7.136   3.510   1.00 17.61 ? 189  SER A CA  1 
ATOM   867  C  C   . SER A 1 112 ? -4.704  5.792   2.853   1.00 17.56 ? 189  SER A C   1 
ATOM   868  O  O   . SER A 1 112 ? -5.552  5.039   3.323   1.00 20.96 ? 189  SER A O   1 
ATOM   869  C  CB  . SER A 1 112 ? -3.629  6.960   4.799   1.00 28.64 ? 189  SER A CB  1 
ATOM   870  O  OG  . SER A 1 112 ? -4.378  6.237   5.775   1.00 37.29 ? 189  SER A OG  1 
ATOM   871  N  N   . PHE A 1 113 ? -3.980  5.499   1.773   1.00 16.84 ? 190  PHE A N   1 
ATOM   872  C  CA  . PHE A 1 113 ? -4.123  4.197   1.110   1.00 20.38 ? 190  PHE A CA  1 
ATOM   873  C  C   . PHE A 1 113 ? -2.966  3.325   1.601   1.00 20.47 ? 190  PHE A C   1 
ATOM   874  O  O   . PHE A 1 113 ? -1.839  3.808   1.527   1.00 19.34 ? 190  PHE A O   1 
ATOM   875  C  CB  . PHE A 1 113 ? -4.103  4.372   -0.395  1.00 18.72 ? 190  PHE A CB  1 
ATOM   876  C  CG  . PHE A 1 113 ? -4.575  3.147   -1.149  1.00 19.44 ? 190  PHE A CG  1 
ATOM   877  C  CD1 . PHE A 1 113 ? -5.879  2.951   -1.539  1.00 20.61 ? 190  PHE A CD1 1 
ATOM   878  C  CD2 . PHE A 1 113 ? -3.619  2.183   -1.457  1.00 29.58 ? 190  PHE A CD2 1 
ATOM   879  C  CE1 . PHE A 1 113 ? -6.227  1.792   -2.214  1.00 21.48 ? 190  PHE A CE1 1 
ATOM   880  C  CE2 . PHE A 1 113 ? -3.968  1.031   -2.142  1.00 33.05 ? 190  PHE A CE2 1 
ATOM   881  C  CZ  . PHE A 1 113 ? -5.274  0.836   -2.540  1.00 24.42 ? 190  PHE A CZ  1 
ATOM   882  N  N   . VAL A 1 114 ? -3.246  2.128   2.098   1.00 16.09 ? 191  VAL A N   1 
ATOM   883  C  CA  . VAL A 1 114 ? -2.244  1.316   2.777   1.00 16.69 ? 191  VAL A CA  1 
ATOM   884  C  C   . VAL A 1 114 ? -2.192  -0.071  2.151   1.00 16.93 ? 191  VAL A C   1 
ATOM   885  O  O   . VAL A 1 114 ? -3.253  -0.684  1.950   1.00 19.52 ? 191  VAL A O   1 
ATOM   886  C  CB  . VAL A 1 114 ? -2.562  1.144   4.278   1.00 16.68 ? 191  VAL A CB  1 
ATOM   887  C  CG1 . VAL A 1 114 ? -1.490  0.266   4.912   1.00 18.88 ? 191  VAL A CG1 1 
ATOM   888  C  CG2 . VAL A 1 114 ? -2.614  2.468   5.026   1.00 20.10 ? 191  VAL A CG2 1 
ATOM   889  N  N   . ILE A 1 115 ? -1.026  -0.570  1.830   1.00 14.61 ? 192  ILE A N   1 
ATOM   890  C  CA  . ILE A 1 115 ? -0.856  -1.968  1.443   1.00 13.01 ? 192  ILE A CA  1 
ATOM   891  C  C   . ILE A 1 115 ? 0.101   -2.618  2.445   1.00 16.74 ? 192  ILE A C   1 
ATOM   892  O  O   . ILE A 1 115 ? 1.091   -2.031  2.845   1.00 20.03 ? 192  ILE A O   1 
ATOM   893  C  CB  . ILE A 1 115 ? -0.368  -2.121  0.003   1.00 18.05 ? 192  ILE A CB  1 
ATOM   894  C  CG1 . ILE A 1 115 ? -1.340  -1.368  -0.953  1.00 16.54 ? 192  ILE A CG1 1 
ATOM   895  C  CG2 . ILE A 1 115 ? -0.173  -3.563  -0.405  1.00 17.56 ? 192  ILE A CG2 1 
ATOM   896  C  CD1 . ILE A 1 115 ? -0.894  -1.462  -2.399  1.00 21.10 ? 192  ILE A CD1 1 
ATOM   897  N  N   . SER A 1 116 ? -0.269  -3.823  2.892   1.00 18.35 ? 193  SER A N   1 
ATOM   898  C  CA  . SER A 1 116 ? 0.493   -4.446  3.964   1.00 17.31 ? 193  SER A CA  1 
ATOM   899  C  C   . SER A 1 116 ? 0.469   -5.965  3.836   1.00 18.80 ? 193  SER A C   1 
ATOM   900  O  O   . SER A 1 116 ? -0.370  -6.578  3.195   1.00 17.10 ? 193  SER A O   1 
ATOM   901  C  CB  . SER A 1 116 ? -0.074  -4.014  5.330   1.00 26.33 ? 193  SER A CB  1 
ATOM   902  O  OG  . SER A 1 116 ? -1.447  -4.379  5.402   1.00 33.74 ? 193  SER A OG  1 
ATOM   903  N  N   . LYS A 1 117 ? 1.475   -6.572  4.468   1.00 18.76 ? 194  LYS A N   1 
ATOM   904  C  CA  . LYS A 1 117 ? 1.579   -8.028  4.530   1.00 15.26 ? 194  LYS A CA  1 
ATOM   905  C  C   . LYS A 1 117 ? 2.275   -8.377  5.853   1.00 17.21 ? 194  LYS A C   1 
ATOM   906  O  O   . LYS A 1 117 ? 3.204   -7.654  6.236   1.00 18.30 ? 194  LYS A O   1 
ATOM   907  C  CB  . LYS A 1 117 ? 2.406   -8.617  3.398   1.00 16.83 ? 194  LYS A CB  1 
ATOM   908  C  CG  . LYS A 1 117 ? 2.425   -10.136 3.416   1.00 16.51 ? 194  LYS A CG  1 
ATOM   909  C  CD  . LYS A 1 117 ? 3.382   -10.787 2.463   1.00 19.37 ? 194  LYS A CD  1 
ATOM   910  C  CE  . LYS A 1 117 ? 4.841   -10.556 2.781   1.00 21.99 ? 194  LYS A CE  1 
ATOM   911  N  NZ  . LYS A 1 117 ? 5.306   -11.372 3.949   1.00 17.73 ? 194  LYS A NZ  1 
ATOM   912  N  N   . SER A 1 118 ? 1.857   -9.453  6.502   1.00 16.97 ? 195  SER A N   1 
ATOM   913  C  CA  . SER A 1 118 ? 2.568   -9.882  7.712   1.00 20.28 ? 195  SER A CA  1 
ATOM   914  C  C   . SER A 1 118 ? 4.031   -10.199 7.403   1.00 18.88 ? 195  SER A C   1 
ATOM   915  O  O   . SER A 1 118 ? 4.329   -10.800 6.374   1.00 20.72 ? 195  SER A O   1 
ATOM   916  C  CB  . SER A 1 118 ? 1.882   -11.126 8.309   1.00 27.80 ? 195  SER A CB  1 
ATOM   917  O  OG  . SER A 1 118 ? 1.906   -12.157 7.324   1.00 32.25 ? 195  SER A OG  1 
ATOM   918  N  N   . LEU A 1 119 ? 4.933   -9.783  8.298   1.00 17.86 ? 196  LEU A N   1 
ATOM   919  C  CA  . LEU A 1 119 ? 6.350   -10.064 8.105   1.00 24.00 ? 196  LEU A CA  1 
ATOM   920  C  C   . LEU A 1 119 ? 6.604   -11.561 8.208   1.00 21.45 ? 196  LEU A C   1 
ATOM   921  O  O   . LEU A 1 119 ? 6.004   -12.151 9.097   1.00 28.82 ? 196  LEU A O   1 
ATOM   922  C  CB  . LEU A 1 119 ? 7.208   -9.338  9.145   1.00 22.45 ? 196  LEU A CB  1 
ATOM   923  C  CG  . LEU A 1 119 ? 7.119   -7.816  9.099   1.00 26.13 ? 196  LEU A CG  1 
ATOM   924  C  CD1 . LEU A 1 119 ? 7.789   -7.184  10.322  1.00 27.30 ? 196  LEU A CD1 1 
ATOM   925  C  CD2 . LEU A 1 119 ? 7.763   -7.308  7.818   1.00 33.92 ? 196  LEU A CD2 1 
ATOM   926  N  N   . ASN A 1 120 ? 7.468   -12.094 7.354   1.00 20.95 ? 197  ASN A N   1 
ATOM   927  C  CA  . ASN A 1 120 ? 7.864   -13.494 7.454   1.00 22.33 ? 197  ASN A CA  1 
ATOM   928  C  C   . ASN A 1 120 ? 8.621   -13.744 8.759   1.00 25.41 ? 197  ASN A C   1 
ATOM   929  O  O   . ASN A 1 120 ? 8.456   -14.832 9.313   1.00 30.80 ? 197  ASN A O   1 
ATOM   930  C  CB  . ASN A 1 120 ? 8.750   -13.874 6.263   1.00 26.01 ? 197  ASN A CB  1 
ATOM   931  C  CG  . ASN A 1 120 ? 8.001   -14.067 4.960   1.00 19.93 ? 197  ASN A CG  1 
ATOM   932  O  OD1 . ASN A 1 120 ? 6.769   -14.020 4.941   1.00 31.81 ? 197  ASN A OD1 1 
ATOM   933  N  ND2 . ASN A 1 120 ? 8.733   -14.254 3.867   1.00 30.30 ? 197  ASN A ND2 1 
ATOM   934  N  N   . HIS A 1 121 ? 9.425   -12.783 9.187   1.00 23.34 ? 198  HIS A N   1 
ATOM   935  C  CA  . HIS A 1 121 ? 10.319  -12.882 10.333  1.00 30.19 ? 198  HIS A CA  1 
ATOM   936  C  C   . HIS A 1 121 ? 10.293  -11.648 11.223  1.00 28.74 ? 198  HIS A C   1 
ATOM   937  O  O   . HIS A 1 121 ? 11.258  -10.892 11.298  1.00 27.32 ? 198  HIS A O   1 
ATOM   938  C  CB  . HIS A 1 121 ? 11.768  -13.116 9.852   1.00 30.65 ? 198  HIS A CB  1 
ATOM   939  C  CG  . HIS A 1 121 ? 11.881  -14.356 9.015   1.00 41.07 ? 198  HIS A CG  1 
ATOM   940  N  ND1 . HIS A 1 121 ? 11.799  -15.625 9.552   1.00 42.29 ? 198  HIS A ND1 1 
ATOM   941  C  CD2 . HIS A 1 121 ? 12.052  -14.531 7.687   1.00 41.40 ? 198  HIS A CD2 1 
ATOM   942  C  CE1 . HIS A 1 121 ? 11.918  -16.522 8.592   1.00 38.23 ? 198  HIS A CE1 1 
ATOM   943  N  NE2 . HIS A 1 121 ? 12.074  -15.880 7.449   1.00 42.81 ? 198  HIS A NE2 1 
ATOM   944  N  N   . PRO A 1 122 ? 9.193   -11.435 11.939  1.00 23.76 ? 199  PRO A N   1 
ATOM   945  C  CA  . PRO A 1 122 ? 9.025   -10.264 12.779  1.00 23.07 ? 199  PRO A CA  1 
ATOM   946  C  C   . PRO A 1 122 ? 10.028  -10.171 13.936  1.00 35.36 ? 199  PRO A C   1 
ATOM   947  O  O   . PRO A 1 122 ? 10.208  -9.072  14.467  1.00 35.39 ? 199  PRO A O   1 
ATOM   948  C  CB  . PRO A 1 122 ? 7.646   -10.463 13.414  1.00 27.72 ? 199  PRO A CB  1 
ATOM   949  C  CG  . PRO A 1 122 ? 7.301   -11.895 13.199  1.00 35.06 ? 199  PRO A CG  1 
ATOM   950  C  CD  . PRO A 1 122 ? 8.045   -12.364 11.977  1.00 28.00 ? 199  PRO A CD  1 
ATOM   951  N  N   . GLU A 1 123 ? 10.642  -11.285 14.324  1.00 30.38 ? 200  GLU A N   1 
ATOM   952  C  CA  . GLU A 1 123 ? 11.582  -11.252 15.449  1.00 38.45 ? 200  GLU A CA  1 
ATOM   953  C  C   . GLU A 1 123 ? 12.831  -10.445 15.100  1.00 39.81 ? 200  GLU A C   1 
ATOM   954  O  O   . GLU A 1 123 ? 13.623  -10.089 15.981  1.00 39.23 ? 200  GLU A O   1 
ATOM   955  C  CB  . GLU A 1 123 ? 11.969  -12.653 15.931  1.00 35.15 ? 200  GLU A CB  1 
ATOM   956  C  CG  . GLU A 1 123 ? 12.595  -13.604 14.938  1.00 45.74 ? 200  GLU A CG  1 
ATOM   957  C  CD  . GLU A 1 123 ? 11.598  -14.090 13.897  1.00 53.63 ? 200  GLU A CD  1 
ATOM   958  O  OE1 . GLU A 1 123 ? 12.001  -14.789 12.948  1.00 46.04 ? 200  GLU A OE1 1 
ATOM   959  O  OE2 . GLU A 1 123 ? 10.399  -13.751 14.026  1.00 50.49 ? 200  GLU A OE2 1 
ATOM   960  N  N   . ASN A 1 124 ? 13.023  -10.125 13.829  1.00 28.57 ? 201  ASN A N   1 
ATOM   961  C  CA  . ASN A 1 124 ? 14.245  -9.484  13.361  1.00 36.06 ? 201  ASN A CA  1 
ATOM   962  C  C   . ASN A 1 124 ? 14.067  -7.999  13.023  1.00 41.47 ? 201  ASN A C   1 
ATOM   963  O  O   . ASN A 1 124 ? 14.953  -7.437  12.366  1.00 44.33 ? 201  ASN A O   1 
ATOM   964  C  CB  . ASN A 1 124 ? 14.772  -10.203 12.120  1.00 38.53 ? 201  ASN A CB  1 
ATOM   965  C  CG  . ASN A 1 124 ? 15.135  -11.655 12.335  1.00 48.31 ? 201  ASN A CG  1 
ATOM   966  O  OD1 . ASN A 1 124 ? 15.144  -12.178 13.450  1.00 63.65 ? 201  ASN A OD1 1 
ATOM   967  N  ND2 . ASN A 1 124 ? 15.444  -12.329 11.228  1.00 42.74 ? 201  ASN A ND2 1 
ATOM   968  N  N   . GLU A 1 125 ? 12.987  -7.403  13.444  1.00 44.01 ? 202  GLU A N   1 
ATOM   969  C  CA  . GLU A 1 125 ? 12.456  -6.061  13.307  1.00 49.81 ? 202  GLU A CA  1 
ATOM   970  C  C   . GLU A 1 125 ? 11.312  -5.916  14.320  1.00 60.60 ? 202  GLU A C   1 
ATOM   971  O  O   . GLU A 1 125 ? 10.199  -5.534  13.962  1.00 87.18 ? 202  GLU A O   1 
ATOM   972  C  CB  . GLU A 1 125 ? 11.887  -5.756  11.929  1.00 46.67 ? 202  GLU A CB  1 
ATOM   973  C  CG  . GLU A 1 125 ? 12.775  -5.206  10.827  1.00 29.82 ? 202  GLU A CG  1 
ATOM   974  C  CD  . GLU A 1 125 ? 12.435  -5.865  9.501   1.00 35.53 ? 202  GLU A CD  1 
ATOM   975  O  OE1 . GLU A 1 125 ? 13.000  -6.923  9.145   1.00 33.51 ? 202  GLU A OE1 1 
ATOM   976  O  OE2 . GLU A 1 125 ? 11.563  -5.328  8.785   1.00 62.85 ? 202  GLU A OE2 1 
ATOM   977  N  N   . PRO A 1 126 ? 11.567  -6.240  15.572  1.00 63.32 ? 203  PRO A N   1 
ATOM   978  C  CA  . PRO A 1 126 ? 10.515  -6.553  16.538  1.00 69.58 ? 203  PRO A CA  1 
ATOM   979  C  C   . PRO A 1 126 ? 9.882   -5.263  17.047  1.00 76.43 ? 203  PRO A C   1 
ATOM   980  O  O   . PRO A 1 126 ? 10.380  -4.192  16.676  1.00 67.17 ? 203  PRO A O   1 
ATOM   981  C  CB  . PRO A 1 126 ? 11.251  -7.271  17.667  1.00 72.64 ? 203  PRO A CB  1 
ATOM   982  C  CG  . PRO A 1 126 ? 12.670  -7.390  17.237  1.00 72.30 ? 203  PRO A CG  1 
ATOM   983  C  CD  . PRO A 1 126 ? 12.885  -6.295  16.226  1.00 71.09 ? 203  PRO A CD  1 
ATOM   984  N  N   . SER A 1 127 ? 8.846   -5.352  17.848  1.00 80.90 ? 204  SER A N   1 
ATOM   985  C  CA  . SER A 1 127 ? 8.101   -6.523  18.282  1.00 82.37 ? 204  SER A CA  1 
ATOM   986  C  C   . SER A 1 127 ? 6.618   -6.137  18.251  1.00 83.85 ? 204  SER A C   1 
ATOM   987  O  O   . SER A 1 127 ? 5.716   -6.956  18.360  1.00 54.98 ? 204  SER A O   1 
ATOM   988  N  N   . SER A 1 128 ? 6.476   -4.828  18.095  1.00 84.94 ? 205  SER A N   1 
ATOM   989  C  CA  . SER A 1 128 ? 5.253   -4.099  17.867  1.00 80.83 ? 205  SER A CA  1 
ATOM   990  C  C   . SER A 1 128 ? 5.008   -3.962  16.368  1.00 69.44 ? 205  SER A C   1 
ATOM   991  O  O   . SER A 1 128 ? 3.870   -3.741  15.950  1.00 51.41 ? 205  SER A O   1 
ATOM   992  N  N   . VAL A 1 129 ? 6.086   -4.101  15.585  1.00 48.76 ? 206  VAL A N   1 
ATOM   993  C  CA  . VAL A 1 129 ? 5.880   -4.104  14.129  1.00 36.43 ? 206  VAL A CA  1 
ATOM   994  C  C   . VAL A 1 129 ? 5.723   -5.546  13.641  1.00 25.52 ? 206  VAL A C   1 
ATOM   995  O  O   . VAL A 1 129 ? 6.646   -6.360  13.668  1.00 39.77 ? 206  VAL A O   1 
ATOM   996  C  CB  . VAL A 1 129 ? 7.001   -3.357  13.409  1.00 43.88 ? 206  VAL A CB  1 
ATOM   997  C  CG1 . VAL A 1 129 ? 7.231   -3.910  12.010  1.00 39.32 ? 206  VAL A CG1 1 
ATOM   998  C  CG2 . VAL A 1 129 ? 6.651   -1.870  13.349  1.00 42.78 ? 206  VAL A CG2 1 
ATOM   999  N  N   . LYS A 1 130 ? 4.514   -5.857  13.203  1.00 22.44 ? 207  LYS A N   1 
ATOM   1000 C  CA  . LYS A 1 130 ? 4.112   -7.157  12.751  1.00 23.61 ? 207  LYS A CA  1 
ATOM   1001 C  C   . LYS A 1 130 ? 4.041   -7.270  11.228  1.00 18.81 ? 207  LYS A C   1 
ATOM   1002 O  O   . LYS A 1 130 ? 4.101   -8.384  10.712  1.00 20.06 ? 207  LYS A O   1 
ATOM   1003 C  CB  . LYS A 1 130 ? 2.692   -7.495  13.251  1.00 23.12 ? 207  LYS A CB  1 
ATOM   1004 C  CG  . LYS A 1 130 ? 2.460   -7.144  14.720  1.00 31.96 ? 207  LYS A CG  1 
ATOM   1005 C  CD  . LYS A 1 130 ? 2.997   -8.299  15.536  1.00 24.39 ? 207  LYS A CD  1 
ATOM   1006 C  CE  . LYS A 1 130 ? 2.659   -8.146  17.019  1.00 23.60 ? 207  LYS A CE  1 
ATOM   1007 N  NZ  . LYS A 1 130 ? 3.612   -8.992  17.793  1.00 23.02 ? 207  LYS A NZ  1 
ATOM   1008 N  N   . ASP A 1 131 ? 3.859   -6.133  10.571  1.00 19.51 ? 208  ASP A N   1 
ATOM   1009 C  CA  . ASP A 1 131 ? 3.550   -6.085  9.154   1.00 20.40 ? 208  ASP A CA  1 
ATOM   1010 C  C   . ASP A 1 131 ? 4.567   -5.239  8.371   1.00 17.52 ? 208  ASP A C   1 
ATOM   1011 O  O   . ASP A 1 131 ? 5.065   -4.285  8.943   1.00 20.72 ? 208  ASP A O   1 
ATOM   1012 C  CB  . ASP A 1 131 ? 2.186   -5.467  8.853   1.00 20.85 ? 208  ASP A CB  1 
ATOM   1013 C  CG  . ASP A 1 131 ? 0.965   -6.165  9.398   1.00 28.90 ? 208  ASP A CG  1 
ATOM   1014 O  OD1 . ASP A 1 131 ? 0.855   -7.398  9.215   1.00 30.06 ? 208  ASP A OD1 1 
ATOM   1015 O  OD2 . ASP A 1 131 ? 0.102   -5.483  9.998   1.00 37.49 ? 208  ASP A OD2 1 
ATOM   1016 N  N   . TYR A 1 132 ? 4.783   -5.613  7.120   1.00 14.47 ? 209  TYR A N   1 
ATOM   1017 C  CA  . TYR A 1 132 ? 5.459   -4.698  6.203   1.00 14.39 ? 209  TYR A CA  1 
ATOM   1018 C  C   . TYR A 1 132 ? 4.398   -3.807  5.557   1.00 17.83 ? 209  TYR A C   1 
ATOM   1019 O  O   . TYR A 1 132 ? 3.468   -4.354  4.944   1.00 19.47 ? 209  TYR A O   1 
ATOM   1020 C  CB  . TYR A 1 132 ? 6.247   -5.510  5.196   1.00 15.69 ? 209  TYR A CB  1 
ATOM   1021 C  CG  . TYR A 1 132 ? 7.040   -4.694  4.208   1.00 17.27 ? 209  TYR A CG  1 
ATOM   1022 C  CD1 . TYR A 1 132 ? 8.310   -4.187  4.487   1.00 16.77 ? 209  TYR A CD1 1 
ATOM   1023 C  CD2 . TYR A 1 132 ? 6.488   -4.414  2.966   1.00 19.17 ? 209  TYR A CD2 1 
ATOM   1024 C  CE1 . TYR A 1 132 ? 8.978   -3.443  3.543   1.00 20.30 ? 209  TYR A CE1 1 
ATOM   1025 C  CE2 . TYR A 1 132 ? 7.159   -3.669  2.003   1.00 19.33 ? 209  TYR A CE2 1 
ATOM   1026 C  CZ  . TYR A 1 132 ? 8.420   -3.178  2.309   1.00 20.40 ? 209  TYR A CZ  1 
ATOM   1027 O  OH  . TYR A 1 132 ? 9.112   -2.447  1.374   1.00 18.22 ? 209  TYR A OH  1 
ATOM   1028 N  N   . SER A 1 133 ? 4.505   -2.491  5.691   1.00 15.66 ? 210  SER A N   1 
ATOM   1029 C  CA  . SER A 1 133 ? 3.436   -1.664  5.140   1.00 18.65 ? 210  SER A CA  1 
ATOM   1030 C  C   . SER A 1 133 ? 4.032   -0.529  4.338   1.00 16.23 ? 210  SER A C   1 
ATOM   1031 O  O   . SER A 1 133 ? 5.122   -0.027  4.630   1.00 20.38 ? 210  SER A O   1 
ATOM   1032 C  CB  . SER A 1 133 ? 2.533   -1.079  6.232   1.00 22.42 ? 210  SER A CB  1 
ATOM   1033 O  OG  . SER A 1 133 ? 2.103   -2.118  7.093   1.00 26.48 ? 210  SER A OG  1 
ATOM   1034 N  N   . PHE A 1 134 ? 3.271   -0.146  3.320   1.00 19.64 ? 211  PHE A N   1 
ATOM   1035 C  CA  . PHE A 1 134 ? 3.678   1.055   2.560   1.00 14.85 ? 211  PHE A CA  1 
ATOM   1036 C  C   . PHE A 1 134 ? 2.372   1.788   2.259   1.00 18.79 ? 211  PHE A C   1 
ATOM   1037 O  O   . PHE A 1 134 ? 1.324   1.141   2.149   1.00 15.85 ? 211  PHE A O   1 
ATOM   1038 C  CB  . PHE A 1 134 ? 4.546   0.689   1.386   1.00 18.67 ? 211  PHE A CB  1 
ATOM   1039 C  CG  . PHE A 1 134 ? 4.088   -0.476  0.526   1.00 18.28 ? 211  PHE A CG  1 
ATOM   1040 C  CD1 . PHE A 1 134 ? 3.481   -0.296  -0.697  1.00 17.46 ? 211  PHE A CD1 1 
ATOM   1041 C  CD2 . PHE A 1 134 ? 4.272   -1.787  0.948   1.00 21.56 ? 211  PHE A CD2 1 
ATOM   1042 C  CE1 . PHE A 1 134 ? 3.087   -1.363  -1.490  1.00 23.63 ? 211  PHE A CE1 1 
ATOM   1043 C  CE2 . PHE A 1 134 ? 3.902   -2.855  0.161   1.00 16.25 ? 211  PHE A CE2 1 
ATOM   1044 C  CZ  . PHE A 1 134 ? 3.307   -2.680  -1.065  1.00 17.81 ? 211  PHE A CZ  1 
ATOM   1045 N  N   . LEU A 1 135 ? 2.427   3.110   2.210   1.00 18.70 ? 212  LEU A N   1 
ATOM   1046 C  CA  . LEU A 1 135 ? 1.172   3.859   2.264   1.00 18.16 ? 212  LEU A CA  1 
ATOM   1047 C  C   . LEU A 1 135 ? 1.412   5.265   1.710   1.00 24.33 ? 212  LEU A C   1 
ATOM   1048 O  O   . LEU A 1 135 ? 2.548   5.694   1.574   1.00 19.97 ? 212  LEU A O   1 
ATOM   1049 C  CB  . LEU A 1 135 ? 0.583   3.972   3.641   1.00 21.83 ? 212  LEU A CB  1 
ATOM   1050 C  CG  . LEU A 1 135 ? 1.179   3.901   5.017   1.00 36.55 ? 212  LEU A CG  1 
ATOM   1051 C  CD1 . LEU A 1 135 ? 2.684   4.017   5.057   1.00 23.40 ? 212  LEU A CD1 1 
ATOM   1052 C  CD2 . LEU A 1 135 ? 0.548   4.999   5.896   1.00 26.74 ? 212  LEU A CD2 1 
ATOM   1053 N  N   . GLY A 1 136 ? 0.305   5.949   1.431   1.00 19.99 ? 213  GLY A N   1 
ATOM   1054 C  CA  . GLY A 1 136 ? 0.438   7.292   0.854   1.00 17.22 ? 213  GLY A CA  1 
ATOM   1055 C  C   . GLY A 1 136 ? -0.916  7.980   0.995   1.00 22.55 ? 213  GLY A C   1 
ATOM   1056 O  O   . GLY A 1 136 ? -1.970  7.324   1.034   1.00 20.34 ? 213  GLY A O   1 
ATOM   1057 N  N   . VAL A 1 137 ? -0.865  9.304   1.101   1.00 19.15 ? 214  VAL A N   1 
ATOM   1058 C  CA  . VAL A 1 137 ? -2.110  10.066  1.192   1.00 24.65 ? 214  VAL A CA  1 
ATOM   1059 C  C   . VAL A 1 137 ? -2.762  10.091  -0.171  1.00 19.65 ? 214  VAL A C   1 
ATOM   1060 O  O   . VAL A 1 137 ? -2.096  10.226  -1.188  1.00 25.43 ? 214  VAL A O   1 
ATOM   1061 C  CB  . VAL A 1 137 ? -1.865  11.528  1.609   1.00 23.24 ? 214  VAL A CB  1 
ATOM   1062 C  CG1 . VAL A 1 137 ? -3.207  12.256  1.736   1.00 26.28 ? 214  VAL A CG1 1 
ATOM   1063 C  CG2 . VAL A 1 137 ? -1.121  11.616  2.920   1.00 27.74 ? 214  VAL A CG2 1 
ATOM   1064 N  N   . ILE A 1 138 ? -4.084  10.002  -0.227  1.00 21.80 ? 215  ILE A N   1 
ATOM   1065 C  CA  . ILE A 1 138 ? -4.732  10.093  -1.528  1.00 16.41 ? 215  ILE A CA  1 
ATOM   1066 C  C   . ILE A 1 138 ? -4.958  11.564  -1.902  1.00 19.33 ? 215  ILE A C   1 
ATOM   1067 O  O   . ILE A 1 138 ? -5.528  12.269  -1.087  1.00 22.43 ? 215  ILE A O   1 
ATOM   1068 C  CB  . ILE A 1 138 ? -6.090  9.377   -1.511  1.00 20.01 ? 215  ILE A CB  1 
ATOM   1069 C  CG1 . ILE A 1 138 ? -5.920  7.875   -1.225  1.00 26.90 ? 215  ILE A CG1 1 
ATOM   1070 C  CG2 . ILE A 1 138 ? -6.848  9.621   -2.797  1.00 22.34 ? 215  ILE A CG2 1 
ATOM   1071 C  CD1 . ILE A 1 138 ? -7.196  7.196   -0.788  1.00 20.15 ? 215  ILE A CD1 1 
ATOM   1072 N  N   . ALA A 1 139 ? -4.463  11.909  -3.066  1.00 22.52 ? 216  ALA A N   1 
ATOM   1073 C  CA  . ALA A 1 139 ? -4.516  13.294  -3.525  1.00 28.18 ? 216  ALA A CA  1 
ATOM   1074 C  C   . ALA A 1 139 ? -5.138  13.397  -4.910  1.00 33.45 ? 216  ALA A C   1 
ATOM   1075 O  O   . ALA A 1 139 ? -4.961  12.554  -5.784  1.00 26.47 ? 216  ALA A O   1 
ATOM   1076 C  CB  . ALA A 1 139 ? -3.112  13.889  -3.513  1.00 33.17 ? 216  ALA A CB  1 
ATOM   1077 N  N   . ARG A 1 140 ? -5.895  14.482  -5.095  1.00 42.11 ? 217  ARG A N   1 
ATOM   1078 C  CA  . ARG A 1 140 ? -6.606  14.738  -6.337  1.00 41.52 ? 217  ARG A CA  1 
ATOM   1079 C  C   . ARG A 1 140 ? -5.612  15.016  -7.458  1.00 36.40 ? 217  ARG A C   1 
ATOM   1080 O  O   . ARG A 1 140 ? -4.556  15.598  -7.170  1.00 48.27 ? 217  ARG A O   1 
ATOM   1081 O  OXT . ARG A 1 140 ? -5.899  14.641  -8.606  1.00 44.29 ? 217  ARG A OXT 1 
HETATM 1082 CA CA  . CA  B 2 .   ? 13.556  -11.084 -0.560  1.00 20.57 ? 218  CA  A CA  1 
HETATM 1083 O  O   . HOH C 3 .   ? 12.547  -13.176 0.358   1.00 21.27 ? 1002 HOH A O   1 
HETATM 1084 O  O   . HOH C 3 .   ? 14.821  -9.213  -0.242  1.00 18.41 ? 1003 HOH A O   1 
HETATM 1085 O  O   . HOH C 3 .   ? -1.594  -16.399 -3.992  1.00 20.19 ? 1004 HOH A O   1 
HETATM 1086 O  O   . HOH C 3 .   ? 13.387  -10.656 1.834   1.00 22.15 ? 1005 HOH A O   1 
HETATM 1087 O  O   . HOH C 3 .   ? -0.589  1.890   -10.731 1.00 25.12 ? 1006 HOH A O   1 
HETATM 1088 O  O   . HOH C 3 .   ? 10.244  -10.543 7.821   1.00 23.77 ? 1007 HOH A O   1 
HETATM 1089 O  O   . HOH C 3 .   ? 15.669  -4.951  0.171   1.00 19.95 ? 1008 HOH A O   1 
HETATM 1090 O  O   . HOH C 3 .   ? -6.776  -6.432  -0.291  1.00 22.16 ? 1009 HOH A O   1 
HETATM 1091 O  O   . HOH C 3 .   ? -23.062 5.224   -12.364 1.00 25.36 ? 1010 HOH A O   1 
HETATM 1092 O  O   . HOH C 3 .   ? 13.436  -3.561  -0.995  1.00 28.14 ? 1011 HOH A O   1 
HETATM 1093 O  O   . HOH C 3 .   ? 15.312  -8.736  2.528   1.00 22.41 ? 1012 HOH A O   1 
HETATM 1094 O  O   . HOH C 3 .   ? 6.010   1.738   6.525   1.00 24.09 ? 1013 HOH A O   1 
HETATM 1095 O  O   . HOH C 3 .   ? -3.974  -3.016  4.445   1.00 27.03 ? 1014 HOH A O   1 
HETATM 1096 O  O   . HOH C 3 .   ? 7.945   -7.307  1.963   1.00 21.59 ? 1015 HOH A O   1 
HETATM 1097 O  O   . HOH C 3 .   ? 0.223   -9.420  -9.529  1.00 30.71 ? 1016 HOH A O   1 
HETATM 1098 O  O   . HOH C 3 .   ? -14.177 -2.648  -2.251  1.00 24.66 ? 1017 HOH A O   1 
HETATM 1099 O  O   . HOH C 3 .   ? -4.533  -13.606 0.983   1.00 28.46 ? 1018 HOH A O   1 
HETATM 1100 O  O   . HOH C 3 .   ? 5.078   -13.743 2.743   1.00 27.22 ? 1019 HOH A O   1 
HETATM 1101 O  O   . HOH C 3 .   ? 0.399   10.183  -2.327  1.00 24.03 ? 1020 HOH A O   1 
HETATM 1102 O  O   . HOH C 3 .   ? 10.230  -14.036 -0.153  1.00 28.72 ? 1021 HOH A O   1 
HETATM 1103 O  O   . HOH C 3 .   ? -0.989  -12.221 3.307   1.00 23.21 ? 1022 HOH A O   1 
HETATM 1104 O  O   . HOH C 3 .   ? 1.788   10.457  0.962   1.00 27.97 ? 1023 HOH A O   1 
HETATM 1105 O  O   . HOH C 3 .   ? 12.369  -11.814 4.237   1.00 25.99 ? 1024 HOH A O   1 
HETATM 1106 O  O   . HOH C 3 .   ? -25.534 6.649   -12.452 1.00 29.48 ? 1025 HOH A O   1 
HETATM 1107 O  O   . HOH C 3 .   ? 4.112   1.709   9.109   1.00 27.85 ? 1026 HOH A O   1 
HETATM 1108 O  O   . HOH C 3 .   ? -22.135 3.752   -9.921  1.00 29.58 ? 1027 HOH A O   1 
HETATM 1109 O  O   . HOH C 3 .   ? 10.835  7.891   -1.802  1.00 46.96 ? 1028 HOH A O   1 
HETATM 1110 O  O   . HOH C 3 .   ? 2.677   -11.633 -9.060  1.00 26.97 ? 1029 HOH A O   1 
HETATM 1111 O  O   . HOH C 3 .   ? -3.060  -9.791  -7.871  1.00 28.04 ? 1030 HOH A O   1 
HETATM 1112 O  O   . HOH C 3 .   ? -17.286 -1.910  -6.109  1.00 34.12 ? 1031 HOH A O   1 
HETATM 1113 O  O   . HOH C 3 .   ? -2.803  -2.511  -12.302 1.00 30.96 ? 1032 HOH A O   1 
HETATM 1114 O  O   . HOH C 3 .   ? -0.602  -10.963 5.731   1.00 26.97 ? 1033 HOH A O   1 
HETATM 1115 O  O   . HOH C 3 .   ? -1.016  -12.573 10.026  1.00 41.43 ? 1034 HOH A O   1 
HETATM 1116 O  O   . HOH C 3 .   ? 12.231  -9.298  9.327   1.00 28.73 ? 1035 HOH A O   1 
HETATM 1117 O  O   . HOH C 3 .   ? 3.473   -1.520  9.468   1.00 32.99 ? 1036 HOH A O   1 
HETATM 1118 O  O   . HOH C 3 .   ? -14.881 -1.792  4.348   1.00 33.38 ? 1037 HOH A O   1 
HETATM 1119 O  O   . HOH C 3 .   ? 10.086  1.152   -6.563  1.00 41.91 ? 1038 HOH A O   1 
HETATM 1120 O  O   . HOH C 3 .   ? -12.275 -4.929  -5.706  1.00 26.57 ? 1039 HOH A O   1 
HETATM 1121 O  O   . HOH C 3 .   ? 17.276  -13.641 -6.662  1.00 25.96 ? 1040 HOH A O   1 
HETATM 1122 O  O   . HOH C 3 .   ? -3.866  -17.382 -6.826  1.00 31.64 ? 1041 HOH A O   1 
HETATM 1123 O  O   . HOH C 3 .   ? -5.775  16.506  -2.385  1.00 41.22 ? 1042 HOH A O   1 
HETATM 1124 O  O   . HOH C 3 .   ? 16.733  -0.166  6.417   1.00 38.65 ? 1043 HOH A O   1 
HETATM 1125 O  O   . HOH C 3 .   ? -13.115 -5.275  -2.253  1.00 32.67 ? 1044 HOH A O   1 
HETATM 1126 O  O   . HOH C 3 .   ? 11.708  -2.534  11.920  1.00 43.47 ? 1045 HOH A O   1 
HETATM 1127 O  O   . HOH C 3 .   ? -4.676  -15.791 -3.632  1.00 44.74 ? 1046 HOH A O   1 
HETATM 1128 O  O   . HOH C 3 .   ? 3.510   9.091   -0.108  1.00 36.21 ? 1047 HOH A O   1 
HETATM 1129 O  O   . HOH C 3 .   ? 17.599  -6.633  12.567  1.00 46.44 ? 1048 HOH A O   1 
HETATM 1130 O  O   . HOH C 3 .   ? 9.058   -14.607 -10.250 1.00 32.78 ? 1049 HOH A O   1 
HETATM 1131 O  O   . HOH C 3 .   ? -8.203  7.205   15.168  1.00 44.44 ? 1050 HOH A O   1 
HETATM 1132 O  O   . HOH C 3 .   ? 4.309   -13.830 6.135   1.00 44.22 ? 1051 HOH A O   1 
HETATM 1133 O  O   . HOH C 3 .   ? 11.627  9.369   -4.484  1.00 51.00 ? 1052 HOH A O   1 
HETATM 1134 O  O   . HOH C 3 .   ? 6.491   -6.397  21.034  1.00 39.67 ? 1053 HOH A O   1 
HETATM 1135 O  O   . HOH C 3 .   ? 21.371  -0.807  0.455   1.00 38.05 ? 1054 HOH A O   1 
HETATM 1136 O  O   . HOH C 3 .   ? -15.848 2.565   7.613   1.00 31.50 ? 1055 HOH A O   1 
HETATM 1137 O  O   . HOH C 3 .   ? 20.370  -0.609  7.585   1.00 41.73 ? 1056 HOH A O   1 
HETATM 1138 O  O   . HOH C 3 .   ? -3.752  2.899   12.379  1.00 36.45 ? 1057 HOH A O   1 
HETATM 1139 O  O   . HOH C 3 .   ? 7.411   10.571  -3.022  1.00 57.46 ? 1058 HOH A O   1 
HETATM 1140 O  O   . HOH C 3 .   ? -11.107 -6.852  -8.712  1.00 49.05 ? 1059 HOH A O   1 
HETATM 1141 O  O   . HOH C 3 .   ? 5.636   -16.169 4.030   1.00 38.90 ? 1060 HOH A O   1 
HETATM 1142 O  O   . HOH C 3 .   ? -4.503  -15.656 -9.925  1.00 52.96 ? 1061 HOH A O   1 
HETATM 1143 O  O   . HOH C 3 .   ? 0.008   -16.474 -7.403  1.00 54.72 ? 1062 HOH A O   1 
HETATM 1144 O  O   . HOH C 3 .   ? -4.892  -2.090  7.351   1.00 37.57 ? 1063 HOH A O   1 
HETATM 1145 O  O   . HOH C 3 .   ? 5.143   9.910   13.689  1.00 58.80 ? 1064 HOH A O   1 
HETATM 1146 O  O   . HOH C 3 .   ? 14.592  1.850   2.360   1.00 45.94 ? 1065 HOH A O   1 
HETATM 1147 O  O   . HOH C 3 .   ? 13.040  -1.949  -8.543  1.00 55.95 ? 1066 HOH A O   1 
HETATM 1148 O  O   . HOH C 3 .   ? -3.369  13.805  12.458  1.00 50.12 ? 1067 HOH A O   1 
HETATM 1149 O  O   . HOH C 3 .   ? -16.299 12.619  -7.258  1.00 49.61 ? 1068 HOH A O   1 
HETATM 1150 O  O   . HOH C 3 .   ? 3.653   -10.711 11.909  1.00 36.42 ? 1069 HOH A O   1 
HETATM 1151 O  O   . HOH C 3 .   ? -22.011 1.271   -9.133  1.00 50.89 ? 1070 HOH A O   1 
HETATM 1152 O  O   . HOH C 3 .   ? -7.785  -8.923  1.902   1.00 51.82 ? 1071 HOH A O   1 
HETATM 1153 O  O   . HOH C 3 .   ? -7.296  -9.195  -7.641  1.00 54.48 ? 1072 HOH A O   1 
HETATM 1154 O  O   . HOH C 3 .   ? 15.036  -2.324  -7.471  1.00 43.73 ? 1073 HOH A O   1 
HETATM 1155 O  O   . HOH C 3 .   ? -1.582  -6.924  11.860  1.00 42.06 ? 1074 HOH A O   1 
HETATM 1156 O  O   . HOH C 3 .   ? 15.158  6.667   0.588   1.00 37.95 ? 1075 HOH A O   1 
HETATM 1157 O  O   . HOH C 3 .   ? 20.706  5.517   -2.359  1.00 48.58 ? 1076 HOH A O   1 
HETATM 1158 O  O   . HOH C 3 .   ? -3.764  -5.349  -12.795 1.00 32.60 ? 1077 HOH A O   1 
HETATM 1159 O  O   . HOH C 3 .   ? 0.987   -10.315 10.857  1.00 41.69 ? 1078 HOH A O   1 
HETATM 1160 O  O   . HOH C 3 .   ? 13.784  0.099   5.420   1.00 38.33 ? 1079 HOH A O   1 
HETATM 1161 O  O   . HOH C 3 .   ? 2.863   -3.636  12.727  1.00 46.98 ? 1080 HOH A O   1 
HETATM 1162 O  O   . HOH C 3 .   ? 14.677  -10.899 8.626   1.00 40.43 ? 1081 HOH A O   1 
HETATM 1163 O  O   . HOH C 3 .   ? -18.892 -10.330 5.712   1.00 61.10 ? 1082 HOH A O   1 
HETATM 1164 O  O   . HOH C 3 .   ? -0.775  -8.367  -17.763 1.00 55.40 ? 1083 HOH A O   1 
HETATM 1165 O  O   . HOH C 3 .   ? -1.964  -0.377  -15.353 1.00 43.87 ? 1084 HOH A O   1 
HETATM 1166 O  O   . HOH C 3 .   ? 11.856  -3.175  14.213  1.00 53.95 ? 1085 HOH A O   1 
HETATM 1167 O  O   . HOH C 3 .   ? 11.260  3.122   12.138  1.00 58.70 ? 1086 HOH A O   1 
HETATM 1168 O  O   . HOH C 3 .   ? -15.794 -4.136  1.784   1.00 58.09 ? 1087 HOH A O   1 
HETATM 1169 O  O   . HOH C 3 .   ? -3.401  5.713   14.559  1.00 54.10 ? 1088 HOH A O   1 
HETATM 1170 O  O   . HOH C 3 .   ? -5.031  15.260  -0.359  1.00 36.20 ? 1089 HOH A O   1 
HETATM 1171 O  O   . HOH C 3 .   ? 1.812   -9.482  -11.795 1.00 47.72 ? 1090 HOH A O   1 
HETATM 1172 O  O   . HOH C 3 .   ? -4.323  -19.214 -8.135  1.00 66.78 ? 1091 HOH A O   1 
HETATM 1173 O  O   . HOH C 3 .   ? -21.837 1.033   -6.571  1.00 52.96 ? 1092 HOH A O   1 
HETATM 1174 O  O   . HOH C 3 .   ? -3.557  -8.950  -11.768 1.00 45.50 ? 1093 HOH A O   1 
HETATM 1175 O  O   . HOH C 3 .   ? 12.251  -18.435 6.503   1.00 43.03 ? 1094 HOH A O   1 
HETATM 1176 O  O   . HOH C 3 .   ? 11.979  -21.231 8.432   1.00 48.94 ? 1095 HOH A O   1 
HETATM 1177 O  O   . HOH C 3 .   ? 17.839  8.292   -5.611  1.00 53.52 ? 1096 HOH A O   1 
HETATM 1178 O  O   . HOH C 3 .   ? 14.109  9.472   -3.567  1.00 59.28 ? 1097 HOH A O   1 
HETATM 1179 O  O   . HOH C 3 .   ? 12.140  2.091   2.799   1.00 44.10 ? 1098 HOH A O   1 
HETATM 1180 O  O   . HOH C 3 .   ? -21.246 11.654  -5.654  1.00 56.03 ? 1099 HOH A O   1 
HETATM 1181 O  O   . HOH C 3 .   ? -14.456 0.907   9.621   1.00 60.83 ? 1100 HOH A O   1 
HETATM 1182 O  O   . HOH C 3 .   ? 16.938  -9.771  8.904   1.00 58.76 ? 1101 HOH A O   1 
HETATM 1183 O  O   . HOH C 3 .   ? -7.123  -13.013 1.210   1.00 49.45 ? 1102 HOH A O   1 
HETATM 1184 O  O   . HOH C 3 .   ? -5.588  6.376   16.395  1.00 53.01 ? 1103 HOH A O   1 
HETATM 1185 O  O   . HOH C 3 .   ? 14.304  -3.891  14.256  1.00 45.32 ? 1104 HOH A O   1 
HETATM 1186 O  O   . HOH C 3 .   ? -16.450 -3.759  -10.209 1.00 54.05 ? 1105 HOH A O   1 
HETATM 1187 O  O   . HOH C 3 .   ? 9.816   -16.610 12.689  1.00 62.20 ? 1106 HOH A O   1 
HETATM 1188 O  O   . HOH C 3 .   ? -15.104 14.797  -7.289  1.00 58.31 ? 1107 HOH A O   1 
HETATM 1189 O  O   . HOH C 3 .   ? 1.370   12.617  -3.397  1.00 54.72 ? 1108 HOH A O   1 
HETATM 1190 O  O   . HOH C 3 .   ? 13.437  8.576   0.847   1.00 64.13 ? 1109 HOH A O   1 
HETATM 1191 O  O   . HOH C 3 .   ? -19.161 -3.184  -4.574  1.00 67.33 ? 1110 HOH A O   1 
HETATM 1192 O  O   . HOH C 3 .   ? -10.621 13.617  3.834   1.00 62.58 ? 1111 HOH A O   1 
HETATM 1193 O  O   . HOH C 3 .   ? -0.527  -2.977  10.767  1.00 62.79 ? 1112 HOH A O   1 
HETATM 1194 O  O   . HOH C 3 .   ? 12.238  -4.176  -7.719  1.00 54.11 ? 1113 HOH A O   1 
# 
